data_5V2D
#
_entry.id   5V2D
#
_cell.length_a   96.397
_cell.length_b   104.673
_cell.length_c   104.709
_cell.angle_alpha   90.000
_cell.angle_beta   94.790
_cell.angle_gamma   90.000
#
_symmetry.space_group_name_H-M   'P 1 21 1'
#
loop_
_entity.id
_entity.type
_entity.pdbx_description
1 polymer Dioxygenase
2 non-polymer 'FE (III) ION'
3 water water
#
_entity_poly.entity_id   1
_entity_poly.type   'polypeptide(L)'
_entity_poly.pdbx_seq_one_letter_code
;MGSSHHHHHHSSGLVPRGSHMSIPFPQTPEFSGALYKPSRIEAEVFDLEIEGVLPASIHGTFYQVAPDPQYPPMLGTDIF
FNGDGMVSGFHFANGKVSLRRRYVQTDRLLAQRREGRSLNGVYRNAFTNDSLAAKNNTTANTSVIPHNGVLLALKEDALP
WAMDLETLETLGEWTFDGQIKSATFTAHPKLDPATGNLLAFSYEAKGDGTPDLVYFELSPDGKLLHEIWFQAPYAAMVHD
FAATERYVVFPLIPLTVDVERMKNGGPHFQWQPDLPQLFAVVPRNGRAQDVRWFKGPMDGFQGHTLNAFDEDGKVYVDMP
VTGGNIFYFFPQADGHVPPPETLAACLMRWTFDLNSGRDEVEPQPLTDYPCEFPRCDDRYIGRQYAHGFLLAFDPERPYN
PANGPIPFQFFNLLVHLNLKTGLSDAWFPGDSGCFQEPIFIPRSADAEEADGYVVALLNLIAEERSELVVLDSRDMASGP
IARIRIPFRMRMSLHGCWAPG
;
_entity_poly.pdbx_strand_id   A,B,C,D
#
# COMPACT_ATOMS: atom_id res chain seq x y z
N LEU A 14 -0.70 7.76 -29.98
CA LEU A 14 -1.44 9.02 -29.52
C LEU A 14 -2.75 9.45 -30.33
N VAL A 15 -2.69 9.29 -31.66
CA VAL A 15 -3.75 9.82 -32.52
C VAL A 15 -5.08 9.17 -32.09
N PRO A 16 -5.05 7.86 -31.75
CA PRO A 16 -6.38 7.27 -31.43
C PRO A 16 -6.97 7.87 -30.11
N ARG A 17 -6.19 8.65 -29.36
CA ARG A 17 -6.71 9.29 -28.07
C ARG A 17 -7.52 10.53 -28.38
N GLY A 18 -7.45 11.02 -29.62
CA GLY A 18 -8.30 12.19 -29.93
C GLY A 18 -7.75 13.42 -29.19
N SER A 19 -8.51 14.50 -29.15
CA SER A 19 -8.04 15.78 -28.61
C SER A 19 -8.63 16.07 -27.23
N HIS A 20 -9.51 15.22 -26.73
CA HIS A 20 -10.25 15.53 -25.50
C HIS A 20 -9.54 14.85 -24.23
N MET A 21 -8.61 13.95 -24.39
CA MET A 21 -7.92 13.36 -23.21
C MET A 21 -6.76 14.23 -22.82
N SER A 22 -6.27 14.13 -21.58
CA SER A 22 -4.99 14.72 -21.24
C SER A 22 -3.93 13.88 -21.94
N ILE A 23 -2.84 14.51 -22.35
CA ILE A 23 -1.73 13.80 -22.99
C ILE A 23 -1.04 12.99 -21.94
N PRO A 24 -0.37 11.91 -22.27
CA PRO A 24 0.40 11.17 -21.31
C PRO A 24 1.58 11.98 -20.73
N PHE A 25 1.95 11.76 -19.45
CA PHE A 25 3.23 12.21 -18.96
C PHE A 25 4.40 11.56 -19.75
N PRO A 26 5.50 12.25 -19.91
CA PRO A 26 6.66 11.62 -20.49
C PRO A 26 7.14 10.44 -19.61
N GLN A 27 7.86 9.52 -20.23
CA GLN A 27 8.37 8.32 -19.58
C GLN A 27 9.87 8.51 -19.31
N THR A 28 10.24 9.71 -19.00
CA THR A 28 11.57 10.07 -18.70
C THR A 28 11.85 9.94 -17.18
N PRO A 29 13.13 10.03 -16.80
CA PRO A 29 13.49 9.90 -15.38
C PRO A 29 12.83 10.98 -14.47
N GLU A 30 12.58 12.17 -15.02
CA GLU A 30 12.00 13.30 -14.32
C GLU A 30 10.56 13.09 -14.04
N PHE A 31 9.97 12.07 -14.65
CA PHE A 31 8.58 11.69 -14.40
C PHE A 31 8.38 10.26 -13.91
N SER A 32 9.43 9.60 -13.48
CA SER A 32 9.40 8.18 -13.20
C SER A 32 9.93 7.82 -11.80
N GLY A 33 9.51 6.61 -11.34
CA GLY A 33 10.04 6.09 -10.12
C GLY A 33 9.38 6.73 -8.90
N ALA A 34 9.76 6.26 -7.73
CA ALA A 34 9.14 6.73 -6.51
C ALA A 34 9.41 8.21 -6.26
N LEU A 35 10.55 8.69 -6.60
CA LEU A 35 10.87 10.09 -6.35
C LEU A 35 10.09 11.06 -7.32
N TYR A 36 10.01 10.73 -8.60
CA TYR A 36 9.59 11.70 -9.61
C TYR A 36 8.29 11.44 -10.33
N LYS A 37 7.65 10.31 -10.08
CA LYS A 37 6.38 10.13 -10.63
C LYS A 37 5.46 11.23 -10.09
N PRO A 38 4.59 11.75 -10.93
CA PRO A 38 3.68 12.85 -10.46
C PRO A 38 2.76 12.34 -9.39
N SER A 39 2.39 13.19 -8.46
CA SER A 39 1.43 12.82 -7.38
C SER A 39 0.13 13.58 -7.60
N ARG A 40 0.19 14.89 -7.42
CA ARG A 40 -0.90 15.84 -7.70
C ARG A 40 -1.99 15.68 -6.67
N ILE A 41 -1.64 15.10 -5.51
CA ILE A 41 -2.67 14.89 -4.49
C ILE A 41 -2.69 16.13 -3.57
N GLU A 42 -3.82 16.80 -3.53
CA GLU A 42 -4.15 17.79 -2.54
C GLU A 42 -4.95 17.05 -1.50
N ALA A 43 -4.52 17.10 -0.25
CA ALA A 43 -5.07 16.18 0.76
C ALA A 43 -5.14 16.76 2.14
N GLU A 44 -5.98 16.13 2.94
CA GLU A 44 -6.03 16.39 4.38
C GLU A 44 -6.03 14.99 5.06
N VAL A 45 -5.07 14.72 5.92
CA VAL A 45 -5.09 13.50 6.75
C VAL A 45 -5.08 13.95 8.21
N PHE A 46 -6.18 13.70 8.91
CA PHE A 46 -6.47 14.35 10.19
C PHE A 46 -5.53 13.83 11.32
N ASP A 47 -5.12 12.58 11.20
CA ASP A 47 -4.26 11.98 12.21
C ASP A 47 -3.41 10.91 11.58
N LEU A 48 -2.11 10.98 11.85
CA LEU A 48 -1.17 10.08 11.20
C LEU A 48 -0.75 9.00 12.19
N GLU A 49 -0.63 7.78 11.72
CA GLU A 49 -0.11 6.64 12.51
C GLU A 49 1.35 6.87 12.83
N ILE A 50 1.77 6.58 14.06
CA ILE A 50 3.13 6.76 14.48
C ILE A 50 3.69 5.47 15.07
N GLU A 51 4.81 4.98 14.58
CA GLU A 51 5.53 3.85 15.12
C GLU A 51 6.57 4.48 16.01
N GLY A 52 6.75 3.91 17.22
CA GLY A 52 7.77 4.43 18.14
C GLY A 52 7.10 5.41 19.06
N VAL A 53 7.76 6.46 19.50
CA VAL A 53 7.22 7.42 20.46
C VAL A 53 7.61 8.81 20.07
N LEU A 54 6.61 9.62 19.73
CA LEU A 54 6.87 10.98 19.34
C LEU A 54 6.90 11.83 20.52
N PRO A 55 7.98 12.59 20.74
CA PRO A 55 7.99 13.46 21.94
C PRO A 55 6.84 14.40 21.95
N ALA A 56 6.13 14.41 23.08
CA ALA A 56 4.96 15.22 23.23
C ALA A 56 5.23 16.69 23.27
N SER A 57 6.45 17.07 23.51
CA SER A 57 6.72 18.51 23.63
C SER A 57 6.94 19.15 22.25
N ILE A 58 7.11 18.40 21.18
CA ILE A 58 7.29 19.01 19.84
C ILE A 58 5.99 19.67 19.42
N HIS A 59 6.07 20.96 19.15
CA HIS A 59 4.86 21.74 18.87
C HIS A 59 5.17 22.76 17.80
N GLY A 60 4.51 22.59 16.66
CA GLY A 60 4.65 23.54 15.50
C GLY A 60 4.37 22.80 14.21
N THR A 61 4.78 23.42 13.11
CA THR A 61 4.44 22.89 11.78
C THR A 61 5.71 22.82 10.92
N PHE A 62 5.88 21.67 10.29
CA PHE A 62 6.94 21.45 9.31
C PHE A 62 6.29 21.73 7.94
N TYR A 63 6.66 22.82 7.29
CA TYR A 63 6.17 23.12 5.95
C TYR A 63 7.24 22.69 4.96
N GLN A 64 6.81 22.17 3.84
CA GLN A 64 7.74 21.82 2.77
C GLN A 64 7.05 22.10 1.41
N VAL A 65 7.81 22.48 0.40
CA VAL A 65 7.20 22.61 -0.94
C VAL A 65 7.87 21.66 -1.90
N ALA A 66 7.05 21.01 -2.71
CA ALA A 66 7.48 20.16 -3.77
C ALA A 66 6.97 20.65 -5.14
N PRO A 67 7.84 20.64 -6.13
CA PRO A 67 7.35 20.69 -7.49
C PRO A 67 6.49 19.47 -7.77
N ASP A 68 5.31 19.65 -8.32
CA ASP A 68 4.42 18.54 -8.57
C ASP A 68 3.47 18.94 -9.73
N PRO A 69 3.88 18.70 -10.96
CA PRO A 69 3.16 19.34 -12.13
C PRO A 69 1.76 18.94 -12.25
N GLN A 70 0.85 19.93 -12.35
CA GLN A 70 -0.55 19.66 -12.42
C GLN A 70 -0.87 18.91 -13.71
N TYR A 71 -0.22 19.27 -14.79
CA TYR A 71 -0.43 18.59 -16.08
C TYR A 71 0.83 18.09 -16.73
N PRO A 72 0.72 17.13 -17.63
CA PRO A 72 1.89 16.81 -18.43
C PRO A 72 2.43 18.01 -19.22
N PRO A 73 3.74 18.18 -19.28
CA PRO A 73 4.24 19.43 -19.90
C PRO A 73 3.88 19.50 -21.39
N MET A 74 3.48 20.68 -21.82
CA MET A 74 3.03 20.95 -23.20
C MET A 74 4.11 20.46 -24.23
N LEU A 75 5.38 20.66 -23.94
CA LEU A 75 6.45 20.24 -24.86
C LEU A 75 6.85 18.74 -24.81
N GLY A 76 6.23 17.95 -23.94
CA GLY A 76 6.51 16.54 -23.90
C GLY A 76 7.75 16.20 -23.16
N THR A 77 8.38 17.21 -22.54
CA THR A 77 9.53 16.99 -21.72
C THR A 77 9.63 18.16 -20.72
N ASP A 78 10.28 17.96 -19.55
CA ASP A 78 10.49 19.04 -18.62
C ASP A 78 11.42 18.65 -17.54
N ILE A 79 11.77 19.59 -16.67
CA ILE A 79 12.74 19.34 -15.60
C ILE A 79 12.00 19.41 -14.27
N PHE A 80 12.59 18.76 -13.27
CA PHE A 80 11.93 18.69 -11.95
C PHE A 80 11.69 20.05 -11.35
N PHE A 81 12.61 20.97 -11.54
CA PHE A 81 12.52 22.32 -10.99
C PHE A 81 11.35 23.15 -11.57
N ASN A 82 10.65 22.63 -12.57
CA ASN A 82 9.61 23.41 -13.24
C ASN A 82 8.16 23.08 -12.81
N GLY A 83 7.99 22.22 -11.83
CA GLY A 83 6.66 21.73 -11.49
C GLY A 83 5.92 22.71 -10.57
N ASP A 84 4.62 22.79 -10.73
CA ASP A 84 3.75 23.63 -9.86
C ASP A 84 4.05 23.35 -8.38
N GLY A 85 4.17 24.41 -7.59
CA GLY A 85 4.43 24.25 -6.16
C GLY A 85 3.28 23.67 -5.37
N MET A 86 3.56 22.56 -4.67
CA MET A 86 2.65 21.87 -3.81
C MET A 86 3.19 21.90 -2.38
N VAL A 87 2.48 22.60 -1.47
CA VAL A 87 2.98 22.80 -0.13
C VAL A 87 2.33 21.79 0.79
N SER A 88 3.17 21.18 1.63
CA SER A 88 2.66 20.27 2.69
C SER A 88 2.95 20.94 4.02
N GLY A 89 2.01 20.79 4.97
CA GLY A 89 2.21 21.20 6.36
C GLY A 89 1.90 20.03 7.27
N PHE A 90 2.91 19.52 8.00
CA PHE A 90 2.75 18.52 9.01
C PHE A 90 2.67 19.26 10.34
N HIS A 91 1.50 19.26 10.98
CA HIS A 91 1.33 19.98 12.20
C HIS A 91 1.47 19.01 13.42
N PHE A 92 2.41 19.31 14.31
CA PHE A 92 2.76 18.50 15.46
C PHE A 92 2.11 19.18 16.70
N ALA A 93 1.30 18.42 17.42
CA ALA A 93 0.81 18.97 18.70
C ALA A 93 0.57 17.84 19.66
N ASN A 94 1.21 17.93 20.81
CA ASN A 94 0.96 16.93 21.87
C ASN A 94 1.05 15.45 21.48
N GLY A 95 2.02 15.06 20.65
CA GLY A 95 2.15 13.69 20.24
C GLY A 95 1.34 13.23 19.06
N LYS A 96 0.58 14.15 18.45
CA LYS A 96 -0.23 13.84 17.27
C LYS A 96 0.24 14.70 16.08
N VAL A 97 0.17 14.07 14.91
CA VAL A 97 0.61 14.78 13.68
C VAL A 97 -0.54 14.70 12.67
N SER A 98 -0.83 15.83 12.07
CA SER A 98 -1.77 15.89 10.94
C SER A 98 -1.08 16.47 9.68
N LEU A 99 -1.71 16.28 8.52
CA LEU A 99 -1.08 16.71 7.26
C LEU A 99 -2.14 17.42 6.42
N ARG A 100 -1.73 18.55 5.88
CA ARG A 100 -2.43 19.19 4.77
C ARG A 100 -1.48 19.43 3.64
N ARG A 101 -1.96 19.21 2.40
CA ARG A 101 -1.12 19.34 1.22
C ARG A 101 -1.98 20.06 0.17
N ARG A 102 -1.51 21.17 -0.33
CA ARG A 102 -2.28 22.02 -1.27
CA ARG A 102 -2.27 22.02 -1.27
C ARG A 102 -1.34 22.68 -2.29
N TYR A 103 -1.87 22.88 -3.49
CA TYR A 103 -1.18 23.62 -4.53
C TYR A 103 -1.20 25.08 -4.19
N VAL A 104 -0.09 25.75 -4.46
CA VAL A 104 -0.11 27.22 -4.54
C VAL A 104 -0.96 27.63 -5.76
N GLN A 105 -2.00 28.42 -5.54
CA GLN A 105 -2.87 28.82 -6.66
C GLN A 105 -2.27 30.04 -7.37
N THR A 106 -1.17 29.79 -8.03
CA THR A 106 -0.50 30.76 -8.87
C THR A 106 -1.38 31.11 -10.08
N ASP A 107 -1.12 32.27 -10.67
CA ASP A 107 -1.81 32.60 -11.90
C ASP A 107 -1.50 31.49 -12.97
N ARG A 108 -0.28 30.99 -12.99
CA ARG A 108 0.14 29.98 -13.95
C ARG A 108 -0.70 28.70 -13.81
N LEU A 109 -0.81 28.23 -12.58
CA LEU A 109 -1.64 27.07 -12.31
C LEU A 109 -3.10 27.30 -12.72
N LEU A 110 -3.65 28.43 -12.33
CA LEU A 110 -5.07 28.65 -12.59
C LEU A 110 -5.34 28.80 -14.08
N ALA A 111 -4.39 29.34 -14.84
CA ALA A 111 -4.58 29.41 -16.28
C ALA A 111 -4.58 27.98 -16.89
N GLN A 112 -3.67 27.14 -16.42
CA GLN A 112 -3.64 25.75 -16.92
C GLN A 112 -4.89 25.03 -16.56
N ARG A 113 -5.40 25.22 -15.34
CA ARG A 113 -6.65 24.60 -14.96
C ARG A 113 -7.85 25.13 -15.81
N ARG A 114 -7.81 26.38 -16.17
CA ARG A 114 -8.85 26.96 -17.03
C ARG A 114 -8.85 26.30 -18.40
N GLU A 115 -7.70 26.07 -18.99
CA GLU A 115 -7.63 25.41 -20.25
C GLU A 115 -7.60 23.90 -20.19
N GLY A 116 -7.34 23.29 -19.03
CA GLY A 116 -7.32 21.86 -18.97
C GLY A 116 -6.05 21.25 -19.48
N ARG A 117 -4.94 21.99 -19.50
CA ARG A 117 -3.66 21.46 -20.03
C ARG A 117 -2.51 22.38 -19.66
N SER A 118 -1.30 21.90 -19.87
CA SER A 118 -0.12 22.67 -19.68
C SER A 118 -0.05 23.74 -20.78
N LEU A 119 0.32 24.95 -20.38
CA LEU A 119 0.46 26.11 -21.25
C LEU A 119 1.87 26.66 -21.23
N ASN A 120 2.79 25.98 -20.55
CA ASN A 120 4.06 26.53 -20.26
C ASN A 120 5.18 25.63 -20.85
N GLY A 121 6.18 26.27 -21.43
CA GLY A 121 7.23 25.64 -22.15
C GLY A 121 8.49 25.42 -21.34
N VAL A 122 9.59 25.89 -21.91
CA VAL A 122 10.91 25.67 -21.39
C VAL A 122 11.06 26.41 -20.08
N TYR A 123 11.74 25.78 -19.12
CA TYR A 123 12.00 26.35 -17.78
C TYR A 123 12.50 27.78 -17.88
N ARG A 124 11.76 28.68 -17.24
CA ARG A 124 12.14 30.11 -17.10
C ARG A 124 12.34 30.76 -18.47
N ASN A 125 11.60 30.26 -19.47
CA ASN A 125 11.66 30.87 -20.78
C ASN A 125 10.21 31.06 -21.27
N ALA A 126 9.68 32.19 -20.88
CA ALA A 126 8.26 32.47 -21.24
C ALA A 126 8.05 32.70 -22.74
N PHE A 127 9.12 32.97 -23.51
CA PHE A 127 8.94 33.02 -24.97
C PHE A 127 8.47 31.71 -25.55
N THR A 128 8.58 30.57 -24.86
CA THR A 128 8.13 29.31 -25.37
C THR A 128 6.79 28.91 -24.80
N ASN A 129 6.12 29.80 -24.03
CA ASN A 129 4.80 29.45 -23.51
C ASN A 129 3.73 29.50 -24.60
N ASP A 130 2.62 28.84 -24.37
CA ASP A 130 1.37 29.06 -25.17
C ASP A 130 0.92 30.47 -24.89
N SER A 131 0.27 31.09 -25.87
CA SER A 131 -0.18 32.49 -25.70
C SER A 131 -1.30 32.57 -24.67
N LEU A 132 -1.96 31.49 -24.31
CA LEU A 132 -2.94 31.50 -23.23
C LEU A 132 -2.35 31.33 -21.78
N ALA A 133 -1.05 31.07 -21.66
CA ALA A 133 -0.41 30.96 -20.37
C ALA A 133 -0.54 32.27 -19.63
N ALA A 134 -0.57 32.21 -18.32
CA ALA A 134 -0.53 33.43 -17.51
C ALA A 134 0.71 34.19 -17.80
N LYS A 135 0.65 35.50 -17.64
CA LYS A 135 1.81 36.38 -17.79
C LYS A 135 2.85 36.14 -16.75
N ASN A 136 2.42 35.88 -15.52
CA ASN A 136 3.36 35.54 -14.43
C ASN A 136 3.72 34.05 -14.63
N ASN A 137 4.96 33.80 -14.94
CA ASN A 137 5.48 32.42 -15.22
C ASN A 137 5.81 31.60 -13.97
N THR A 138 5.69 32.16 -12.76
CA THR A 138 6.17 31.48 -11.57
C THR A 138 5.33 30.29 -11.16
N THR A 139 5.99 29.30 -10.59
CA THR A 139 5.34 28.17 -9.91
C THR A 139 5.45 28.14 -8.39
N ALA A 140 6.18 29.09 -7.78
CA ALA A 140 6.27 29.25 -6.33
C ALA A 140 6.63 27.90 -5.68
N ASN A 141 7.62 27.20 -6.24
CA ASN A 141 7.87 25.79 -5.97
C ASN A 141 9.12 25.40 -5.19
N THR A 142 9.89 26.39 -4.71
CA THR A 142 11.25 26.11 -4.25
C THR A 142 11.45 26.13 -2.78
N SER A 143 10.90 27.14 -2.09
CA SER A 143 10.99 27.18 -0.63
C SER A 143 9.75 27.72 -0.02
N VAL A 144 9.66 27.54 1.30
CA VAL A 144 8.61 28.12 2.10
C VAL A 144 9.21 28.71 3.34
N ILE A 145 8.68 29.84 3.81
CA ILE A 145 9.13 30.43 5.06
C ILE A 145 8.01 31.24 5.68
N PRO A 146 7.85 31.18 7.02
CA PRO A 146 6.86 32.06 7.67
C PRO A 146 7.37 33.49 7.73
N HIS A 147 6.50 34.44 7.44
CA HIS A 147 6.87 35.87 7.53
C HIS A 147 5.60 36.71 7.68
N ASN A 148 5.59 37.55 8.73
CA ASN A 148 4.54 38.56 8.93
C ASN A 148 3.15 37.98 8.82
N GLY A 149 2.93 36.87 9.48
CA GLY A 149 1.62 36.30 9.62
C GLY A 149 1.12 35.43 8.48
N VAL A 150 1.97 35.25 7.46
CA VAL A 150 1.68 34.32 6.38
C VAL A 150 2.82 33.33 6.15
N LEU A 151 2.52 32.30 5.34
CA LEU A 151 3.57 31.44 4.77
C LEU A 151 3.89 31.96 3.35
N LEU A 152 5.18 32.20 3.09
CA LEU A 152 5.62 32.60 1.75
C LEU A 152 6.10 31.36 1.01
N ALA A 153 5.55 31.13 -0.14
CA ALA A 153 6.02 30.12 -1.09
C ALA A 153 6.79 30.86 -2.16
N LEU A 154 8.05 30.49 -2.30
CA LEU A 154 9.01 31.29 -3.03
C LEU A 154 9.59 30.54 -4.25
N LYS A 155 9.90 31.33 -5.27
CA LYS A 155 10.68 30.88 -6.35
C LYS A 155 11.37 32.11 -6.99
N GLU A 156 12.62 31.92 -7.33
CA GLU A 156 13.55 33.03 -7.56
C GLU A 156 13.32 33.80 -8.86
N ASP A 157 12.33 33.43 -9.64
CA ASP A 157 11.96 34.15 -10.89
C ASP A 157 10.88 35.18 -10.68
N ALA A 158 10.38 35.35 -9.44
CA ALA A 158 9.25 36.22 -9.21
C ALA A 158 9.12 36.54 -7.72
N LEU A 159 8.16 37.40 -7.41
CA LEU A 159 7.78 37.64 -6.04
C LEU A 159 7.10 36.40 -5.49
N PRO A 160 7.10 36.23 -4.18
CA PRO A 160 6.54 35.05 -3.58
C PRO A 160 5.05 35.11 -3.51
N TRP A 161 4.43 33.97 -3.19
CA TRP A 161 3.00 33.83 -3.06
C TRP A 161 2.68 33.51 -1.58
N ALA A 162 1.73 34.25 -1.01
CA ALA A 162 1.35 34.02 0.38
C ALA A 162 0.27 32.99 0.51
N MET A 163 0.39 32.22 1.57
CA MET A 163 -0.56 31.25 1.97
C MET A 163 -0.93 31.37 3.44
N ASP A 164 -2.14 30.90 3.76
CA ASP A 164 -2.60 30.91 5.16
C ASP A 164 -1.78 29.84 5.92
N LEU A 165 -1.21 30.21 7.04
CA LEU A 165 -0.37 29.29 7.84
C LEU A 165 -1.12 28.01 8.31
N GLU A 166 -2.44 28.08 8.54
CA GLU A 166 -3.18 26.92 9.01
C GLU A 166 -3.80 26.15 7.88
N THR A 167 -4.52 26.80 6.97
CA THR A 167 -5.27 26.09 5.95
C THR A 167 -4.49 25.87 4.64
N LEU A 168 -3.43 26.61 4.44
CA LEU A 168 -2.67 26.62 3.14
C LEU A 168 -3.52 27.14 1.97
N GLU A 169 -4.59 27.90 2.30
CA GLU A 169 -5.32 28.67 1.29
C GLU A 169 -4.32 29.70 0.68
N THR A 170 -4.35 29.86 -0.64
CA THR A 170 -3.54 30.87 -1.30
C THR A 170 -4.14 32.26 -1.10
N LEU A 171 -3.34 33.18 -0.62
CA LEU A 171 -3.74 34.59 -0.41
C LEU A 171 -3.41 35.48 -1.56
N GLY A 172 -2.43 35.16 -2.38
CA GLY A 172 -2.13 35.98 -3.59
C GLY A 172 -0.64 36.25 -3.60
N GLU A 173 -0.20 36.91 -4.64
CA GLU A 173 1.16 37.35 -4.75
C GLU A 173 1.44 38.28 -3.58
N TRP A 174 2.58 38.11 -2.96
CA TRP A 174 2.98 38.98 -1.85
C TRP A 174 3.96 40.02 -2.32
N THR A 175 3.56 41.28 -2.24
CA THR A 175 4.42 42.41 -2.73
C THR A 175 5.17 43.10 -1.60
N PHE A 176 5.02 42.63 -0.39
CA PHE A 176 5.58 43.26 0.84
C PHE A 176 5.06 44.71 0.93
N ASP A 177 3.77 44.84 0.88
CA ASP A 177 3.09 46.17 0.91
C ASP A 177 3.63 47.16 -0.11
N GLY A 178 3.93 46.67 -1.32
CA GLY A 178 4.49 47.46 -2.38
C GLY A 178 5.90 47.91 -2.24
N GLN A 179 6.67 47.45 -1.26
CA GLN A 179 8.02 47.98 -1.03
C GLN A 179 9.11 47.38 -1.88
N ILE A 180 8.88 46.21 -2.47
CA ILE A 180 9.96 45.47 -3.17
C ILE A 180 9.78 45.80 -4.63
N LYS A 181 10.77 46.40 -5.26
CA LYS A 181 10.62 46.86 -6.61
C LYS A 181 11.45 46.03 -7.59
N SER A 182 12.12 44.97 -7.17
CA SER A 182 12.83 44.11 -8.09
C SER A 182 11.82 43.28 -8.83
N ALA A 183 12.26 42.76 -9.96
CA ALA A 183 11.42 41.87 -10.77
C ALA A 183 11.32 40.49 -10.13
N THR A 184 12.26 40.11 -9.27
CA THR A 184 12.31 38.76 -8.66
C THR A 184 12.57 38.85 -7.16
N PHE A 185 12.45 37.72 -6.48
CA PHE A 185 12.80 37.63 -5.05
C PHE A 185 13.33 36.25 -4.79
N THR A 186 14.39 36.12 -4.02
CA THR A 186 15.05 34.82 -3.82
C THR A 186 14.12 33.78 -3.25
N ALA A 187 14.43 32.52 -3.52
CA ALA A 187 13.80 31.43 -2.77
C ALA A 187 14.69 31.01 -1.58
N HIS A 188 15.80 31.69 -1.31
CA HIS A 188 16.62 31.39 -0.16
C HIS A 188 16.79 32.55 0.83
N PRO A 189 15.69 33.16 1.27
CA PRO A 189 15.79 34.13 2.31
C PRO A 189 16.17 33.47 3.61
N LYS A 190 16.71 34.24 4.53
CA LYS A 190 17.06 33.71 5.87
C LYS A 190 16.31 34.52 6.92
N LEU A 191 16.02 33.92 8.04
CA LEU A 191 15.54 34.66 9.27
C LEU A 191 16.66 34.90 10.23
N ASP A 192 16.85 36.15 10.55
CA ASP A 192 17.89 36.57 11.50
C ASP A 192 17.42 36.12 12.88
N PRO A 193 18.20 35.30 13.56
CA PRO A 193 17.69 34.80 14.81
C PRO A 193 17.65 35.85 15.92
N ALA A 194 18.36 36.94 15.82
CA ALA A 194 18.35 37.93 16.93
C ALA A 194 17.14 38.86 16.84
N THR A 195 16.75 39.26 15.61
CA THR A 195 15.69 40.23 15.35
C THR A 195 14.42 39.65 14.75
N GLY A 196 14.50 38.45 14.16
CA GLY A 196 13.43 37.91 13.33
C GLY A 196 13.30 38.61 11.97
N ASN A 197 14.26 39.48 11.60
CA ASN A 197 14.24 40.12 10.29
C ASN A 197 14.35 39.04 9.18
N LEU A 198 13.74 39.36 8.04
CA LEU A 198 13.84 38.55 6.82
C LEU A 198 14.92 39.14 6.00
N LEU A 199 15.94 38.35 5.74
CA LEU A 199 17.09 38.76 4.97
C LEU A 199 16.95 38.10 3.60
N ALA A 200 16.92 38.89 2.53
CA ALA A 200 16.62 38.38 1.24
C ALA A 200 17.39 39.14 0.15
N PHE A 201 17.20 38.75 -1.09
CA PHE A 201 17.90 39.38 -2.19
C PHE A 201 17.18 39.07 -3.49
N SER A 202 17.63 39.70 -4.58
CA SER A 202 17.10 39.45 -5.93
C SER A 202 18.25 39.49 -6.96
N TYR A 203 18.29 38.55 -7.90
CA TYR A 203 19.16 38.66 -9.06
C TYR A 203 18.26 38.73 -10.32
N GLU A 204 18.84 39.11 -11.45
CA GLU A 204 18.08 39.56 -12.61
C GLU A 204 17.00 40.53 -12.19
N ALA A 205 17.41 41.45 -11.34
CA ALA A 205 16.46 42.23 -10.54
C ALA A 205 15.72 43.28 -11.35
N LYS A 206 16.20 43.58 -12.57
CA LYS A 206 15.41 44.46 -13.45
C LYS A 206 14.95 43.79 -14.71
N GLY A 207 14.80 42.48 -14.69
CA GLY A 207 14.32 41.76 -15.89
C GLY A 207 15.32 40.80 -16.43
N ASP A 208 14.89 40.07 -17.47
CA ASP A 208 15.67 38.96 -18.02
C ASP A 208 17.05 39.38 -18.40
N GLY A 209 18.06 38.67 -17.94
CA GLY A 209 19.41 38.97 -18.39
C GLY A 209 20.04 40.18 -17.76
N THR A 210 19.36 40.89 -16.87
CA THR A 210 19.98 42.04 -16.24
C THR A 210 21.03 41.64 -15.18
N PRO A 211 22.10 42.43 -15.05
CA PRO A 211 23.13 42.19 -14.07
C PRO A 211 22.83 42.77 -12.67
N ASP A 212 21.65 43.36 -12.47
CA ASP A 212 21.34 43.99 -11.23
C ASP A 212 21.12 42.94 -10.10
N LEU A 213 21.68 43.26 -8.95
CA LEU A 213 21.58 42.47 -7.72
C LEU A 213 21.10 43.38 -6.65
N VAL A 214 20.27 42.91 -5.74
CA VAL A 214 19.78 43.74 -4.63
C VAL A 214 19.75 42.94 -3.37
N TYR A 215 20.23 43.51 -2.25
CA TYR A 215 19.98 42.97 -0.91
C TYR A 215 18.79 43.68 -0.27
N PHE A 216 17.92 42.94 0.40
CA PHE A 216 16.79 43.44 1.15
C PHE A 216 16.80 42.95 2.59
N GLU A 217 16.45 43.86 3.53
CA GLU A 217 16.27 43.49 4.90
C GLU A 217 14.94 44.00 5.39
N LEU A 218 14.08 43.07 5.85
CA LEU A 218 12.74 43.34 6.32
C LEU A 218 12.53 43.00 7.78
N SER A 219 11.75 43.84 8.47
CA SER A 219 11.42 43.63 9.83
C SER A 219 10.44 42.53 9.93
N PRO A 220 10.30 41.95 11.13
CA PRO A 220 9.30 40.83 11.27
C PRO A 220 7.86 41.22 10.98
N ASP A 221 7.55 42.49 11.07
N ASP A 221 7.55 42.49 11.08
CA ASP A 221 6.23 43.02 10.72
CA ASP A 221 6.23 43.04 10.72
C ASP A 221 6.18 43.59 9.31
C ASP A 221 6.18 43.59 9.31
N GLY A 222 7.19 43.31 8.48
CA GLY A 222 7.07 43.56 7.04
C GLY A 222 7.58 44.87 6.52
N LYS A 223 8.30 45.58 7.34
CA LYS A 223 8.77 46.88 6.95
C LYS A 223 10.12 46.76 6.30
N LEU A 224 10.31 47.40 5.15
CA LEU A 224 11.63 47.39 4.49
C LEU A 224 12.59 48.28 5.21
N LEU A 225 13.63 47.70 5.83
CA LEU A 225 14.58 48.47 6.62
C LEU A 225 15.77 48.96 5.85
N HIS A 226 16.17 48.26 4.78
CA HIS A 226 17.37 48.62 4.07
C HIS A 226 17.35 47.84 2.74
N GLU A 227 17.88 48.44 1.71
CA GLU A 227 18.09 47.79 0.45
C GLU A 227 19.41 48.27 -0.14
N ILE A 228 20.09 47.42 -0.88
CA ILE A 228 21.36 47.76 -1.50
C ILE A 228 21.29 47.26 -2.92
N TRP A 229 21.17 48.18 -3.87
CA TRP A 229 21.16 47.83 -5.31
C TRP A 229 22.56 47.98 -5.85
N PHE A 230 23.04 47.01 -6.61
CA PHE A 230 24.33 47.14 -7.28
C PHE A 230 24.32 46.27 -8.51
N GLN A 231 25.45 46.15 -9.20
CA GLN A 231 25.49 45.38 -10.41
C GLN A 231 26.63 44.40 -10.43
N ALA A 232 26.34 43.22 -10.93
CA ALA A 232 27.36 42.22 -11.19
C ALA A 232 27.99 42.53 -12.54
N PRO A 233 29.14 41.92 -12.84
CA PRO A 233 29.78 42.12 -14.14
C PRO A 233 29.08 41.37 -15.24
N TYR A 234 28.15 40.46 -14.95
CA TYR A 234 27.36 39.79 -15.94
C TYR A 234 26.17 39.16 -15.17
N ALA A 235 25.12 38.77 -15.87
CA ALA A 235 23.95 38.11 -15.28
C ALA A 235 24.24 36.65 -15.06
N ALA A 236 24.15 36.21 -13.80
CA ALA A 236 24.38 34.85 -13.45
C ALA A 236 23.45 34.38 -12.36
N MET A 237 23.33 33.06 -12.26
CA MET A 237 22.45 32.47 -11.20
C MET A 237 23.03 32.80 -9.83
N VAL A 238 22.19 33.36 -8.96
CA VAL A 238 22.50 33.47 -7.54
C VAL A 238 21.38 32.75 -6.82
N HIS A 239 21.63 31.46 -6.54
CA HIS A 239 20.55 30.62 -6.00
C HIS A 239 20.34 30.88 -4.50
N ASP A 240 21.44 30.78 -3.74
CA ASP A 240 21.43 30.90 -2.30
C ASP A 240 22.37 32.04 -1.96
N PHE A 241 22.39 32.47 -0.72
CA PHE A 241 23.34 33.51 -0.28
C PHE A 241 23.68 33.28 1.17
N ALA A 242 24.52 34.13 1.71
CA ALA A 242 24.94 34.01 3.10
C ALA A 242 24.79 35.37 3.74
N ALA A 243 24.23 35.37 4.93
CA ALA A 243 24.07 36.60 5.70
C ALA A 243 24.71 36.38 7.06
N THR A 244 25.56 37.31 7.45
CA THR A 244 26.23 37.21 8.73
C THR A 244 25.77 38.38 9.56
N GLU A 245 26.38 38.56 10.72
CA GLU A 245 25.99 39.73 11.57
C GLU A 245 26.28 41.01 10.86
N ARG A 246 27.39 41.10 10.16
CA ARG A 246 27.79 42.33 9.52
C ARG A 246 27.88 42.33 8.01
N TYR A 247 27.78 41.16 7.35
CA TYR A 247 28.00 41.09 5.91
C TYR A 247 26.95 40.22 5.23
N VAL A 248 26.85 40.41 3.92
CA VAL A 248 26.05 39.58 3.03
C VAL A 248 27.00 39.13 1.92
N VAL A 249 26.89 37.88 1.46
CA VAL A 249 27.69 37.32 0.40
C VAL A 249 26.77 36.72 -0.68
N PHE A 250 26.97 37.13 -1.92
CA PHE A 250 26.21 36.62 -3.09
C PHE A 250 27.17 35.70 -3.89
N PRO A 251 26.89 34.42 -3.92
CA PRO A 251 27.70 33.51 -4.76
C PRO A 251 27.11 33.47 -6.17
N LEU A 252 27.83 33.97 -7.16
CA LEU A 252 27.42 33.89 -8.55
C LEU A 252 27.95 32.60 -9.14
N ILE A 253 27.03 31.71 -9.42
CA ILE A 253 27.31 30.43 -10.04
C ILE A 253 27.61 30.68 -11.55
N PRO A 254 28.59 29.97 -12.15
CA PRO A 254 28.91 30.21 -13.56
C PRO A 254 27.87 29.71 -14.58
N LEU A 255 26.61 30.01 -14.33
CA LEU A 255 25.50 29.75 -15.21
C LEU A 255 25.03 31.12 -15.67
N THR A 256 25.21 31.46 -16.95
CA THR A 256 24.91 32.82 -17.45
C THR A 256 23.69 32.88 -18.31
N VAL A 257 23.13 34.07 -18.42
CA VAL A 257 21.87 34.25 -19.12
C VAL A 257 22.13 34.95 -20.44
N ASP A 258 21.43 34.52 -21.49
CA ASP A 258 21.41 35.22 -22.79
C ASP A 258 19.96 35.31 -23.34
N VAL A 259 19.42 36.50 -23.35
CA VAL A 259 18.02 36.70 -23.76
C VAL A 259 17.77 36.31 -25.24
N GLU A 260 18.78 36.53 -26.09
CA GLU A 260 18.63 36.15 -27.50
C GLU A 260 18.51 34.66 -27.64
N ARG A 261 19.33 33.91 -26.91
CA ARG A 261 19.21 32.45 -26.92
C ARG A 261 17.78 32.04 -26.49
N MET A 262 17.26 32.70 -25.45
CA MET A 262 15.91 32.41 -24.98
C MET A 262 14.83 32.75 -26.03
N LYS A 263 14.95 33.90 -26.69
CA LYS A 263 14.01 34.25 -27.78
C LYS A 263 14.00 33.21 -28.87
N ASN A 264 15.12 32.53 -29.07
CA ASN A 264 15.22 31.41 -30.02
C ASN A 264 14.87 30.07 -29.46
N GLY A 265 14.28 30.02 -28.24
CA GLY A 265 13.77 28.77 -27.73
C GLY A 265 14.72 28.04 -26.84
N GLY A 266 15.90 28.60 -26.60
CA GLY A 266 16.92 27.90 -25.85
C GLY A 266 16.81 28.10 -24.31
N PRO A 267 17.71 27.45 -23.56
CA PRO A 267 17.64 27.50 -22.10
C PRO A 267 17.93 28.87 -21.51
N HIS A 268 17.34 29.14 -20.34
CA HIS A 268 17.57 30.41 -19.64
C HIS A 268 19.04 30.59 -19.25
N PHE A 269 19.66 29.54 -18.78
CA PHE A 269 21.05 29.56 -18.35
C PHE A 269 21.93 28.62 -19.21
N GLN A 270 23.21 28.93 -19.23
CA GLN A 270 24.22 28.09 -19.86
C GLN A 270 25.50 28.04 -19.02
N TRP A 271 25.99 26.86 -18.76
CA TRP A 271 27.25 26.70 -18.02
C TRP A 271 28.45 27.21 -18.82
N GLN A 272 29.32 27.93 -18.12
CA GLN A 272 30.55 28.52 -18.66
C GLN A 272 31.68 27.85 -17.89
N PRO A 273 32.40 26.90 -18.52
CA PRO A 273 33.43 26.16 -17.80
C PRO A 273 34.75 26.91 -17.51
N ASP A 274 34.89 28.11 -18.01
CA ASP A 274 36.12 28.88 -17.92
C ASP A 274 35.83 30.24 -17.26
N LEU A 275 34.83 30.27 -16.40
CA LEU A 275 34.41 31.49 -15.68
C LEU A 275 34.61 31.23 -14.19
N PRO A 276 35.40 32.05 -13.53
CA PRO A 276 35.57 31.85 -12.09
C PRO A 276 34.21 31.94 -11.31
N GLN A 277 34.08 31.09 -10.33
CA GLN A 277 33.09 31.29 -9.26
C GLN A 277 33.34 32.70 -8.76
N LEU A 278 32.31 33.48 -8.61
CA LEU A 278 32.47 34.87 -8.18
C LEU A 278 31.63 35.08 -6.90
N PHE A 279 32.09 35.93 -5.99
CA PHE A 279 31.37 36.26 -4.76
C PHE A 279 31.38 37.77 -4.56
N ALA A 280 30.22 38.36 -4.36
CA ALA A 280 30.12 39.75 -3.91
C ALA A 280 29.92 39.78 -2.41
N VAL A 281 30.71 40.56 -1.70
CA VAL A 281 30.64 40.64 -0.25
C VAL A 281 30.42 42.10 0.09
N VAL A 282 29.35 42.38 0.82
CA VAL A 282 29.00 43.73 1.10
C VAL A 282 28.54 43.88 2.54
N PRO A 283 28.85 45.01 3.17
CA PRO A 283 28.27 45.18 4.52
C PRO A 283 26.78 45.20 4.51
N ARG A 284 26.22 44.59 5.55
CA ARG A 284 24.82 44.39 5.66
C ARG A 284 24.04 45.69 5.75
N ASN A 285 24.67 46.73 6.29
CA ASN A 285 24.06 48.05 6.37
C ASN A 285 24.75 49.04 5.43
N GLY A 286 25.37 48.51 4.40
CA GLY A 286 26.22 49.31 3.51
C GLY A 286 25.49 49.81 2.27
N ARG A 287 26.32 50.19 1.30
CA ARG A 287 25.87 50.80 0.04
C ARG A 287 26.65 50.14 -1.10
N ALA A 288 26.20 50.42 -2.31
CA ALA A 288 26.80 49.84 -3.51
C ALA A 288 28.29 49.98 -3.60
N GLN A 289 28.80 51.14 -3.22
CA GLN A 289 30.24 51.36 -3.35
C GLN A 289 31.08 50.49 -2.39
N ASP A 290 30.47 49.88 -1.38
CA ASP A 290 31.20 49.06 -0.42
C ASP A 290 31.36 47.59 -0.92
N VAL A 291 30.73 47.24 -2.05
CA VAL A 291 30.80 45.87 -2.50
C VAL A 291 32.21 45.49 -2.84
N ARG A 292 32.68 44.33 -2.41
CA ARG A 292 33.98 43.79 -2.83
CA ARG A 292 33.98 43.79 -2.83
C ARG A 292 33.79 42.46 -3.52
N TRP A 293 34.58 42.20 -4.56
CA TRP A 293 34.45 40.96 -5.36
C TRP A 293 35.60 40.00 -5.10
N PHE A 294 35.28 38.72 -4.98
CA PHE A 294 36.31 37.72 -4.80
C PHE A 294 36.06 36.65 -5.85
N LYS A 295 37.12 35.97 -6.27
CA LYS A 295 37.08 34.96 -7.30
C LYS A 295 37.59 33.63 -6.83
N GLY A 296 36.84 32.58 -7.13
CA GLY A 296 37.21 31.22 -6.83
C GLY A 296 37.53 30.47 -8.13
N PRO A 297 37.81 29.19 -8.03
CA PRO A 297 38.11 28.37 -9.18
C PRO A 297 37.07 28.34 -10.28
N MET A 298 37.56 28.06 -11.48
CA MET A 298 36.70 27.83 -12.61
C MET A 298 36.17 26.42 -12.58
N ASP A 299 35.09 26.23 -13.33
CA ASP A 299 34.47 24.91 -13.53
C ASP A 299 34.08 24.22 -12.22
N GLY A 300 33.57 25.04 -11.30
CA GLY A 300 33.05 24.59 -10.04
C GLY A 300 31.77 25.35 -9.76
N PHE A 301 30.95 24.83 -8.87
CA PHE A 301 29.77 25.57 -8.51
C PHE A 301 29.35 25.45 -7.03
N GLN A 302 28.90 26.59 -6.60
CA GLN A 302 28.57 26.83 -5.19
C GLN A 302 27.22 26.16 -4.88
N GLY A 303 27.20 25.26 -3.92
CA GLY A 303 25.90 24.65 -3.43
C GLY A 303 25.20 25.54 -2.41
N HIS A 304 24.25 24.95 -1.69
CA HIS A 304 23.49 25.65 -0.67
C HIS A 304 24.33 26.04 0.54
N THR A 305 24.04 27.19 1.10
CA THR A 305 24.67 27.63 2.33
C THR A 305 24.30 26.79 3.52
N LEU A 306 25.29 26.20 4.18
CA LEU A 306 25.05 25.56 5.49
C LEU A 306 24.88 26.68 6.51
N ASN A 307 25.88 27.52 6.63
CA ASN A 307 25.86 28.66 7.53
C ASN A 307 27.03 29.57 7.17
N ALA A 308 27.06 30.76 7.73
CA ALA A 308 28.13 31.74 7.54
C ALA A 308 28.23 32.60 8.77
N PHE A 309 29.41 33.15 9.01
CA PHE A 309 29.58 34.10 10.07
C PHE A 309 30.78 34.95 9.74
N ASP A 310 30.98 36.04 10.46
CA ASP A 310 32.13 36.91 10.20
C ASP A 310 32.81 37.25 11.52
N GLU A 311 34.10 37.51 11.44
CA GLU A 311 34.85 37.87 12.65
C GLU A 311 36.09 38.63 12.21
N ASP A 312 36.27 39.81 12.77
CA ASP A 312 37.40 40.71 12.42
C ASP A 312 37.34 41.09 10.97
N GLY A 313 38.38 40.84 10.21
CA GLY A 313 38.20 41.23 8.79
C GLY A 313 37.46 40.22 7.89
N LYS A 314 37.02 39.08 8.44
CA LYS A 314 36.91 37.90 7.61
C LYS A 314 35.51 37.35 7.66
N VAL A 315 35.01 37.01 6.49
CA VAL A 315 33.72 36.38 6.35
C VAL A 315 33.92 34.90 5.97
N TYR A 316 33.27 34.00 6.70
CA TYR A 316 33.37 32.59 6.44
C TYR A 316 32.02 32.06 5.94
N VAL A 317 32.03 31.28 4.86
CA VAL A 317 30.81 30.70 4.32
C VAL A 317 31.02 29.21 4.09
N ASP A 318 30.16 28.39 4.66
CA ASP A 318 30.19 26.94 4.52
C ASP A 318 29.11 26.45 3.56
N MET A 319 29.52 25.64 2.60
CA MET A 319 28.61 25.14 1.59
C MET A 319 29.24 23.95 0.83
N PRO A 320 28.41 23.08 0.25
CA PRO A 320 28.92 22.12 -0.76
C PRO A 320 29.45 22.92 -1.93
N VAL A 321 30.53 22.41 -2.52
CA VAL A 321 31.08 22.89 -3.74
C VAL A 321 31.32 21.67 -4.65
N THR A 322 30.85 21.74 -5.89
CA THR A 322 30.97 20.63 -6.80
C THR A 322 31.88 21.03 -7.94
N GLY A 323 32.78 20.13 -8.31
CA GLY A 323 33.77 20.47 -9.37
C GLY A 323 33.29 20.23 -10.80
N GLY A 324 32.13 20.76 -11.19
CA GLY A 324 31.67 20.77 -12.58
C GLY A 324 30.18 20.98 -12.66
N ASN A 325 29.64 21.00 -13.88
CA ASN A 325 28.24 21.29 -14.10
C ASN A 325 27.35 20.08 -13.75
N ILE A 326 26.57 20.20 -12.68
CA ILE A 326 25.56 19.18 -12.33
C ILE A 326 24.18 19.41 -12.99
N PHE A 327 24.00 20.56 -13.61
CA PHE A 327 22.77 20.96 -14.25
C PHE A 327 22.80 20.56 -15.70
N TYR A 328 22.39 19.29 -15.94
CA TYR A 328 22.33 18.76 -17.32
C TYR A 328 21.42 19.57 -18.24
N PHE A 329 20.40 20.30 -17.71
CA PHE A 329 19.44 21.09 -18.53
C PHE A 329 19.93 22.48 -18.80
N PHE A 330 21.11 22.83 -18.25
CA PHE A 330 21.78 24.07 -18.66
C PHE A 330 23.19 23.75 -19.21
N PRO A 331 23.26 22.97 -20.29
CA PRO A 331 24.57 22.51 -20.75
C PRO A 331 25.42 23.65 -21.25
N GLN A 332 26.72 23.46 -21.20
CA GLN A 332 27.60 24.40 -21.91
C GLN A 332 27.35 24.45 -23.42
N ALA A 333 27.89 25.47 -24.07
CA ALA A 333 27.64 25.78 -25.50
C ALA A 333 27.88 24.55 -26.40
N ASP A 334 28.99 23.82 -26.22
CA ASP A 334 29.13 22.57 -26.99
C ASP A 334 28.17 21.39 -26.71
N GLY A 335 27.25 21.52 -25.74
CA GLY A 335 26.26 20.48 -25.39
C GLY A 335 26.76 19.47 -24.40
N HIS A 336 28.07 19.46 -24.10
CA HIS A 336 28.62 18.44 -23.21
C HIS A 336 28.19 18.67 -21.73
N VAL A 337 27.89 17.56 -21.06
CA VAL A 337 27.54 17.55 -19.66
C VAL A 337 28.35 16.42 -19.05
N PRO A 338 29.05 16.68 -17.94
CA PRO A 338 29.82 15.58 -17.40
C PRO A 338 28.92 14.54 -16.72
N PRO A 339 29.35 13.27 -16.66
CA PRO A 339 28.57 12.25 -15.91
C PRO A 339 28.58 12.60 -14.42
N PRO A 340 27.40 12.76 -13.80
CA PRO A 340 27.38 13.31 -12.44
C PRO A 340 28.32 12.56 -11.47
N GLU A 341 28.41 11.25 -11.65
CA GLU A 341 29.30 10.34 -10.87
C GLU A 341 30.80 10.73 -10.88
N THR A 342 31.28 11.31 -11.97
CA THR A 342 32.62 11.91 -12.14
C THR A 342 33.00 13.06 -11.19
N LEU A 343 32.00 13.83 -10.75
CA LEU A 343 32.27 15.16 -10.14
C LEU A 343 32.66 15.07 -8.67
N ALA A 344 33.81 15.63 -8.31
CA ALA A 344 34.20 15.75 -6.93
C ALA A 344 33.26 16.82 -6.26
N ALA A 345 32.75 16.50 -5.09
CA ALA A 345 31.93 17.40 -4.29
C ALA A 345 32.24 17.09 -2.81
N CYS A 346 32.23 18.11 -2.00
CA CYS A 346 32.27 17.96 -0.55
C CYS A 346 31.83 19.29 0.07
N LEU A 347 31.58 19.29 1.38
CA LEU A 347 31.34 20.49 2.14
C LEU A 347 32.65 21.28 2.26
N MET A 348 32.59 22.57 1.97
CA MET A 348 33.75 23.46 2.03
C MET A 348 33.51 24.73 2.80
N ARG A 349 34.60 25.33 3.26
CA ARG A 349 34.56 26.63 3.91
C ARG A 349 35.30 27.59 2.99
N TRP A 350 34.63 28.67 2.64
CA TRP A 350 35.28 29.80 1.97
C TRP A 350 35.60 30.87 3.02
N THR A 351 36.75 31.53 2.88
CA THR A 351 37.18 32.59 3.77
C THR A 351 37.45 33.84 2.89
N PHE A 352 36.72 34.91 3.12
CA PHE A 352 36.82 36.14 2.34
C PHE A 352 37.43 37.17 3.33
N ASP A 353 38.71 37.45 3.13
CA ASP A 353 39.46 38.34 3.99
C ASP A 353 39.39 39.71 3.38
N LEU A 354 38.57 40.57 3.99
CA LEU A 354 38.34 41.86 3.40
C LEU A 354 39.62 42.80 3.46
N ASN A 355 40.56 42.43 4.33
CA ASN A 355 41.82 43.25 4.50
C ASN A 355 42.99 42.74 3.76
N SER A 356 42.77 41.86 2.84
CA SER A 356 43.92 41.18 2.21
C SER A 356 44.07 41.85 0.82
N GLY A 357 45.21 41.60 0.23
CA GLY A 357 45.47 42.10 -1.13
C GLY A 357 44.78 41.28 -2.23
N ARG A 358 44.33 40.07 -1.90
CA ARG A 358 44.08 39.02 -2.82
C ARG A 358 42.54 38.90 -2.89
N ASP A 359 42.22 38.97 -4.14
CA ASP A 359 41.00 38.70 -4.82
C ASP A 359 40.64 37.20 -4.92
N GLU A 360 41.67 36.34 -4.95
CA GLU A 360 41.57 34.92 -5.32
C GLU A 360 41.31 34.11 -4.05
N VAL A 361 40.35 33.20 -4.07
CA VAL A 361 40.05 32.37 -2.90
C VAL A 361 39.99 30.94 -3.34
N GLU A 362 40.44 30.09 -2.45
CA GLU A 362 40.27 28.68 -2.57
C GLU A 362 39.45 28.14 -1.39
N PRO A 363 38.51 27.25 -1.71
CA PRO A 363 37.70 26.68 -0.66
C PRO A 363 38.47 25.55 0.05
N GLN A 364 38.22 25.35 1.33
CA GLN A 364 38.90 24.35 2.17
C GLN A 364 37.90 23.31 2.61
N PRO A 365 38.27 22.05 2.51
CA PRO A 365 37.28 21.02 2.82
C PRO A 365 36.94 20.88 4.27
N LEU A 366 35.67 20.66 4.54
CA LEU A 366 35.19 20.36 5.85
C LEU A 366 34.70 18.91 5.95
N THR A 367 34.42 18.26 4.80
CA THR A 367 34.11 16.85 4.80
C THR A 367 34.92 16.27 3.67
N ASP A 368 35.04 14.98 3.65
CA ASP A 368 35.67 14.33 2.50
C ASP A 368 34.62 13.50 1.75
N TYR A 369 33.33 13.81 1.92
CA TYR A 369 32.27 13.10 1.20
C TYR A 369 31.31 14.13 0.60
N PRO A 370 30.68 13.79 -0.52
CA PRO A 370 29.66 14.70 -1.10
C PRO A 370 28.41 14.71 -0.25
N CYS A 371 27.78 15.85 -0.22
CA CYS A 371 26.60 16.10 0.53
C CYS A 371 25.81 17.31 -0.04
N GLU A 372 24.57 17.46 0.41
CA GLU A 372 23.69 18.57 -0.02
C GLU A 372 22.52 18.68 0.97
N PHE A 373 21.61 19.60 0.67
CA PHE A 373 20.55 19.92 1.56
C PHE A 373 20.97 20.15 3.00
N PRO A 374 21.91 21.03 3.23
CA PRO A 374 22.39 21.34 4.56
C PRO A 374 21.40 22.07 5.41
N ARG A 375 21.45 21.86 6.71
CA ARG A 375 20.59 22.61 7.65
C ARG A 375 21.39 22.89 8.89
N CYS A 376 21.47 24.14 9.31
CA CYS A 376 22.03 24.43 10.63
C CYS A 376 20.88 24.72 11.59
N ASP A 377 21.23 24.84 12.86
CA ASP A 377 20.28 25.23 13.88
C ASP A 377 19.80 26.66 13.54
N ASP A 378 18.50 26.87 13.35
CA ASP A 378 17.96 28.19 13.00
C ASP A 378 18.41 29.30 13.95
N ARG A 379 18.65 28.93 15.21
CA ARG A 379 19.04 29.93 16.21
C ARG A 379 20.46 30.44 16.04
N TYR A 380 21.26 29.83 15.14
CA TYR A 380 22.65 30.18 14.91
C TYR A 380 22.92 30.68 13.50
N ILE A 381 21.85 30.91 12.73
CA ILE A 381 22.03 31.45 11.38
C ILE A 381 22.85 32.75 11.44
N GLY A 382 23.93 32.83 10.69
CA GLY A 382 24.69 34.06 10.69
C GLY A 382 25.73 34.23 11.79
N ARG A 383 25.85 33.26 12.69
CA ARG A 383 26.72 33.41 13.86
C ARG A 383 27.69 32.23 13.88
N GLN A 384 28.68 32.35 14.72
CA GLN A 384 29.63 31.28 14.94
C GLN A 384 28.84 30.05 15.39
N TYR A 385 29.23 28.90 14.91
CA TYR A 385 28.45 27.70 15.06
C TYR A 385 29.37 26.53 14.91
N ALA A 386 28.90 25.35 15.33
CA ALA A 386 29.71 24.14 15.32
C ALA A 386 29.07 22.87 14.82
N HIS A 387 27.82 22.96 14.35
CA HIS A 387 27.08 21.78 13.93
C HIS A 387 26.29 21.98 12.64
N GLY A 388 26.18 20.94 11.84
CA GLY A 388 25.28 20.97 10.65
C GLY A 388 24.70 19.59 10.39
N PHE A 389 23.51 19.57 9.83
CA PHE A 389 22.86 18.40 9.41
C PHE A 389 22.88 18.41 7.89
N LEU A 390 23.02 17.26 7.28
CA LEU A 390 23.29 17.18 5.87
C LEU A 390 22.68 15.90 5.37
N LEU A 391 22.41 15.83 4.08
CA LEU A 391 22.13 14.59 3.42
C LEU A 391 23.38 14.20 2.65
N ALA A 392 23.62 12.91 2.53
CA ALA A 392 24.77 12.43 1.77
C ALA A 392 24.42 11.16 1.04
N PHE A 393 25.20 10.86 0.00
CA PHE A 393 25.07 9.64 -0.78
C PHE A 393 26.39 8.87 -0.65
N ASP A 394 26.32 7.66 -0.15
CA ASP A 394 27.42 6.73 -0.07
C ASP A 394 27.17 5.62 -1.05
N PRO A 395 27.88 5.64 -2.19
CA PRO A 395 27.65 4.62 -3.24
C PRO A 395 28.01 3.20 -2.84
N GLU A 396 28.78 3.03 -1.77
CA GLU A 396 29.18 1.65 -1.31
C GLU A 396 28.12 0.99 -0.44
N ARG A 397 27.09 1.71 0.04
CA ARG A 397 26.03 1.04 0.81
C ARG A 397 25.21 0.17 -0.10
N PRO A 398 24.59 -0.87 0.47
CA PRO A 398 23.71 -1.68 -0.32
C PRO A 398 22.52 -0.86 -0.94
N TYR A 399 22.08 -1.28 -2.11
CA TYR A 399 21.02 -0.63 -2.88
C TYR A 399 20.13 -1.70 -3.48
N ASN A 400 18.92 -1.81 -2.98
CA ASN A 400 17.97 -2.82 -3.45
C ASN A 400 17.68 -2.58 -4.94
N PRO A 401 17.93 -3.59 -5.80
CA PRO A 401 17.65 -3.33 -7.25
C PRO A 401 16.14 -3.09 -7.58
N ALA A 402 15.23 -3.53 -6.71
CA ALA A 402 13.79 -3.14 -6.86
C ALA A 402 13.52 -1.63 -6.64
N ASN A 403 14.54 -0.88 -6.26
CA ASN A 403 14.43 0.56 -6.22
C ASN A 403 14.34 1.15 -7.63
N GLY A 404 14.75 0.41 -8.65
CA GLY A 404 14.86 1.02 -9.98
C GLY A 404 16.18 1.71 -10.14
N PRO A 405 16.38 2.43 -11.25
CA PRO A 405 17.68 3.11 -11.40
C PRO A 405 17.85 4.20 -10.42
N ILE A 406 19.09 4.56 -10.13
CA ILE A 406 19.40 5.47 -9.06
C ILE A 406 18.96 6.85 -9.45
N PRO A 407 18.06 7.46 -8.67
CA PRO A 407 17.49 8.71 -9.20
C PRO A 407 18.38 9.88 -8.94
N PHE A 408 18.11 10.95 -9.63
CA PHE A 408 18.62 12.28 -9.32
C PHE A 408 18.23 12.67 -7.85
N GLN A 409 19.14 13.35 -7.18
CA GLN A 409 19.02 13.79 -5.76
C GLN A 409 18.70 12.55 -4.80
N PHE A 410 19.34 11.42 -5.05
CA PHE A 410 19.30 10.28 -4.16
C PHE A 410 20.29 10.43 -2.98
N PHE A 411 19.79 10.42 -1.74
CA PHE A 411 20.65 10.59 -0.58
C PHE A 411 20.28 9.48 0.40
N ASN A 412 21.23 8.57 0.67
CA ASN A 412 20.93 7.42 1.51
C ASN A 412 21.47 7.55 2.90
N LEU A 413 21.96 8.73 3.30
CA LEU A 413 22.37 9.00 4.67
C LEU A 413 21.87 10.34 5.17
N LEU A 414 21.40 10.37 6.41
CA LEU A 414 21.03 11.59 7.09
C LEU A 414 22.10 11.80 8.13
N VAL A 415 22.80 12.94 8.08
CA VAL A 415 24.07 13.11 8.80
C VAL A 415 24.07 14.31 9.75
N HIS A 416 24.66 14.14 10.92
CA HIS A 416 25.01 15.26 11.84
C HIS A 416 26.54 15.39 11.77
N LEU A 417 27.02 16.53 11.33
CA LEU A 417 28.46 16.89 11.31
C LEU A 417 28.79 17.81 12.48
N ASN A 418 29.80 17.40 13.26
CA ASN A 418 30.39 18.21 14.34
C ASN A 418 31.61 18.93 13.75
N LEU A 419 31.51 20.24 13.56
CA LEU A 419 32.64 21.02 13.00
C LEU A 419 33.86 21.16 13.94
N LYS A 420 33.67 21.00 15.23
CA LYS A 420 34.80 21.08 16.17
C LYS A 420 35.67 19.84 16.06
N THR A 421 35.10 18.64 15.96
CA THR A 421 35.91 17.44 15.86
C THR A 421 36.07 16.99 14.43
N GLY A 422 35.24 17.51 13.52
CA GLY A 422 35.21 16.99 12.14
C GLY A 422 34.58 15.61 11.97
N LEU A 423 33.99 15.04 13.01
CA LEU A 423 33.35 13.74 12.93
C LEU A 423 31.83 13.84 12.53
N SER A 424 31.37 12.81 11.83
CA SER A 424 29.99 12.64 11.39
C SER A 424 29.23 11.49 12.06
N ASP A 425 27.98 11.66 12.41
CA ASP A 425 27.11 10.65 13.06
C ASP A 425 25.94 10.50 12.02
N ALA A 426 25.80 9.35 11.39
CA ALA A 426 24.85 9.20 10.28
C ALA A 426 23.85 8.09 10.49
N TRP A 427 22.62 8.26 9.98
CA TRP A 427 21.67 7.15 9.93
C TRP A 427 21.53 6.66 8.49
N PHE A 428 21.68 5.36 8.30
CA PHE A 428 21.38 4.70 7.02
C PHE A 428 20.06 3.96 7.17
N PRO A 429 19.10 4.21 6.30
CA PRO A 429 17.75 3.66 6.53
C PRO A 429 17.51 2.28 5.96
N GLY A 430 18.54 1.60 5.48
CA GLY A 430 18.37 0.35 4.77
C GLY A 430 18.57 0.59 3.29
N ASP A 431 18.55 -0.51 2.54
CA ASP A 431 18.86 -0.46 1.13
C ASP A 431 17.70 0.07 0.22
N SER A 432 16.57 0.43 0.79
CA SER A 432 15.44 0.90 -0.02
C SER A 432 14.90 2.22 0.42
N GLY A 433 15.77 3.04 0.95
CA GLY A 433 15.42 4.30 1.57
C GLY A 433 16.31 5.44 1.13
N CYS A 434 15.71 6.62 0.98
CA CYS A 434 16.46 7.83 0.84
C CYS A 434 15.64 9.01 1.36
N PHE A 435 16.32 10.13 1.48
CA PHE A 435 15.82 11.25 2.24
C PHE A 435 15.49 12.49 1.40
N GLN A 436 14.61 13.30 1.99
CA GLN A 436 14.35 14.67 1.54
C GLN A 436 14.93 15.61 2.60
N GLU A 437 14.95 16.89 2.25
CA GLU A 437 15.62 17.88 3.08
C GLU A 437 15.17 17.85 4.55
N PRO A 438 16.12 17.85 5.49
CA PRO A 438 15.72 17.84 6.88
C PRO A 438 15.49 19.20 7.50
N ILE A 439 14.72 19.20 8.60
CA ILE A 439 14.67 20.33 9.50
C ILE A 439 15.23 19.92 10.86
N PHE A 440 15.59 20.94 11.64
CA PHE A 440 16.03 20.77 13.00
C PHE A 440 15.06 21.46 13.95
N ILE A 441 14.70 20.75 15.04
CA ILE A 441 13.79 21.29 16.02
C ILE A 441 14.53 21.27 17.38
N PRO A 442 14.73 22.43 18.02
CA PRO A 442 15.39 22.41 19.31
C PRO A 442 14.64 21.63 20.36
N ARG A 443 15.36 20.96 21.28
CA ARG A 443 14.68 20.13 22.34
C ARG A 443 13.86 21.05 23.24
N SER A 444 14.33 22.24 23.48
CA SER A 444 13.59 23.23 24.26
C SER A 444 14.19 24.54 23.83
N ALA A 445 13.59 25.65 24.25
CA ALA A 445 14.18 26.97 23.91
C ALA A 445 15.54 27.20 24.60
N ASP A 446 15.76 26.50 25.70
CA ASP A 446 17.08 26.46 26.38
C ASP A 446 18.23 25.73 25.71
N ALA A 447 17.92 24.85 24.79
CA ALA A 447 18.81 23.80 24.44
C ALA A 447 20.07 24.36 23.79
N GLU A 448 21.19 23.72 24.06
CA GLU A 448 22.44 24.03 23.39
C GLU A 448 22.28 23.81 21.86
N GLU A 449 23.25 24.35 21.14
CA GLU A 449 23.26 24.27 19.68
C GLU A 449 23.07 22.83 19.21
N ALA A 450 22.11 22.63 18.31
CA ALA A 450 21.91 21.35 17.60
C ALA A 450 21.49 20.24 18.53
N ASP A 451 20.92 20.61 19.68
CA ASP A 451 20.40 19.59 20.61
C ASP A 451 18.89 19.55 20.45
N GLY A 452 18.41 18.50 19.82
CA GLY A 452 17.01 18.39 19.55
C GLY A 452 16.70 17.28 18.58
N TYR A 453 15.76 17.53 17.69
CA TYR A 453 15.22 16.51 16.80
C TYR A 453 15.52 16.86 15.34
N VAL A 454 15.82 15.87 14.57
CA VAL A 454 15.99 16.05 13.13
C VAL A 454 14.84 15.33 12.46
N VAL A 455 14.13 16.04 11.58
CA VAL A 455 12.92 15.52 11.00
C VAL A 455 13.06 15.60 9.47
N ALA A 456 12.72 14.54 8.79
CA ALA A 456 12.84 14.50 7.35
C ALA A 456 11.92 13.47 6.75
N LEU A 457 11.51 13.68 5.53
CA LEU A 457 10.82 12.65 4.81
C LEU A 457 11.80 11.57 4.38
N LEU A 458 11.34 10.35 4.59
CA LEU A 458 12.02 9.15 4.17
C LEU A 458 11.16 8.50 3.07
N ASN A 459 11.78 8.36 1.92
CA ASN A 459 11.18 7.75 0.76
C ASN A 459 11.60 6.27 0.77
N LEU A 460 10.64 5.37 0.86
CA LEU A 460 10.88 3.96 0.83
C LEU A 460 10.57 3.58 -0.60
N ILE A 461 11.60 3.63 -1.42
CA ILE A 461 11.39 3.73 -2.84
C ILE A 461 11.07 2.44 -3.55
N ALA A 462 11.38 1.30 -2.93
CA ALA A 462 10.95 0.01 -3.48
C ALA A 462 9.50 -0.18 -3.21
N GLU A 463 8.97 0.28 -2.08
CA GLU A 463 7.54 0.12 -1.82
C GLU A 463 6.71 1.29 -2.34
N GLU A 464 7.36 2.35 -2.79
CA GLU A 464 6.67 3.64 -3.06
C GLU A 464 5.81 4.13 -1.89
N ARG A 465 6.39 4.15 -0.72
CA ARG A 465 5.77 4.56 0.55
C ARG A 465 6.61 5.70 1.09
N SER A 466 6.09 6.46 2.02
CA SER A 466 6.73 7.60 2.61
C SER A 466 6.45 7.60 4.09
N GLU A 467 7.44 8.01 4.87
CA GLU A 467 7.32 8.28 6.31
C GLU A 467 7.95 9.61 6.60
N LEU A 468 7.44 10.31 7.59
CA LEU A 468 8.17 11.42 8.11
C LEU A 468 8.93 10.89 9.39
N VAL A 469 10.25 10.84 9.33
CA VAL A 469 11.03 10.27 10.44
C VAL A 469 11.53 11.35 11.40
N VAL A 470 11.58 11.01 12.68
CA VAL A 470 12.08 11.89 13.69
C VAL A 470 13.25 11.23 14.43
N LEU A 471 14.42 11.83 14.35
CA LEU A 471 15.66 11.31 15.01
C LEU A 471 16.07 12.27 16.09
N ASP A 472 16.81 11.71 17.06
CA ASP A 472 17.31 12.52 18.17
C ASP A 472 18.71 12.86 17.81
N SER A 473 19.08 14.15 17.86
CA SER A 473 20.42 14.60 17.45
C SER A 473 21.55 14.01 18.32
N ARG A 474 21.19 13.62 19.54
CA ARG A 474 22.14 12.96 20.46
C ARG A 474 22.57 11.59 20.03
N ASP A 475 21.81 10.95 19.14
CA ASP A 475 22.18 9.67 18.63
C ASP A 475 21.54 9.37 17.29
N MET A 476 22.12 9.85 16.19
CA MET A 476 21.54 9.68 14.90
C MET A 476 21.66 8.26 14.44
N ALA A 477 22.78 7.57 14.75
CA ALA A 477 23.00 6.23 14.19
C ALA A 477 21.97 5.23 14.68
N SER A 478 21.39 5.49 15.83
CA SER A 478 20.34 4.65 16.33
C SER A 478 18.99 4.75 15.53
N GLY A 479 18.86 5.72 14.66
CA GLY A 479 17.65 5.82 13.84
C GLY A 479 16.47 6.45 14.53
N PRO A 480 15.32 6.42 13.86
CA PRO A 480 14.18 7.19 14.26
C PRO A 480 13.70 6.85 15.69
N ILE A 481 13.40 7.85 16.50
CA ILE A 481 12.65 7.62 17.68
C ILE A 481 11.16 7.48 17.34
N ALA A 482 10.75 8.02 16.20
CA ALA A 482 9.36 7.94 15.72
C ALA A 482 9.33 7.95 14.22
N ARG A 483 8.48 7.11 13.65
CA ARG A 483 8.20 7.10 12.22
C ARG A 483 6.74 7.40 12.00
N ILE A 484 6.49 8.52 11.32
CA ILE A 484 5.12 8.97 11.06
C ILE A 484 4.70 8.48 9.67
N ARG A 485 3.74 7.54 9.61
CA ARG A 485 3.43 6.88 8.35
C ARG A 485 2.47 7.80 7.57
N ILE A 486 2.72 7.95 6.30
CA ILE A 486 1.88 8.79 5.40
C ILE A 486 1.20 7.80 4.49
N PRO A 487 -0.12 7.92 4.30
CA PRO A 487 -0.84 6.93 3.56
C PRO A 487 -0.77 7.02 2.04
N PHE A 488 0.01 7.96 1.56
CA PHE A 488 0.31 8.11 0.15
C PHE A 488 1.73 8.53 -0.02
N ARG A 489 2.26 8.25 -1.20
CA ARG A 489 3.63 8.60 -1.56
C ARG A 489 3.83 10.14 -1.74
N MET A 490 4.82 10.65 -1.06
CA MET A 490 5.20 12.06 -1.18
C MET A 490 6.24 12.10 -2.31
N ARG A 491 5.96 12.93 -3.30
CA ARG A 491 6.97 13.18 -4.36
C ARG A 491 8.20 13.89 -3.75
N MET A 492 9.31 13.75 -4.40
CA MET A 492 10.52 14.49 -4.00
C MET A 492 10.19 15.95 -3.93
N SER A 493 10.75 16.63 -2.93
CA SER A 493 10.48 18.01 -2.64
C SER A 493 11.73 18.83 -2.84
N LEU A 494 11.56 20.11 -2.67
CA LEU A 494 12.64 21.01 -2.51
C LEU A 494 12.71 21.45 -1.04
N HIS A 495 12.66 22.72 -0.73
CA HIS A 495 12.99 23.17 0.62
C HIS A 495 11.85 23.28 1.59
N GLY A 496 12.16 23.16 2.88
CA GLY A 496 11.14 23.26 3.91
C GLY A 496 11.58 24.07 5.08
N CYS A 497 10.72 24.18 6.08
CA CYS A 497 11.10 25.00 7.28
C CYS A 497 10.27 24.52 8.45
N TRP A 498 10.78 24.80 9.64
CA TRP A 498 10.06 24.54 10.86
C TRP A 498 9.49 25.84 11.42
N ALA A 499 8.21 25.86 11.74
CA ALA A 499 7.53 27.04 12.31
C ALA A 499 7.09 26.73 13.73
N PRO A 500 7.84 27.16 14.74
CA PRO A 500 7.58 26.75 16.12
C PRO A 500 6.18 27.20 16.57
N GLY A 501 5.38 26.39 17.25
CA GLY A 501 4.27 26.97 18.08
C GLY A 501 5.03 27.30 19.41
N SER B 19 4.98 11.89 27.10
CA SER B 19 5.28 11.17 25.77
C SER B 19 4.73 9.74 25.90
N HIS B 20 3.95 9.33 24.92
CA HIS B 20 3.15 8.12 25.02
CA HIS B 20 3.24 8.06 25.02
C HIS B 20 3.29 7.42 23.62
N MET B 21 3.36 6.09 23.57
CA MET B 21 3.16 5.38 22.30
C MET B 21 1.65 5.55 21.92
N SER B 22 1.37 5.71 20.65
CA SER B 22 -0.04 5.94 20.26
C SER B 22 -0.51 4.56 19.78
N ILE B 23 -1.77 4.27 20.03
CA ILE B 23 -2.32 2.95 19.71
C ILE B 23 -2.39 2.63 18.19
N PRO B 24 -1.79 1.54 17.79
CA PRO B 24 -1.66 1.24 16.37
C PRO B 24 -3.07 0.69 15.87
N PHE B 25 -3.34 0.74 14.59
CA PHE B 25 -4.39 -0.11 13.99
C PHE B 25 -4.08 -1.62 14.19
N PRO B 26 -5.11 -2.44 14.35
CA PRO B 26 -4.89 -3.87 14.36
C PRO B 26 -4.24 -4.38 13.07
N GLN B 27 -3.54 -5.49 13.14
CA GLN B 27 -2.94 -6.16 12.02
C GLN B 27 -3.71 -7.39 11.74
N THR B 28 -4.97 -7.41 12.05
CA THR B 28 -5.90 -8.45 11.61
C THR B 28 -6.37 -8.32 10.14
N PRO B 29 -7.06 -9.30 9.60
CA PRO B 29 -7.41 -9.25 8.17
C PRO B 29 -8.27 -8.02 7.78
N GLU B 30 -9.10 -7.56 8.70
CA GLU B 30 -10.06 -6.48 8.41
C GLU B 30 -9.30 -5.15 8.42
N PHE B 31 -8.00 -5.16 8.84
CA PHE B 31 -7.16 -3.99 8.75
C PHE B 31 -5.89 -4.14 7.92
N SER B 32 -5.80 -5.16 7.12
CA SER B 32 -4.57 -5.50 6.40
C SER B 32 -4.72 -5.69 4.94
N GLY B 33 -3.55 -5.62 4.26
CA GLY B 33 -3.46 -5.94 2.85
C GLY B 33 -3.98 -4.71 2.08
N ALA B 34 -3.94 -4.87 0.78
CA ALA B 34 -4.32 -3.77 -0.12
C ALA B 34 -5.78 -3.43 0.04
N LEU B 35 -6.63 -4.41 0.26
CA LEU B 35 -8.03 -4.14 0.38
C LEU B 35 -8.42 -3.41 1.68
N TYR B 36 -7.87 -3.82 2.82
CA TYR B 36 -8.41 -3.38 4.12
C TYR B 36 -7.51 -2.54 4.97
N LYS B 37 -6.29 -2.28 4.55
CA LYS B 37 -5.52 -1.34 5.28
C LYS B 37 -6.24 0.02 5.27
N PRO B 38 -6.22 0.72 6.37
CA PRO B 38 -6.86 2.05 6.36
C PRO B 38 -6.22 3.01 5.45
N SER B 39 -6.97 3.93 4.88
CA SER B 39 -6.42 4.99 3.99
C SER B 39 -6.56 6.32 4.68
N ARG B 40 -7.84 6.77 4.87
CA ARG B 40 -8.12 7.98 5.63
C ARG B 40 -7.73 9.22 4.89
N ILE B 41 -7.54 9.11 3.58
CA ILE B 41 -7.11 10.26 2.81
C ILE B 41 -8.37 10.98 2.30
N GLU B 42 -8.50 12.25 2.67
CA GLU B 42 -9.46 13.13 2.09
C GLU B 42 -8.68 13.92 1.04
N ALA B 43 -9.10 13.91 -0.20
CA ALA B 43 -8.30 14.45 -1.27
C ALA B 43 -9.10 15.10 -2.43
N GLU B 44 -8.36 15.88 -3.24
CA GLU B 44 -8.80 16.35 -4.48
CA GLU B 44 -8.80 16.32 -4.51
C GLU B 44 -7.64 16.07 -5.48
N VAL B 45 -7.92 15.36 -6.59
CA VAL B 45 -6.96 15.23 -7.67
C VAL B 45 -7.65 15.86 -8.92
N PHE B 46 -7.11 16.97 -9.42
CA PHE B 46 -7.81 17.74 -10.43
C PHE B 46 -7.89 17.09 -11.79
N ASP B 47 -6.92 16.26 -12.10
CA ASP B 47 -6.84 15.50 -13.36
C ASP B 47 -6.08 14.18 -13.18
N LEU B 48 -6.64 13.10 -13.72
CA LEU B 48 -6.11 11.80 -13.57
C LEU B 48 -5.50 11.30 -14.88
N GLU B 49 -4.38 10.59 -14.79
CA GLU B 49 -3.71 10.01 -16.00
C GLU B 49 -4.53 8.82 -16.51
N ILE B 50 -4.72 8.73 -17.80
CA ILE B 50 -5.53 7.66 -18.40
C ILE B 50 -4.72 6.92 -19.46
N GLU B 51 -4.63 5.62 -19.38
CA GLU B 51 -4.00 4.76 -20.36
C GLU B 51 -5.11 4.27 -21.24
N GLY B 52 -4.93 4.23 -22.54
CA GLY B 52 -5.98 3.76 -23.45
C GLY B 52 -6.76 4.95 -23.95
N VAL B 53 -8.06 4.82 -24.21
CA VAL B 53 -8.86 5.87 -24.82
C VAL B 53 -10.20 5.98 -24.12
N LEU B 54 -10.45 7.10 -23.46
CA LEU B 54 -11.69 7.29 -22.75
C LEU B 54 -12.67 7.99 -23.70
N PRO B 55 -13.81 7.38 -23.97
CA PRO B 55 -14.78 8.08 -24.82
C PRO B 55 -15.17 9.42 -24.29
N ALA B 56 -15.15 10.39 -25.21
CA ALA B 56 -15.54 11.75 -24.90
C ALA B 56 -17.02 11.93 -24.58
N SER B 57 -17.85 10.97 -24.94
CA SER B 57 -19.27 11.09 -24.66
C SER B 57 -19.63 10.82 -23.15
N ILE B 58 -18.73 10.24 -22.39
CA ILE B 58 -19.07 9.90 -20.98
C ILE B 58 -19.08 11.16 -20.19
N HIS B 59 -20.17 11.45 -19.53
CA HIS B 59 -20.33 12.70 -18.79
C HIS B 59 -21.18 12.44 -17.56
N GLY B 60 -20.58 12.63 -16.39
CA GLY B 60 -21.32 12.50 -15.09
C GLY B 60 -20.32 12.11 -14.00
N THR B 61 -20.85 11.65 -12.86
CA THR B 61 -20.05 11.38 -11.71
C THR B 61 -20.37 9.97 -11.18
N PHE B 62 -19.31 9.21 -10.91
CA PHE B 62 -19.37 7.91 -10.28
C PHE B 62 -19.11 8.17 -8.81
N TYR B 63 -20.14 8.04 -7.98
CA TYR B 63 -19.98 8.22 -6.51
C TYR B 63 -19.87 6.82 -5.90
N GLN B 64 -19.04 6.68 -4.91
CA GLN B 64 -18.90 5.42 -4.19
C GLN B 64 -18.61 5.74 -2.72
N VAL B 65 -19.04 4.89 -1.79
CA VAL B 65 -18.69 5.09 -0.41
C VAL B 65 -17.90 3.89 0.10
N ALA B 66 -16.89 4.17 0.91
CA ALA B 66 -16.12 3.14 1.55
C ALA B 66 -16.09 3.36 3.05
N PRO B 67 -16.27 2.29 3.80
CA PRO B 67 -15.86 2.35 5.20
C PRO B 67 -14.35 2.61 5.28
N ASP B 68 -13.93 3.55 6.10
CA ASP B 68 -12.53 3.90 6.20
C ASP B 68 -12.26 4.54 7.61
N PRO B 69 -11.95 3.69 8.61
CA PRO B 69 -12.01 4.19 10.00
C PRO B 69 -11.05 5.28 10.29
N GLN B 70 -11.52 6.35 10.89
CA GLN B 70 -10.69 7.51 11.15
C GLN B 70 -9.63 7.15 12.21
N TYR B 71 -10.07 6.39 13.20
CA TYR B 71 -9.13 5.99 14.31
C TYR B 71 -9.15 4.50 14.56
N PRO B 72 -8.05 4.00 15.13
CA PRO B 72 -8.07 2.61 15.50
C PRO B 72 -9.23 2.32 16.52
N PRO B 73 -9.90 1.20 16.38
CA PRO B 73 -11.12 1.01 17.17
C PRO B 73 -10.84 0.90 18.66
N MET B 74 -11.68 1.55 19.46
CA MET B 74 -11.54 1.62 20.94
C MET B 74 -11.32 0.21 21.54
N LEU B 75 -12.06 -0.80 21.06
CA LEU B 75 -11.92 -2.16 21.63
C LEU B 75 -10.80 -3.01 21.02
N GLY B 76 -9.99 -2.47 20.12
CA GLY B 76 -8.84 -3.19 19.63
C GLY B 76 -9.17 -4.16 18.52
N THR B 77 -10.45 -4.19 18.13
CA THR B 77 -10.87 -5.07 17.09
C THR B 77 -12.13 -4.47 16.43
N ASP B 78 -12.39 -4.79 15.15
CA ASP B 78 -13.62 -4.28 14.55
C ASP B 78 -13.89 -4.95 13.25
N ILE B 79 -15.06 -4.65 12.66
CA ILE B 79 -15.38 -5.26 11.37
C ILE B 79 -15.38 -4.18 10.29
N PHE B 80 -15.18 -4.64 9.05
CA PHE B 80 -15.13 -3.71 7.87
C PHE B 80 -16.36 -2.85 7.76
N PHE B 81 -17.54 -3.43 8.04
CA PHE B 81 -18.82 -2.68 7.91
C PHE B 81 -18.98 -1.57 8.95
N ASN B 82 -18.04 -1.43 9.88
CA ASN B 82 -18.17 -0.40 10.92
C ASN B 82 -17.34 0.85 10.71
N GLY B 83 -16.64 0.96 9.57
CA GLY B 83 -15.74 2.12 9.40
C GLY B 83 -16.50 3.38 8.96
N ASP B 84 -16.00 4.53 9.42
CA ASP B 84 -16.55 5.83 9.02
C ASP B 84 -16.70 5.90 7.48
N GLY B 85 -17.82 6.42 7.03
CA GLY B 85 -18.04 6.56 5.55
C GLY B 85 -17.19 7.64 4.93
N MET B 86 -16.48 7.23 3.89
CA MET B 86 -15.64 8.07 3.04
C MET B 86 -16.13 8.00 1.62
N VAL B 87 -16.63 9.12 1.12
CA VAL B 87 -17.28 9.16 -0.19
C VAL B 87 -16.30 9.66 -1.22
N SER B 88 -16.26 8.94 -2.35
CA SER B 88 -15.44 9.40 -3.50
C SER B 88 -16.40 9.80 -4.61
N GLY B 89 -16.02 10.81 -5.39
CA GLY B 89 -16.72 11.14 -6.64
C GLY B 89 -15.67 11.26 -7.77
N PHE B 90 -15.74 10.38 -8.74
CA PHE B 90 -14.95 10.50 -9.97
C PHE B 90 -15.81 11.20 -11.02
N HIS B 91 -15.44 12.38 -11.38
CA HIS B 91 -16.22 13.17 -12.33
C HIS B 91 -15.61 13.05 -13.75
N PHE B 92 -16.42 12.57 -14.69
CA PHE B 92 -16.03 12.35 -16.09
C PHE B 92 -16.56 13.52 -16.91
N ALA B 93 -15.69 14.18 -17.63
CA ALA B 93 -16.04 15.41 -18.28
C ALA B 93 -15.33 15.32 -19.64
N ASN B 94 -15.99 14.68 -20.54
CA ASN B 94 -15.55 14.68 -21.93
C ASN B 94 -14.03 14.39 -22.18
N GLY B 95 -13.72 13.22 -21.67
CA GLY B 95 -12.42 12.68 -21.90
C GLY B 95 -11.44 12.88 -20.76
N LYS B 96 -11.79 13.65 -19.72
CA LYS B 96 -10.94 13.82 -18.56
C LYS B 96 -11.68 13.42 -17.27
N VAL B 97 -10.94 12.96 -16.29
CA VAL B 97 -11.50 12.46 -15.04
C VAL B 97 -10.80 13.16 -13.87
N SER B 98 -11.61 13.61 -12.90
CA SER B 98 -11.07 14.17 -11.66
C SER B 98 -11.68 13.43 -10.45
N LEU B 99 -11.09 13.59 -9.25
CA LEU B 99 -11.49 12.83 -8.08
C LEU B 99 -11.58 13.76 -6.90
N ARG B 100 -12.65 13.60 -6.14
CA ARG B 100 -12.75 14.14 -4.79
C ARG B 100 -13.13 13.07 -3.84
N ARG B 101 -12.60 13.10 -2.63
CA ARG B 101 -12.78 12.03 -1.65
C ARG B 101 -12.84 12.71 -0.30
N ARG B 102 -13.96 12.51 0.41
CA ARG B 102 -14.20 13.24 1.72
C ARG B 102 -14.98 12.33 2.65
N TYR B 103 -14.71 12.50 3.96
CA TYR B 103 -15.46 11.83 5.00
C TYR B 103 -16.83 12.50 5.08
N VAL B 104 -17.83 11.67 5.31
CA VAL B 104 -19.10 12.16 5.81
C VAL B 104 -18.90 12.69 7.24
N GLN B 105 -19.22 13.96 7.47
CA GLN B 105 -19.04 14.51 8.79
C GLN B 105 -20.21 14.16 9.72
N THR B 106 -20.28 12.90 10.05
CA THR B 106 -21.31 12.40 10.95
C THR B 106 -21.05 12.93 12.37
N ASP B 107 -22.06 12.93 13.19
CA ASP B 107 -21.85 13.26 14.60
C ASP B 107 -20.85 12.32 15.22
N ARG B 108 -20.86 11.06 14.84
CA ARG B 108 -19.95 10.05 15.37
C ARG B 108 -18.51 10.39 15.06
N LEU B 109 -18.25 10.71 13.79
CA LEU B 109 -16.92 11.12 13.40
C LEU B 109 -16.47 12.38 14.12
N LEU B 110 -17.33 13.38 14.16
CA LEU B 110 -16.90 14.64 14.75
C LEU B 110 -16.65 14.49 16.27
N ALA B 111 -17.37 13.60 16.93
CA ALA B 111 -17.11 13.40 18.35
C ALA B 111 -15.75 12.70 18.53
N GLN B 112 -15.45 11.71 17.70
CA GLN B 112 -14.17 11.03 17.74
C GLN B 112 -13.04 12.05 17.48
N ARG B 113 -13.22 12.91 16.50
CA ARG B 113 -12.23 13.92 16.22
C ARG B 113 -12.06 14.91 17.39
N ARG B 114 -13.14 15.22 18.07
CA ARG B 114 -13.07 16.12 19.23
C ARG B 114 -12.24 15.50 20.32
N GLU B 115 -12.40 14.22 20.62
CA GLU B 115 -11.60 13.57 21.61
C GLU B 115 -10.31 12.98 21.10
N GLY B 116 -10.07 12.90 19.81
CA GLY B 116 -8.80 12.39 19.34
C GLY B 116 -8.67 10.90 19.38
N ARG B 117 -9.81 10.17 19.39
CA ARG B 117 -9.77 8.71 19.44
C ARG B 117 -11.12 8.10 19.14
N SER B 118 -11.12 6.79 18.94
CA SER B 118 -12.35 6.03 18.79
C SER B 118 -13.14 6.04 20.07
N LEU B 119 -14.44 6.24 19.97
CA LEU B 119 -15.39 6.29 21.10
C LEU B 119 -16.48 5.24 20.94
N ASN B 120 -16.33 4.37 19.93
CA ASN B 120 -17.43 3.54 19.55
C ASN B 120 -16.98 2.08 19.64
N GLY B 121 -17.89 1.24 20.14
CA GLY B 121 -17.62 -0.11 20.41
C GLY B 121 -18.11 -1.04 19.36
N VAL B 122 -18.86 -2.04 19.82
CA VAL B 122 -19.27 -3.14 19.02
C VAL B 122 -20.24 -2.63 17.95
N TYR B 123 -20.11 -3.20 16.74
CA TYR B 123 -20.96 -2.82 15.58
C TYR B 123 -22.44 -2.78 15.96
N ARG B 124 -23.06 -1.64 15.75
CA ARG B 124 -24.52 -1.44 15.94
C ARG B 124 -24.94 -1.79 17.39
N ASN B 125 -24.01 -1.60 18.32
CA ASN B 125 -24.33 -1.81 19.73
C ASN B 125 -23.84 -0.62 20.54
N ALA B 126 -24.66 0.39 20.57
CA ALA B 126 -24.33 1.63 21.27
C ALA B 126 -24.17 1.44 22.80
N PHE B 127 -24.71 0.37 23.39
CA PHE B 127 -24.45 0.12 24.81
C PHE B 127 -22.98 -0.10 25.09
N THR B 128 -22.12 -0.39 24.09
CA THR B 128 -20.72 -0.59 24.31
C THR B 128 -19.91 0.62 23.94
N ASN B 129 -20.55 1.75 23.61
CA ASN B 129 -19.80 2.95 23.26
C ASN B 129 -19.20 3.60 24.52
N ASP B 130 -18.17 4.42 24.35
CA ASP B 130 -17.70 5.35 25.40
C ASP B 130 -18.81 6.35 25.63
N SER B 131 -18.94 6.83 26.88
CA SER B 131 -19.97 7.77 27.22
C SER B 131 -19.79 9.11 26.50
N LEU B 132 -18.64 9.41 25.96
CA LEU B 132 -18.42 10.60 25.15
C LEU B 132 -18.79 10.49 23.64
N ALA B 133 -19.12 9.27 23.19
CA ALA B 133 -19.53 9.05 21.80
C ALA B 133 -20.75 9.84 21.50
N ALA B 134 -20.93 10.24 20.24
CA ALA B 134 -22.16 10.93 19.86
C ALA B 134 -23.32 9.98 20.07
N LYS B 135 -24.47 10.56 20.29
CA LYS B 135 -25.72 9.77 20.43
C LYS B 135 -26.10 9.05 19.15
N ASN B 136 -25.90 9.72 18.02
CA ASN B 136 -26.16 9.07 16.71
C ASN B 136 -24.97 8.17 16.39
N ASN B 137 -25.20 6.87 16.36
CA ASN B 137 -24.16 5.86 16.17
C ASN B 137 -23.77 5.63 14.68
N THR B 138 -24.43 6.31 13.73
CA THR B 138 -24.23 5.95 12.31
C THR B 138 -22.91 6.38 11.76
N THR B 139 -22.39 5.59 10.83
CA THR B 139 -21.25 5.94 10.00
C THR B 139 -21.55 6.32 8.55
N ALA B 140 -22.80 6.20 8.10
CA ALA B 140 -23.23 6.65 6.77
C ALA B 140 -22.30 6.06 5.68
N ASN B 141 -21.99 4.75 5.79
CA ASN B 141 -20.87 4.12 5.09
C ASN B 141 -21.18 3.10 4.04
N THR B 142 -22.44 2.93 3.69
CA THR B 142 -22.85 1.72 2.91
C THR B 142 -23.22 2.03 1.49
N SER B 143 -23.98 3.07 1.25
CA SER B 143 -24.37 3.43 -0.12
C SER B 143 -24.43 4.89 -0.29
N VAL B 144 -24.49 5.31 -1.54
CA VAL B 144 -24.69 6.69 -1.91
C VAL B 144 -25.70 6.72 -3.08
N ILE B 145 -26.59 7.69 -3.07
CA ILE B 145 -27.51 7.91 -4.17
C ILE B 145 -27.92 9.34 -4.28
N PRO B 146 -28.06 9.89 -5.52
CA PRO B 146 -28.51 11.25 -5.69
C PRO B 146 -30.00 11.33 -5.45
N HIS B 147 -30.43 12.36 -4.74
CA HIS B 147 -31.87 12.53 -4.47
C HIS B 147 -32.13 14.00 -4.15
N ASN B 148 -33.09 14.61 -4.86
CA ASN B 148 -33.59 15.97 -4.46
C ASN B 148 -32.48 16.95 -4.29
N GLY B 149 -31.55 16.93 -5.25
CA GLY B 149 -30.55 17.94 -5.35
C GLY B 149 -29.31 17.72 -4.43
N VAL B 150 -29.28 16.63 -3.70
CA VAL B 150 -28.15 16.28 -2.85
C VAL B 150 -27.69 14.83 -3.11
N LEU B 151 -26.53 14.48 -2.57
CA LEU B 151 -26.09 13.10 -2.48
C LEU B 151 -26.41 12.58 -1.09
N LEU B 152 -27.11 11.46 -1.02
CA LEU B 152 -27.39 10.79 0.26
C LEU B 152 -26.33 9.71 0.49
N ALA B 153 -25.67 9.78 1.58
CA ALA B 153 -24.82 8.73 2.15
C ALA B 153 -25.62 7.98 3.20
N LEU B 154 -25.81 6.70 2.99
CA LEU B 154 -26.75 5.92 3.72
C LEU B 154 -26.10 4.78 4.55
N LYS B 155 -26.77 4.48 5.66
CA LYS B 155 -26.51 3.29 6.38
C LYS B 155 -27.75 2.92 7.19
N GLU B 156 -28.04 1.64 7.18
CA GLU B 156 -29.37 1.16 7.49
C GLU B 156 -29.77 1.25 8.99
N ASP B 157 -28.89 1.75 9.82
CA ASP B 157 -29.16 1.96 11.27
C ASP B 157 -29.65 3.34 11.60
N ALA B 158 -29.82 4.21 10.61
CA ALA B 158 -30.18 5.61 10.90
C ALA B 158 -30.68 6.27 9.61
N LEU B 159 -31.13 7.51 9.74
CA LEU B 159 -31.42 8.33 8.59
C LEU B 159 -30.07 8.63 7.84
N PRO B 160 -30.17 8.93 6.55
CA PRO B 160 -28.96 9.21 5.74
C PRO B 160 -28.42 10.56 6.01
N TRP B 161 -27.20 10.83 5.51
CA TRP B 161 -26.54 12.14 5.61
C TRP B 161 -26.43 12.73 4.20
N ALA B 162 -26.75 13.98 4.06
CA ALA B 162 -26.70 14.66 2.76
C ALA B 162 -25.31 15.32 2.59
N MET B 163 -24.85 15.25 1.36
CA MET B 163 -23.66 15.88 0.90
C MET B 163 -23.88 16.65 -0.40
N ASP B 164 -23.04 17.67 -0.60
CA ASP B 164 -23.11 18.46 -1.80
C ASP B 164 -22.64 17.60 -2.97
N LEU B 165 -23.46 17.60 -4.04
CA LEU B 165 -23.12 16.75 -5.21
C LEU B 165 -21.77 17.11 -5.89
N GLU B 166 -21.32 18.34 -5.80
CA GLU B 166 -20.05 18.74 -6.43
C GLU B 166 -18.89 18.65 -5.48
N THR B 167 -19.01 19.25 -4.29
CA THR B 167 -17.85 19.38 -3.40
C THR B 167 -17.74 18.26 -2.39
N LEU B 168 -18.81 17.51 -2.17
CA LEU B 168 -18.86 16.47 -1.14
C LEU B 168 -18.75 17.05 0.28
N GLU B 169 -19.05 18.36 0.41
CA GLU B 169 -19.25 18.97 1.73
C GLU B 169 -20.47 18.29 2.40
N THR B 170 -20.37 18.01 3.68
CA THR B 170 -21.46 17.41 4.43
C THR B 170 -22.51 18.49 4.77
N LEU B 171 -23.75 18.24 4.42
CA LEU B 171 -24.85 19.14 4.69
C LEU B 171 -25.55 18.84 6.01
N GLY B 172 -25.58 17.61 6.47
CA GLY B 172 -26.25 17.26 7.71
C GLY B 172 -27.08 16.04 7.52
N GLU B 173 -27.66 15.57 8.62
CA GLU B 173 -28.60 14.49 8.57
C GLU B 173 -29.75 14.90 7.72
N TRP B 174 -30.18 14.01 6.83
CA TRP B 174 -31.31 14.32 5.97
C TRP B 174 -32.57 13.66 6.52
N THR B 175 -33.52 14.47 6.92
CA THR B 175 -34.79 13.95 7.55
C THR B 175 -35.94 13.87 6.53
N PHE B 176 -35.68 14.21 5.26
CA PHE B 176 -36.69 14.30 4.21
C PHE B 176 -37.84 15.25 4.68
N ASP B 177 -37.44 16.44 5.05
CA ASP B 177 -38.36 17.51 5.55
C ASP B 177 -39.26 17.04 6.69
N GLY B 178 -38.72 16.23 7.60
CA GLY B 178 -39.43 15.69 8.73
C GLY B 178 -40.47 14.63 8.40
N GLN B 179 -40.55 14.11 7.15
CA GLN B 179 -41.62 13.22 6.81
C GLN B 179 -41.38 11.77 7.17
N ILE B 180 -40.13 11.38 7.45
CA ILE B 180 -39.82 9.95 7.67
C ILE B 180 -39.78 9.78 9.16
N LYS B 181 -40.61 8.92 9.71
CA LYS B 181 -40.76 8.78 11.11
C LYS B 181 -40.17 7.47 11.63
N SER B 182 -39.57 6.62 10.77
CA SER B 182 -38.95 5.44 11.27
C SER B 182 -37.64 5.82 11.95
N ALA B 183 -37.17 4.92 12.77
CA ALA B 183 -35.90 5.13 13.48
C ALA B 183 -34.70 4.94 12.51
N THR B 184 -34.90 4.22 11.39
CA THR B 184 -33.81 3.91 10.46
C THR B 184 -34.25 4.15 9.02
N PHE B 185 -33.30 4.04 8.05
CA PHE B 185 -33.66 4.18 6.63
C PHE B 185 -32.66 3.31 5.88
N THR B 186 -33.13 2.54 4.88
CA THR B 186 -32.32 1.55 4.23
C THR B 186 -31.12 2.19 3.57
N ALA B 187 -30.06 1.40 3.40
CA ALA B 187 -28.95 1.80 2.52
C ALA B 187 -29.14 1.23 1.16
N HIS B 188 -30.27 0.53 0.87
CA HIS B 188 -30.52 0.05 -0.51
C HIS B 188 -31.81 0.62 -1.14
N PRO B 189 -31.97 1.91 -1.14
CA PRO B 189 -33.10 2.48 -1.89
C PRO B 189 -32.88 2.31 -3.37
N LYS B 190 -33.96 2.38 -4.15
CA LYS B 190 -33.87 2.27 -5.60
C LYS B 190 -34.50 3.49 -6.24
N LEU B 191 -34.07 3.85 -7.46
CA LEU B 191 -34.71 4.91 -8.25
C LEU B 191 -35.62 4.30 -9.28
N ASP B 192 -36.85 4.78 -9.28
CA ASP B 192 -37.79 4.38 -10.34
C ASP B 192 -37.38 5.01 -11.63
N PRO B 193 -37.10 4.23 -12.66
CA PRO B 193 -36.55 4.86 -13.82
C PRO B 193 -37.58 5.66 -14.60
N ALA B 194 -38.86 5.52 -14.38
CA ALA B 194 -39.82 6.37 -15.18
C ALA B 194 -40.04 7.70 -14.42
N THR B 195 -40.34 7.63 -13.14
CA THR B 195 -40.76 8.80 -12.34
C THR B 195 -39.63 9.48 -11.62
N GLY B 196 -38.52 8.77 -11.40
CA GLY B 196 -37.46 9.27 -10.58
C GLY B 196 -37.79 9.14 -9.10
N ASN B 197 -38.92 8.49 -8.70
CA ASN B 197 -39.23 8.34 -7.31
C ASN B 197 -38.11 7.52 -6.58
N LEU B 198 -37.91 7.86 -5.31
CA LEU B 198 -36.99 7.12 -4.46
C LEU B 198 -37.80 6.11 -3.70
N LEU B 199 -37.49 4.85 -3.92
CA LEU B 199 -38.19 3.73 -3.32
C LEU B 199 -37.34 3.20 -2.20
N ALA B 200 -37.88 3.18 -0.97
CA ALA B 200 -37.06 2.88 0.19
C ALA B 200 -37.85 2.19 1.27
N PHE B 201 -37.24 1.85 2.37
CA PHE B 201 -37.87 1.10 3.42
C PHE B 201 -37.04 1.26 4.68
N SER B 202 -37.59 0.80 5.79
CA SER B 202 -36.86 0.73 7.08
C SER B 202 -37.23 -0.60 7.80
N TYR B 203 -36.25 -1.24 8.43
CA TYR B 203 -36.50 -2.34 9.36
C TYR B 203 -35.99 -1.89 10.74
N GLU B 204 -36.36 -2.63 11.78
CA GLU B 204 -36.22 -2.13 13.18
C GLU B 204 -36.72 -0.68 13.27
N ALA B 205 -37.88 -0.49 12.63
CA ALA B 205 -38.32 0.86 12.29
C ALA B 205 -38.82 1.65 13.48
N LYS B 206 -39.04 0.99 14.63
CA LYS B 206 -39.39 1.70 15.87
C LYS B 206 -38.36 1.53 16.95
N GLY B 207 -37.13 1.18 16.61
CA GLY B 207 -36.07 1.05 17.62
C GLY B 207 -35.52 -0.34 17.66
N ASP B 208 -34.55 -0.52 18.56
CA ASP B 208 -33.76 -1.76 18.59
C ASP B 208 -34.62 -2.95 18.76
N GLY B 209 -34.46 -3.96 17.95
CA GLY B 209 -35.21 -5.19 18.16
C GLY B 209 -36.66 -5.15 17.78
N THR B 210 -37.19 -4.03 17.30
CA THR B 210 -38.59 -4.00 16.87
C THR B 210 -38.85 -4.75 15.56
N PRO B 211 -40.03 -5.41 15.47
CA PRO B 211 -40.40 -6.13 14.26
C PRO B 211 -41.04 -5.26 13.18
N ASP B 212 -41.12 -3.96 13.38
CA ASP B 212 -41.78 -3.08 12.45
C ASP B 212 -40.94 -2.94 11.16
N LEU B 213 -41.64 -2.98 10.03
CA LEU B 213 -41.10 -2.79 8.70
C LEU B 213 -41.94 -1.69 8.05
N VAL B 214 -41.35 -0.85 7.25
CA VAL B 214 -42.13 0.18 6.54
C VAL B 214 -41.59 0.31 5.12
N TYR B 215 -42.47 0.38 4.11
CA TYR B 215 -42.16 0.82 2.76
C TYR B 215 -42.41 2.31 2.62
N PHE B 216 -41.50 3.05 1.97
CA PHE B 216 -41.66 4.45 1.68
C PHE B 216 -41.46 4.70 0.16
N GLU B 217 -42.26 5.59 -0.38
CA GLU B 217 -42.09 6.02 -1.76
C GLU B 217 -42.10 7.53 -1.79
N LEU B 218 -40.99 8.12 -2.26
CA LEU B 218 -40.80 9.57 -2.31
C LEU B 218 -40.67 10.08 -3.76
N SER B 219 -41.22 11.27 -4.00
CA SER B 219 -41.11 11.90 -5.27
C SER B 219 -39.67 12.38 -5.43
N PRO B 220 -39.27 12.66 -6.68
CA PRO B 220 -37.89 13.17 -6.87
C PRO B 220 -37.60 14.51 -6.20
N ASP B 221 -38.63 15.28 -5.95
CA ASP B 221 -38.50 16.54 -5.17
C ASP B 221 -38.77 16.36 -3.68
N GLY B 222 -38.80 15.13 -3.19
CA GLY B 222 -38.73 14.88 -1.75
C GLY B 222 -40.05 14.76 -1.02
N LYS B 223 -41.14 14.66 -1.75
CA LYS B 223 -42.39 14.54 -1.12
C LYS B 223 -42.73 13.06 -0.81
N LEU B 224 -43.15 12.73 0.40
CA LEU B 224 -43.55 11.40 0.72
C LEU B 224 -44.92 11.06 0.09
N LEU B 225 -44.94 10.12 -0.84
CA LEU B 225 -46.15 9.79 -1.57
C LEU B 225 -46.98 8.70 -0.98
N HIS B 226 -46.38 7.75 -0.31
CA HIS B 226 -47.13 6.58 0.19
C HIS B 226 -46.17 5.91 1.21
N GLU B 227 -46.75 5.37 2.27
CA GLU B 227 -46.01 4.54 3.17
C GLU B 227 -46.85 3.33 3.55
N ILE B 228 -46.21 2.21 3.85
CA ILE B 228 -46.91 1.02 4.31
C ILE B 228 -46.16 0.53 5.53
N TRP B 229 -46.77 0.67 6.70
CA TRP B 229 -46.20 0.15 7.94
C TRP B 229 -46.80 -1.21 8.22
N PHE B 230 -45.99 -2.20 8.58
CA PHE B 230 -46.50 -3.49 8.94
C PHE B 230 -45.53 -4.14 9.88
N GLN B 231 -45.77 -5.37 10.28
CA GLN B 231 -44.88 -6.04 11.23
C GLN B 231 -44.45 -7.39 10.73
N ALA B 232 -43.20 -7.68 10.93
CA ALA B 232 -42.64 -8.99 10.72
C ALA B 232 -42.93 -9.86 11.94
N PRO B 233 -42.79 -11.18 11.77
CA PRO B 233 -43.02 -12.09 12.90
C PRO B 233 -41.89 -12.07 13.89
N TYR B 234 -40.74 -11.46 13.58
CA TYR B 234 -39.66 -11.30 14.52
C TYR B 234 -38.74 -10.23 13.86
N ALA B 235 -37.81 -9.67 14.63
CA ALA B 235 -36.89 -8.66 14.10
C ALA B 235 -35.71 -9.33 13.40
N ALA B 236 -35.55 -9.06 12.12
CA ALA B 236 -34.45 -9.63 11.35
C ALA B 236 -33.83 -8.63 10.40
N MET B 237 -32.62 -8.92 9.97
CA MET B 237 -31.94 -8.03 8.99
C MET B 237 -32.70 -8.03 7.67
N VAL B 238 -33.04 -6.86 7.19
CA VAL B 238 -33.49 -6.66 5.81
C VAL B 238 -32.51 -5.69 5.16
N HIS B 239 -31.48 -6.25 4.54
CA HIS B 239 -30.39 -5.42 4.03
C HIS B 239 -30.79 -4.71 2.70
N ASP B 240 -31.28 -5.50 1.76
CA ASP B 240 -31.64 -5.04 0.44
C ASP B 240 -33.12 -5.37 0.24
N PHE B 241 -33.73 -4.86 -0.83
CA PHE B 241 -35.12 -5.20 -1.13
C PHE B 241 -35.30 -5.16 -2.63
N ALA B 242 -36.49 -5.47 -3.09
CA ALA B 242 -36.80 -5.45 -4.51
C ALA B 242 -38.06 -4.66 -4.70
N ALA B 243 -38.01 -3.76 -5.67
CA ALA B 243 -39.16 -2.98 -6.07
C ALA B 243 -39.44 -3.28 -7.51
N THR B 244 -40.68 -3.59 -7.79
CA THR B 244 -41.09 -3.82 -9.18
C THR B 244 -42.04 -2.71 -9.54
N GLU B 245 -42.60 -2.80 -10.74
CA GLU B 245 -43.59 -1.84 -11.18
CA GLU B 245 -43.59 -1.83 -11.19
C GLU B 245 -44.77 -1.82 -10.21
N ARG B 246 -45.20 -2.96 -9.78
CA ARG B 246 -46.40 -3.07 -8.96
C ARG B 246 -46.21 -3.63 -7.54
N TYR B 247 -45.03 -4.17 -7.21
CA TYR B 247 -44.83 -4.82 -5.92
C TYR B 247 -43.54 -4.41 -5.25
N VAL B 248 -43.46 -4.66 -3.96
CA VAL B 248 -42.23 -4.53 -3.17
C VAL B 248 -42.02 -5.87 -2.44
N VAL B 249 -40.78 -6.34 -2.36
CA VAL B 249 -40.42 -7.55 -1.67
C VAL B 249 -39.32 -7.27 -0.64
N PHE B 250 -39.54 -7.67 0.60
CA PHE B 250 -38.60 -7.54 1.70
C PHE B 250 -38.02 -8.93 2.02
N PRO B 251 -36.75 -9.17 1.71
CA PRO B 251 -36.11 -10.43 2.14
C PRO B 251 -35.60 -10.31 3.58
N LEU B 252 -36.18 -11.08 4.48
CA LEU B 252 -35.69 -11.16 5.88
C LEU B 252 -34.65 -12.27 5.96
N ILE B 253 -33.42 -11.85 6.17
CA ILE B 253 -32.27 -12.73 6.33
C ILE B 253 -32.37 -13.36 7.73
N PRO B 254 -32.02 -14.66 7.89
CA PRO B 254 -32.10 -15.28 9.25
C PRO B 254 -31.07 -14.80 10.26
N LEU B 255 -30.87 -13.49 10.35
CA LEU B 255 -30.05 -12.85 11.34
C LEU B 255 -31.00 -12.09 12.25
N THR B 256 -31.14 -12.54 13.50
CA THR B 256 -32.14 -11.96 14.43
C THR B 256 -31.52 -11.09 15.50
N VAL B 257 -32.32 -10.22 16.05
CA VAL B 257 -31.87 -9.26 17.01
C VAL B 257 -32.38 -9.61 18.39
N ASP B 258 -31.53 -9.44 19.41
CA ASP B 258 -31.92 -9.59 20.82
C ASP B 258 -31.35 -8.45 21.67
N VAL B 259 -32.23 -7.58 22.16
CA VAL B 259 -31.71 -6.39 22.88
C VAL B 259 -30.96 -6.75 24.19
N GLU B 260 -31.40 -7.84 24.83
CA GLU B 260 -30.74 -8.28 26.07
C GLU B 260 -29.33 -8.70 25.79
N ARG B 261 -29.12 -9.47 24.72
CA ARG B 261 -27.76 -9.85 24.32
C ARG B 261 -26.89 -8.58 24.12
N MET B 262 -27.47 -7.58 23.45
CA MET B 262 -26.76 -6.32 23.22
C MET B 262 -26.42 -5.58 24.52
N LYS B 263 -27.38 -5.51 25.45
CA LYS B 263 -27.09 -4.87 26.76
C LYS B 263 -25.98 -5.53 27.48
N ASN B 264 -25.78 -6.83 27.24
CA ASN B 264 -24.63 -7.56 27.78
C ASN B 264 -23.37 -7.49 26.96
N GLY B 265 -23.33 -6.64 25.94
CA GLY B 265 -22.11 -6.47 25.19
C GLY B 265 -21.98 -7.31 23.97
N GLY B 266 -23.01 -8.09 23.67
CA GLY B 266 -22.95 -9.04 22.57
C GLY B 266 -23.35 -8.43 21.20
N PRO B 267 -23.30 -9.25 20.16
CA PRO B 267 -23.50 -8.71 18.79
C PRO B 267 -24.96 -8.33 18.54
N HIS B 268 -25.17 -7.36 17.64
CA HIS B 268 -26.56 -6.92 17.33
C HIS B 268 -27.38 -8.04 16.72
N PHE B 269 -26.78 -8.85 15.84
CA PHE B 269 -27.44 -9.91 15.16
C PHE B 269 -26.83 -11.28 15.50
N GLN B 270 -27.64 -12.32 15.32
CA GLN B 270 -27.21 -13.68 15.46
C GLN B 270 -27.83 -14.61 14.43
N TRP B 271 -27.01 -15.39 13.75
CA TRP B 271 -27.50 -16.35 12.75
C TRP B 271 -28.32 -17.44 13.38
N GLN B 272 -29.45 -17.77 12.76
CA GLN B 272 -30.36 -18.80 13.15
C GLN B 272 -30.37 -19.82 12.03
N PRO B 273 -29.71 -20.98 12.23
CA PRO B 273 -29.61 -21.95 11.12
C PRO B 273 -30.87 -22.76 10.81
N ASP B 274 -31.91 -22.61 11.61
CA ASP B 274 -33.13 -23.41 11.49
C ASP B 274 -34.32 -22.47 11.27
N LEU B 275 -34.09 -21.32 10.66
CA LEU B 275 -35.13 -20.32 10.42
C LEU B 275 -35.25 -20.14 8.91
N PRO B 276 -36.42 -20.38 8.35
CA PRO B 276 -36.56 -20.17 6.92
C PRO B 276 -36.21 -18.70 6.50
N GLN B 277 -35.58 -18.59 5.34
CA GLN B 277 -35.53 -17.33 4.63
C GLN B 277 -37.00 -16.92 4.49
N LEU B 278 -37.31 -15.68 4.81
CA LEU B 278 -38.66 -15.20 4.75
C LEU B 278 -38.74 -13.99 3.77
N PHE B 279 -39.84 -13.88 3.05
CA PHE B 279 -40.11 -12.75 2.17
C PHE B 279 -41.48 -12.17 2.42
N ALA B 280 -41.56 -10.86 2.63
CA ALA B 280 -42.83 -10.14 2.61
C ALA B 280 -43.03 -9.52 1.21
N VAL B 281 -44.19 -9.71 0.60
CA VAL B 281 -44.49 -9.23 -0.72
C VAL B 281 -45.76 -8.43 -0.60
N VAL B 282 -45.72 -7.18 -1.04
CA VAL B 282 -46.83 -6.31 -0.90
C VAL B 282 -47.02 -5.45 -2.12
N PRO B 283 -48.27 -5.16 -2.50
CA PRO B 283 -48.39 -4.21 -3.61
C PRO B 283 -47.85 -2.84 -3.24
N ARG B 284 -47.25 -2.23 -4.22
CA ARG B 284 -46.51 -1.00 -4.02
C ARG B 284 -47.38 0.14 -3.58
N ASN B 285 -48.64 0.12 -3.96
CA ASN B 285 -49.66 1.09 -3.51
C ASN B 285 -50.65 0.50 -2.55
N GLY B 286 -50.25 -0.56 -1.85
CA GLY B 286 -51.10 -1.31 -0.97
C GLY B 286 -51.16 -0.85 0.46
N ARG B 287 -51.68 -1.76 1.28
CA ARG B 287 -51.83 -1.56 2.72
CA ARG B 287 -51.87 -1.57 2.72
C ARG B 287 -51.28 -2.76 3.45
N ALA B 288 -51.11 -2.59 4.74
CA ALA B 288 -50.53 -3.66 5.58
C ALA B 288 -51.27 -4.96 5.47
N GLN B 289 -52.59 -4.94 5.36
CA GLN B 289 -53.31 -6.19 5.27
C GLN B 289 -53.07 -6.95 3.94
N ASP B 290 -52.49 -6.32 2.94
CA ASP B 290 -52.20 -6.98 1.66
C ASP B 290 -50.86 -7.73 1.68
N VAL B 291 -50.10 -7.62 2.75
CA VAL B 291 -48.78 -8.25 2.82
C VAL B 291 -48.98 -9.74 2.76
N ARG B 292 -48.21 -10.43 1.92
CA ARG B 292 -48.18 -11.89 1.94
C ARG B 292 -46.76 -12.34 2.28
N TRP B 293 -46.67 -13.41 3.05
CA TRP B 293 -45.41 -13.98 3.50
C TRP B 293 -45.06 -15.28 2.78
N PHE B 294 -43.82 -15.40 2.35
CA PHE B 294 -43.37 -16.59 1.69
C PHE B 294 -42.14 -17.09 2.42
N LYS B 295 -41.99 -18.41 2.43
CA LYS B 295 -40.88 -19.06 3.13
C LYS B 295 -40.00 -19.82 2.17
N GLY B 296 -38.71 -19.59 2.31
CA GLY B 296 -37.73 -20.33 1.59
C GLY B 296 -36.94 -21.27 2.49
N PRO B 297 -35.91 -21.89 1.96
CA PRO B 297 -35.09 -22.82 2.75
C PRO B 297 -34.42 -22.20 3.96
N MET B 298 -34.15 -23.08 4.92
CA MET B 298 -33.37 -22.74 6.07
C MET B 298 -31.90 -22.71 5.74
N ASP B 299 -31.15 -22.04 6.61
CA ASP B 299 -29.70 -21.99 6.55
C ASP B 299 -29.14 -21.50 5.19
N GLY B 300 -29.80 -20.48 4.70
CA GLY B 300 -29.41 -19.83 3.46
C GLY B 300 -29.57 -18.34 3.66
N PHE B 301 -28.88 -17.54 2.86
CA PHE B 301 -29.11 -16.12 2.97
C PHE B 301 -29.11 -15.35 1.65
N GLN B 302 -30.05 -14.43 1.65
CA GLN B 302 -30.37 -13.64 0.49
C GLN B 302 -29.28 -12.58 0.31
N GLY B 303 -28.60 -12.58 -0.86
CA GLY B 303 -27.64 -11.49 -1.17
C GLY B 303 -28.36 -10.27 -1.80
N HIS B 304 -27.57 -9.42 -2.49
CA HIS B 304 -28.06 -8.21 -3.05
C HIS B 304 -28.98 -8.45 -4.23
N THR B 305 -29.99 -7.63 -4.37
CA THR B 305 -30.87 -7.65 -5.55
C THR B 305 -30.16 -7.27 -6.83
N LEU B 306 -30.16 -8.15 -7.82
CA LEU B 306 -29.70 -7.75 -9.17
C LEU B 306 -30.83 -6.90 -9.80
N ASN B 307 -31.99 -7.47 -9.91
CA ASN B 307 -33.17 -6.77 -10.39
C ASN B 307 -34.39 -7.61 -10.05
N ALA B 308 -35.57 -7.03 -10.22
CA ALA B 308 -36.86 -7.75 -9.99
C ALA B 308 -37.89 -7.16 -10.89
N PHE B 309 -38.89 -7.94 -11.24
CA PHE B 309 -39.99 -7.45 -12.01
C PHE B 309 -41.20 -8.31 -11.75
N ASP B 310 -42.36 -7.85 -12.22
CA ASP B 310 -43.56 -8.64 -12.00
C ASP B 310 -44.36 -8.72 -13.28
N GLU B 311 -45.09 -9.81 -13.41
CA GLU B 311 -45.91 -10.00 -14.59
C GLU B 311 -47.09 -10.92 -14.19
N ASP B 312 -48.29 -10.47 -14.47
CA ASP B 312 -49.53 -11.23 -14.16
C ASP B 312 -49.62 -11.82 -12.78
N GLY B 313 -49.36 -11.04 -11.76
CA GLY B 313 -49.42 -11.58 -10.41
C GLY B 313 -48.28 -12.47 -9.93
N LYS B 314 -47.21 -12.55 -10.71
CA LYS B 314 -46.01 -13.25 -10.27
C LYS B 314 -44.86 -12.25 -10.20
N VAL B 315 -44.16 -12.32 -9.11
CA VAL B 315 -43.06 -11.44 -8.84
C VAL B 315 -41.75 -12.27 -8.92
N TYR B 316 -40.78 -11.77 -9.69
CA TYR B 316 -39.54 -12.44 -9.87
C TYR B 316 -38.42 -11.59 -9.28
N VAL B 317 -37.53 -12.18 -8.48
CA VAL B 317 -36.44 -11.42 -7.84
C VAL B 317 -35.16 -12.22 -8.04
N ASP B 318 -34.17 -11.56 -8.65
CA ASP B 318 -32.87 -12.15 -8.91
C ASP B 318 -31.85 -11.63 -7.94
N MET B 319 -31.12 -12.56 -7.34
CA MET B 319 -30.10 -12.21 -6.34
C MET B 319 -29.14 -13.41 -6.14
N PRO B 320 -27.95 -13.17 -5.67
CA PRO B 320 -27.12 -14.25 -5.08
C PRO B 320 -27.84 -14.79 -3.87
N VAL B 321 -27.72 -16.10 -3.70
CA VAL B 321 -28.13 -16.79 -2.50
C VAL B 321 -26.97 -17.69 -2.06
N THR B 322 -26.64 -17.63 -0.80
CA THR B 322 -25.50 -18.38 -0.28
C THR B 322 -26.06 -19.41 0.71
N GLY B 323 -25.56 -20.63 0.63
CA GLY B 323 -26.12 -21.70 1.49
C GLY B 323 -25.50 -21.79 2.91
N GLY B 324 -25.43 -20.69 3.64
CA GLY B 324 -25.05 -20.64 5.04
C GLY B 324 -24.58 -19.27 5.46
N ASN B 325 -24.14 -19.13 6.69
CA ASN B 325 -23.80 -17.86 7.28
C ASN B 325 -22.40 -17.41 6.80
N ILE B 326 -22.35 -16.36 6.01
CA ILE B 326 -21.09 -15.69 5.60
C ILE B 326 -20.63 -14.59 6.58
N PHE B 327 -21.49 -14.24 7.53
CA PHE B 327 -21.23 -13.18 8.50
C PHE B 327 -20.62 -13.79 9.74
N TYR B 328 -19.30 -13.98 9.70
CA TYR B 328 -18.54 -14.53 10.84
C TYR B 328 -18.72 -13.70 12.13
N PHE B 329 -19.04 -12.39 12.05
CA PHE B 329 -19.21 -11.48 13.23
C PHE B 329 -20.61 -11.50 13.76
N PHE B 330 -21.50 -12.28 13.13
CA PHE B 330 -22.80 -12.59 13.69
C PHE B 330 -22.99 -14.09 13.82
N PRO B 331 -22.14 -14.74 14.64
CA PRO B 331 -22.22 -16.23 14.70
C PRO B 331 -23.49 -16.68 15.33
N GLN B 332 -23.86 -17.89 15.00
CA GLN B 332 -24.94 -18.56 15.71
C GLN B 332 -24.65 -18.76 17.19
N ALA B 333 -25.69 -19.11 17.94
CA ALA B 333 -25.64 -19.21 19.44
C ALA B 333 -24.46 -20.09 19.93
N ASP B 334 -24.35 -21.28 19.36
CA ASP B 334 -23.20 -22.19 19.30
C ASP B 334 -21.75 -21.58 19.24
N GLY B 335 -21.63 -20.43 18.58
CA GLY B 335 -20.35 -19.79 18.22
C GLY B 335 -19.80 -20.30 16.88
N HIS B 336 -20.36 -21.36 16.32
CA HIS B 336 -19.85 -21.94 15.09
C HIS B 336 -20.13 -21.04 13.85
N VAL B 337 -19.14 -20.99 12.96
CA VAL B 337 -19.23 -20.26 11.73
C VAL B 337 -18.69 -21.20 10.67
N PRO B 338 -19.42 -21.37 9.56
CA PRO B 338 -18.88 -22.30 8.58
C PRO B 338 -17.68 -21.72 7.83
N PRO B 339 -16.78 -22.57 7.31
CA PRO B 339 -15.64 -22.03 6.50
C PRO B 339 -16.19 -21.47 5.20
N PRO B 340 -15.91 -20.17 4.91
CA PRO B 340 -16.64 -19.52 3.79
C PRO B 340 -16.53 -20.34 2.47
N GLU B 341 -15.37 -20.94 2.27
CA GLU B 341 -15.05 -21.80 1.10
C GLU B 341 -16.01 -23.00 0.89
N THR B 342 -16.55 -23.55 1.97
CA THR B 342 -17.63 -24.57 1.99
C THR B 342 -18.96 -24.19 1.34
N LEU B 343 -19.32 -22.92 1.38
CA LEU B 343 -20.72 -22.49 1.14
C LEU B 343 -21.02 -22.33 -0.34
N ALA B 344 -22.03 -23.02 -0.83
CA ALA B 344 -22.45 -22.90 -2.22
C ALA B 344 -23.11 -21.49 -2.36
N ALA B 345 -22.76 -20.78 -3.42
CA ALA B 345 -23.40 -19.52 -3.77
C ALA B 345 -23.53 -19.44 -5.30
N CYS B 346 -24.61 -18.88 -5.77
CA CYS B 346 -24.77 -18.56 -7.19
C CYS B 346 -25.91 -17.53 -7.30
N LEU B 347 -26.06 -16.93 -8.47
CA LEU B 347 -27.18 -16.06 -8.76
C LEU B 347 -28.44 -16.93 -8.91
N MET B 348 -29.51 -16.54 -8.24
CA MET B 348 -30.78 -17.28 -8.25
C MET B 348 -31.97 -16.39 -8.55
N ARG B 349 -33.02 -17.03 -9.03
CA ARG B 349 -34.29 -16.33 -9.23
C ARG B 349 -35.27 -16.93 -8.23
N TRP B 350 -35.91 -16.04 -7.50
CA TRP B 350 -37.10 -16.41 -6.70
C TRP B 350 -38.36 -16.02 -7.48
N THR B 351 -39.42 -16.82 -7.40
CA THR B 351 -40.70 -16.59 -8.00
C THR B 351 -41.80 -16.62 -6.93
N PHE B 352 -42.50 -15.52 -6.74
CA PHE B 352 -43.59 -15.36 -5.72
C PHE B 352 -44.89 -15.28 -6.53
N ASP B 353 -45.66 -16.37 -6.54
CA ASP B 353 -46.93 -16.42 -7.24
C ASP B 353 -48.05 -15.96 -6.36
N LEU B 354 -48.49 -14.72 -6.58
CA LEU B 354 -49.56 -14.17 -5.72
C LEU B 354 -50.94 -14.76 -6.07
N ASN B 355 -51.03 -15.45 -7.18
CA ASN B 355 -52.28 -16.13 -7.66
C ASN B 355 -52.50 -17.48 -7.01
N SER B 356 -51.53 -17.98 -6.25
CA SER B 356 -51.65 -19.23 -5.56
C SER B 356 -51.57 -18.91 -4.05
N GLY B 357 -52.23 -19.71 -3.23
CA GLY B 357 -52.17 -19.59 -1.80
C GLY B 357 -50.96 -20.28 -1.19
N ARG B 358 -50.22 -21.07 -1.97
CA ARG B 358 -48.93 -21.61 -1.54
C ARG B 358 -47.94 -20.54 -1.05
N ASP B 359 -47.24 -20.90 -0.01
CA ASP B 359 -46.36 -19.97 0.66
C ASP B 359 -44.88 -20.44 0.64
N GLU B 360 -44.55 -21.62 0.11
CA GLU B 360 -43.19 -22.15 0.08
C GLU B 360 -42.51 -21.78 -1.21
N VAL B 361 -41.29 -21.31 -1.19
CA VAL B 361 -40.53 -20.99 -2.42
C VAL B 361 -39.18 -21.65 -2.36
N GLU B 362 -38.73 -22.07 -3.50
CA GLU B 362 -37.38 -22.53 -3.70
C GLU B 362 -36.69 -21.69 -4.80
N PRO B 363 -35.46 -21.31 -4.56
CA PRO B 363 -34.75 -20.48 -5.53
C PRO B 363 -34.20 -21.34 -6.67
N GLN B 364 -34.17 -20.80 -7.90
CA GLN B 364 -33.71 -21.51 -9.09
C GLN B 364 -32.45 -20.85 -9.60
N PRO B 365 -31.43 -21.64 -9.92
CA PRO B 365 -30.15 -21.02 -10.32
C PRO B 365 -30.19 -20.37 -11.67
N LEU B 366 -29.52 -19.24 -11.77
CA LEU B 366 -29.32 -18.53 -13.02
C LEU B 366 -27.87 -18.57 -13.43
N THR B 367 -26.96 -18.80 -12.49
CA THR B 367 -25.56 -18.99 -12.80
C THR B 367 -25.14 -20.24 -12.10
N ASP B 368 -24.03 -20.78 -12.55
CA ASP B 368 -23.45 -21.91 -11.82
C ASP B 368 -22.14 -21.48 -11.19
N TYR B 369 -21.93 -20.18 -10.99
CA TYR B 369 -20.72 -19.69 -10.32
C TYR B 369 -21.19 -18.69 -9.21
N PRO B 370 -20.42 -18.55 -8.16
CA PRO B 370 -20.69 -17.54 -7.16
C PRO B 370 -20.44 -16.17 -7.66
N CYS B 371 -21.23 -15.24 -7.16
CA CYS B 371 -21.13 -13.85 -7.56
C CYS B 371 -21.71 -12.93 -6.50
N GLU B 372 -21.42 -11.64 -6.62
CA GLU B 372 -21.95 -10.60 -5.74
C GLU B 372 -21.80 -9.26 -6.38
N PHE B 373 -22.16 -8.23 -5.65
CA PHE B 373 -22.16 -6.86 -6.15
C PHE B 373 -22.79 -6.71 -7.53
N PRO B 374 -24.02 -7.21 -7.70
CA PRO B 374 -24.72 -7.13 -8.95
C PRO B 374 -25.13 -5.73 -9.34
N ARG B 375 -25.16 -5.45 -10.63
CA ARG B 375 -25.59 -4.16 -11.11
C ARG B 375 -26.45 -4.38 -12.35
N CYS B 376 -27.67 -3.86 -12.38
CA CYS B 376 -28.42 -3.88 -13.66
C CYS B 376 -28.38 -2.46 -14.25
N ASP B 377 -28.86 -2.33 -15.45
CA ASP B 377 -28.95 -1.03 -16.14
C ASP B 377 -30.01 -0.22 -15.34
N ASP B 378 -29.67 0.98 -14.88
CA ASP B 378 -30.57 1.79 -14.10
C ASP B 378 -31.93 2.04 -14.77
N ARG B 379 -31.94 2.04 -16.09
CA ARG B 379 -33.16 2.32 -16.83
C ARG B 379 -34.17 1.17 -16.79
N TYR B 380 -33.75 0.01 -16.29
CA TYR B 380 -34.54 -1.22 -16.22
C TYR B 380 -34.84 -1.68 -14.80
N ILE B 381 -34.54 -0.84 -13.81
CA ILE B 381 -34.84 -1.22 -12.45
C ILE B 381 -36.32 -1.49 -12.28
N GLY B 382 -36.68 -2.66 -11.78
CA GLY B 382 -38.10 -2.88 -11.56
C GLY B 382 -38.88 -3.41 -12.78
N ARG B 383 -38.21 -3.60 -13.90
CA ARG B 383 -38.86 -3.98 -15.12
C ARG B 383 -38.25 -5.24 -15.67
N GLN B 384 -38.97 -5.80 -16.63
CA GLN B 384 -38.45 -6.97 -17.34
C GLN B 384 -37.12 -6.57 -17.96
N TYR B 385 -36.17 -7.47 -17.89
CA TYR B 385 -34.80 -7.13 -18.23
C TYR B 385 -34.10 -8.41 -18.63
N ALA B 386 -32.94 -8.26 -19.24
CA ALA B 386 -32.19 -9.40 -19.78
C ALA B 386 -30.70 -9.37 -19.53
N HIS B 387 -30.16 -8.45 -18.75
CA HIS B 387 -28.73 -8.32 -18.56
C HIS B 387 -28.36 -7.94 -17.12
N GLY B 388 -27.22 -8.41 -16.64
CA GLY B 388 -26.66 -8.01 -15.35
C GLY B 388 -25.15 -8.01 -15.38
N PHE B 389 -24.55 -7.10 -14.59
CA PHE B 389 -23.14 -7.07 -14.41
C PHE B 389 -22.89 -7.58 -13.02
N LEU B 390 -21.81 -8.33 -12.85
CA LEU B 390 -21.60 -8.99 -11.61
C LEU B 390 -20.13 -9.01 -11.33
N LEU B 391 -19.76 -9.14 -10.08
CA LEU B 391 -18.44 -9.58 -9.71
C LEU B 391 -18.50 -11.06 -9.41
N ALA B 392 -17.47 -11.78 -9.77
CA ALA B 392 -17.37 -13.19 -9.49
C ALA B 392 -16.01 -13.62 -9.06
N PHE B 393 -15.95 -14.77 -8.41
CA PHE B 393 -14.69 -15.35 -7.92
C PHE B 393 -14.56 -16.73 -8.56
N ASP B 394 -13.50 -16.92 -9.31
CA ASP B 394 -13.18 -18.21 -9.92
C ASP B 394 -11.90 -18.70 -9.21
N PRO B 395 -12.03 -19.68 -8.32
CA PRO B 395 -10.86 -20.19 -7.58
C PRO B 395 -9.80 -20.87 -8.42
N GLU B 396 -10.14 -21.29 -9.64
CA GLU B 396 -9.20 -21.97 -10.56
C GLU B 396 -8.30 -21.00 -11.31
N ARG B 397 -8.56 -19.69 -11.31
CA ARG B 397 -7.66 -18.74 -11.98
C ARG B 397 -6.38 -18.64 -11.18
N PRO B 398 -5.29 -18.31 -11.87
CA PRO B 398 -4.04 -18.02 -11.19
C PRO B 398 -4.15 -16.93 -10.11
N TYR B 399 -3.41 -17.08 -9.02
CA TYR B 399 -3.42 -16.15 -7.87
C TYR B 399 -2.01 -15.95 -7.39
N ASN B 400 -1.46 -14.77 -7.57
CA ASN B 400 -0.11 -14.46 -7.17
C ASN B 400 0.03 -14.64 -5.64
N PRO B 401 0.93 -15.52 -5.16
CA PRO B 401 1.01 -15.66 -3.68
C PRO B 401 1.52 -14.38 -2.95
N ALA B 402 2.21 -13.48 -3.62
CA ALA B 402 2.51 -12.13 -3.05
C ALA B 402 1.25 -11.25 -2.83
N ASN B 403 0.08 -11.72 -3.23
CA ASN B 403 -1.15 -11.06 -2.84
C ASN B 403 -1.42 -11.22 -1.35
N GLY B 404 -0.78 -12.18 -0.67
CA GLY B 404 -1.16 -12.49 0.70
C GLY B 404 -2.30 -13.49 0.69
N PRO B 405 -2.85 -13.80 1.88
CA PRO B 405 -4.00 -14.74 1.87
C PRO B 405 -5.19 -14.08 1.24
N ILE B 406 -6.14 -14.90 0.81
CA ILE B 406 -7.25 -14.43 0.01
C ILE B 406 -8.16 -13.61 0.89
N PRO B 407 -8.38 -12.33 0.52
CA PRO B 407 -9.13 -11.51 1.44
C PRO B 407 -10.60 -11.74 1.33
N PHE B 408 -11.33 -11.25 2.32
CA PHE B 408 -12.74 -11.13 2.28
C PHE B 408 -13.19 -10.24 1.06
N GLN B 409 -14.31 -10.62 0.45
CA GLN B 409 -14.89 -9.95 -0.73
C GLN B 409 -13.86 -9.86 -1.91
N PHE B 410 -13.10 -10.92 -2.13
CA PHE B 410 -12.17 -10.99 -3.24
C PHE B 410 -12.93 -11.49 -4.54
N PHE B 411 -12.92 -10.71 -5.59
CA PHE B 411 -13.64 -11.04 -6.82
C PHE B 411 -12.67 -10.77 -7.96
N ASN B 412 -12.30 -11.87 -8.67
CA ASN B 412 -11.29 -11.76 -9.69
C ASN B 412 -11.87 -11.75 -11.09
N LEU B 413 -13.18 -11.64 -11.23
CA LEU B 413 -13.82 -11.48 -12.55
C LEU B 413 -14.87 -10.38 -12.55
N LEU B 414 -14.89 -9.62 -13.63
CA LEU B 414 -15.94 -8.62 -13.86
C LEU B 414 -16.75 -9.16 -14.97
N VAL B 415 -18.04 -9.38 -14.76
CA VAL B 415 -18.86 -10.20 -15.68
C VAL B 415 -20.05 -9.44 -16.25
N HIS B 416 -20.33 -9.65 -17.55
CA HIS B 416 -21.61 -9.26 -18.13
C HIS B 416 -22.36 -10.57 -18.38
N LEU B 417 -23.44 -10.79 -17.67
CA LEU B 417 -24.37 -11.94 -17.84
C LEU B 417 -25.54 -11.52 -18.70
N ASN B 418 -25.74 -12.27 -19.78
CA ASN B 418 -26.85 -12.08 -20.70
C ASN B 418 -27.90 -13.12 -20.24
N LEU B 419 -28.97 -12.64 -19.62
CA LEU B 419 -30.03 -13.54 -19.14
C LEU B 419 -30.91 -14.09 -20.24
N LYS B 420 -30.91 -13.47 -21.40
CA LYS B 420 -31.71 -14.03 -22.55
C LYS B 420 -31.04 -15.30 -23.08
N THR B 421 -29.74 -15.23 -23.30
CA THR B 421 -29.00 -16.33 -23.82
C THR B 421 -28.39 -17.22 -22.76
N GLY B 422 -28.32 -16.73 -21.53
CA GLY B 422 -27.74 -17.47 -20.42
C GLY B 422 -26.21 -17.46 -20.40
N LEU B 423 -25.58 -16.81 -21.35
CA LEU B 423 -24.09 -16.83 -21.45
C LEU B 423 -23.44 -15.61 -20.78
N SER B 424 -22.25 -15.82 -20.30
CA SER B 424 -21.45 -14.82 -19.55
C SER B 424 -20.20 -14.38 -20.33
N ASP B 425 -19.81 -13.14 -20.21
CA ASP B 425 -18.61 -12.61 -20.86
C ASP B 425 -17.87 -11.96 -19.70
N ALA B 426 -16.69 -12.47 -19.33
CA ALA B 426 -15.96 -11.99 -18.17
C ALA B 426 -14.56 -11.47 -18.47
N TRP B 427 -14.10 -10.48 -17.71
CA TRP B 427 -12.74 -10.01 -17.78
C TRP B 427 -12.00 -10.44 -16.52
N PHE B 428 -10.87 -11.14 -16.71
CA PHE B 428 -9.91 -11.49 -15.63
C PHE B 428 -8.76 -10.54 -15.70
N PRO B 429 -8.42 -9.85 -14.61
CA PRO B 429 -7.43 -8.78 -14.73
C PRO B 429 -5.99 -9.24 -14.45
N GLY B 430 -5.74 -10.54 -14.43
CA GLY B 430 -4.43 -11.04 -14.08
C GLY B 430 -4.45 -11.59 -12.67
N ASP B 431 -3.35 -12.20 -12.27
CA ASP B 431 -3.24 -12.89 -11.01
C ASP B 431 -3.07 -11.97 -9.77
N SER B 432 -3.03 -10.66 -9.94
CA SER B 432 -2.88 -9.77 -8.78
C SER B 432 -3.89 -8.68 -8.73
N GLY B 433 -5.05 -8.97 -9.27
CA GLY B 433 -6.12 -7.99 -9.43
C GLY B 433 -7.44 -8.48 -8.86
N CYS B 434 -8.21 -7.53 -8.30
CA CYS B 434 -9.60 -7.82 -7.96
C CYS B 434 -10.41 -6.52 -8.02
N PHE B 435 -11.71 -6.68 -7.94
CA PHE B 435 -12.62 -5.59 -8.28
C PHE B 435 -13.45 -5.09 -7.10
N GLN B 436 -13.91 -3.85 -7.27
CA GLN B 436 -14.97 -3.28 -6.44
C GLN B 436 -16.21 -3.14 -7.27
N GLU B 437 -17.30 -2.82 -6.60
CA GLU B 437 -18.60 -2.84 -7.24
C GLU B 437 -18.68 -2.01 -8.53
N PRO B 438 -19.23 -2.58 -9.58
CA PRO B 438 -19.27 -1.81 -10.86
C PRO B 438 -20.51 -0.92 -10.99
N ILE B 439 -20.40 0.09 -11.84
CA ILE B 439 -21.54 0.78 -12.40
C ILE B 439 -21.61 0.55 -13.90
N PHE B 440 -22.76 0.86 -14.46
CA PHE B 440 -23.00 0.80 -15.89
C PHE B 440 -23.40 2.20 -16.39
N ILE B 441 -22.83 2.58 -17.51
CA ILE B 441 -23.10 3.87 -18.14
C ILE B 441 -23.63 3.60 -19.58
N PRO B 442 -24.85 4.02 -19.91
CA PRO B 442 -25.32 3.74 -21.28
C PRO B 442 -24.48 4.42 -22.36
N ARG B 443 -24.31 3.78 -23.49
CA ARG B 443 -23.51 4.34 -24.61
C ARG B 443 -24.11 5.63 -25.11
N SER B 444 -25.42 5.78 -25.07
CA SER B 444 -26.12 6.97 -25.47
C SER B 444 -27.47 6.85 -24.86
N ALA B 445 -28.27 7.91 -24.95
CA ALA B 445 -29.65 7.90 -24.46
C ALA B 445 -30.53 6.87 -25.26
N ASP B 446 -30.14 6.61 -26.50
CA ASP B 446 -30.75 5.57 -27.35
C ASP B 446 -30.49 4.12 -26.96
N ALA B 447 -29.47 3.87 -26.17
CA ALA B 447 -28.83 2.59 -26.24
C ALA B 447 -29.76 1.52 -25.69
N GLU B 448 -29.63 0.36 -26.27
CA GLU B 448 -30.26 -0.85 -25.85
C GLU B 448 -29.88 -1.14 -24.39
N GLU B 449 -30.66 -2.02 -23.75
CA GLU B 449 -30.35 -2.41 -22.38
C GLU B 449 -28.90 -2.93 -22.27
N ALA B 450 -28.17 -2.39 -21.31
CA ALA B 450 -26.83 -2.84 -20.96
C ALA B 450 -25.80 -2.65 -22.07
N ASP B 451 -26.10 -1.72 -22.97
CA ASP B 451 -25.16 -1.44 -24.06
C ASP B 451 -24.43 -0.15 -23.73
N GLY B 452 -23.18 -0.28 -23.33
CA GLY B 452 -22.44 0.86 -22.86
C GLY B 452 -21.15 0.48 -22.19
N TYR B 453 -20.85 1.18 -21.11
CA TYR B 453 -19.56 1.07 -20.46
C TYR B 453 -19.73 0.57 -19.04
N VAL B 454 -18.79 -0.25 -18.61
CA VAL B 454 -18.84 -0.76 -17.24
C VAL B 454 -17.62 -0.18 -16.57
N VAL B 455 -17.79 0.41 -15.42
CA VAL B 455 -16.76 1.11 -14.74
C VAL B 455 -16.64 0.57 -13.33
N ALA B 456 -15.42 0.27 -12.91
CA ALA B 456 -15.20 -0.27 -11.58
C ALA B 456 -13.78 -0.01 -11.14
N LEU B 457 -13.59 0.08 -9.85
CA LEU B 457 -12.25 0.12 -9.32
C LEU B 457 -11.61 -1.28 -9.44
N LEU B 458 -10.38 -1.28 -9.89
CA LEU B 458 -9.47 -2.43 -9.92
C LEU B 458 -8.38 -2.21 -8.87
N ASN B 459 -8.32 -3.15 -7.94
CA ASN B 459 -7.33 -3.17 -6.88
C ASN B 459 -6.17 -4.06 -7.38
N LEU B 460 -5.00 -3.48 -7.50
CA LEU B 460 -3.79 -4.23 -7.91
C LEU B 460 -3.10 -4.53 -6.60
N ILE B 461 -3.41 -5.69 -6.08
CA ILE B 461 -3.18 -5.92 -4.68
C ILE B 461 -1.75 -6.28 -4.29
N ALA B 462 -0.96 -6.73 -5.25
CA ALA B 462 0.46 -6.98 -4.97
C ALA B 462 1.18 -5.63 -4.97
N GLU B 463 0.76 -4.68 -5.81
CA GLU B 463 1.43 -3.38 -5.84
C GLU B 463 0.84 -2.40 -4.88
N GLU B 464 -0.30 -2.73 -4.25
CA GLU B 464 -1.09 -1.74 -3.51
C GLU B 464 -1.39 -0.44 -4.31
N ARG B 465 -1.83 -0.61 -5.55
CA ARG B 465 -2.19 0.49 -6.43
C ARG B 465 -3.69 0.28 -6.79
N SER B 466 -4.32 1.33 -7.32
CA SER B 466 -5.66 1.32 -7.77
C SER B 466 -5.81 1.99 -9.10
N GLU B 467 -6.67 1.43 -9.94
CA GLU B 467 -7.13 2.05 -11.17
C GLU B 467 -8.61 2.05 -11.24
N LEU B 468 -9.18 3.03 -11.92
CA LEU B 468 -10.57 2.94 -12.29
C LEU B 468 -10.65 2.47 -13.73
N VAL B 469 -11.15 1.27 -13.97
CA VAL B 469 -11.19 0.69 -15.32
C VAL B 469 -12.52 0.95 -16.02
N VAL B 470 -12.46 1.13 -17.32
CA VAL B 470 -13.62 1.31 -18.15
C VAL B 470 -13.66 0.22 -19.23
N LEU B 471 -14.68 -0.62 -19.22
CA LEU B 471 -14.84 -1.71 -20.20
C LEU B 471 -16.05 -1.44 -21.09
N ASP B 472 -16.02 -2.04 -22.29
CA ASP B 472 -17.12 -1.98 -23.22
C ASP B 472 -17.96 -3.22 -22.98
N SER B 473 -19.27 -3.03 -22.71
CA SER B 473 -20.16 -4.15 -22.36
C SER B 473 -20.29 -5.19 -23.45
N ARG B 474 -20.04 -4.77 -24.70
CA ARG B 474 -20.09 -5.68 -25.87
C ARG B 474 -18.97 -6.66 -25.89
N ASP B 475 -17.88 -6.38 -25.20
CA ASP B 475 -16.73 -7.26 -25.20
C ASP B 475 -15.90 -7.08 -23.95
N MET B 476 -16.35 -7.75 -22.88
CA MET B 476 -15.67 -7.64 -21.59
C MET B 476 -14.36 -8.38 -21.65
N ALA B 477 -14.29 -9.54 -22.32
CA ALA B 477 -13.04 -10.36 -22.26
C ALA B 477 -11.82 -9.65 -22.83
N SER B 478 -12.08 -8.73 -23.73
CA SER B 478 -10.99 -7.89 -24.24
C SER B 478 -10.37 -6.90 -23.23
N GLY B 479 -10.98 -6.71 -22.07
CA GLY B 479 -10.43 -5.83 -21.06
C GLY B 479 -10.72 -4.36 -21.28
N PRO B 480 -10.11 -3.52 -20.43
CA PRO B 480 -10.42 -2.11 -20.39
C PRO B 480 -10.18 -1.39 -21.72
N ILE B 481 -11.09 -0.53 -22.12
CA ILE B 481 -10.78 0.41 -23.19
C ILE B 481 -9.95 1.57 -22.58
N ALA B 482 -10.04 1.79 -21.27
CA ALA B 482 -9.35 2.86 -20.57
C ALA B 482 -9.04 2.47 -19.16
N ARG B 483 -7.87 2.82 -18.68
CA ARG B 483 -7.48 2.60 -17.29
C ARG B 483 -7.09 3.92 -16.67
N ILE B 484 -7.86 4.35 -15.70
CA ILE B 484 -7.63 5.63 -15.05
C ILE B 484 -6.75 5.42 -13.78
N ARG B 485 -5.52 5.94 -13.78
CA ARG B 485 -4.61 5.71 -12.69
C ARG B 485 -4.95 6.67 -11.54
N ILE B 486 -4.96 6.13 -10.33
CA ILE B 486 -5.23 6.90 -9.13
C ILE B 486 -3.91 6.94 -8.37
N PRO B 487 -3.50 8.10 -7.88
CA PRO B 487 -2.16 8.19 -7.32
C PRO B 487 -2.04 7.77 -5.86
N PHE B 488 -3.12 7.29 -5.30
CA PHE B 488 -3.11 6.70 -3.96
C PHE B 488 -4.04 5.50 -4.00
N ARG B 489 -3.86 4.62 -3.02
CA ARG B 489 -4.63 3.37 -2.96
C ARG B 489 -6.03 3.60 -2.42
N MET B 490 -7.01 3.07 -3.14
CA MET B 490 -8.40 3.15 -2.71
C MET B 490 -8.65 1.91 -1.87
N ARG B 491 -9.10 2.14 -0.65
CA ARG B 491 -9.57 0.99 0.20
C ARG B 491 -10.79 0.32 -0.43
N MET B 492 -11.02 -0.91 -0.11
CA MET B 492 -12.24 -1.62 -0.52
C MET B 492 -13.42 -0.81 -0.07
N SER B 493 -14.44 -0.78 -0.92
CA SER B 493 -15.62 0.04 -0.73
C SER B 493 -16.83 -0.84 -0.57
N LEU B 494 -17.93 -0.18 -0.35
CA LEU B 494 -19.23 -0.77 -0.48
C LEU B 494 -19.90 -0.25 -1.73
N HIS B 495 -21.07 0.38 -1.63
CA HIS B 495 -21.87 0.63 -2.86
C HIS B 495 -21.65 1.96 -3.47
N GLY B 496 -21.91 2.03 -4.78
CA GLY B 496 -21.79 3.26 -5.49
C GLY B 496 -22.93 3.49 -6.46
N CYS B 497 -22.83 4.54 -7.26
CA CYS B 497 -23.90 4.88 -8.21
C CYS B 497 -23.33 5.77 -9.30
N TRP B 498 -23.99 5.77 -10.45
CA TRP B 498 -23.66 6.68 -11.56
C TRP B 498 -24.69 7.81 -11.60
N ALA B 499 -24.25 9.06 -11.62
CA ALA B 499 -25.11 10.23 -11.70
C ALA B 499 -24.88 10.92 -13.06
N PRO B 500 -25.75 10.70 -14.04
CA PRO B 500 -25.52 11.21 -15.40
C PRO B 500 -25.39 12.70 -15.44
N GLY B 501 -24.50 13.19 -16.24
CA GLY B 501 -24.39 14.56 -16.43
C GLY B 501 -25.28 14.72 -17.74
N SER C 22 54.75 21.44 70.24
CA SER C 22 53.27 21.12 70.17
C SER C 22 52.50 22.19 69.32
N ILE C 23 53.02 22.43 68.10
CA ILE C 23 52.57 23.56 67.30
C ILE C 23 51.20 23.32 66.68
N PRO C 24 50.44 24.39 66.51
CA PRO C 24 49.12 24.22 65.87
C PRO C 24 49.33 24.13 64.33
N PHE C 25 48.36 23.59 63.60
CA PHE C 25 48.34 23.79 62.13
C PHE C 25 48.23 25.29 61.77
N PRO C 26 48.78 25.70 60.66
CA PRO C 26 48.48 27.03 60.15
C PRO C 26 46.99 27.29 59.95
N GLN C 27 46.61 28.54 60.00
CA GLN C 27 45.20 28.96 59.89
C GLN C 27 44.95 29.49 58.48
N THR C 28 45.74 29.06 57.53
CA THR C 28 45.65 29.52 56.17
C THR C 28 44.62 28.67 55.36
N PRO C 29 44.30 29.12 54.16
CA PRO C 29 43.32 28.41 53.35
C PRO C 29 43.66 26.93 53.03
N GLU C 30 44.92 26.61 52.95
CA GLU C 30 45.42 25.27 52.59
C GLU C 30 45.27 24.34 53.78
N PHE C 31 44.93 24.89 54.95
CA PHE C 31 44.64 24.09 56.12
C PHE C 31 43.26 24.30 56.72
N SER C 32 42.35 24.95 55.99
CA SER C 32 41.07 25.36 56.54
C SER C 32 39.89 24.92 55.71
N GLY C 33 38.70 24.97 56.31
CA GLY C 33 37.48 24.79 55.56
C GLY C 33 37.23 23.29 55.38
N ALA C 34 36.09 23.00 54.76
CA ALA C 34 35.69 21.61 54.55
C ALA C 34 36.69 20.85 53.68
N LEU C 35 37.23 21.53 52.68
CA LEU C 35 38.11 20.86 51.77
C LEU C 35 39.49 20.60 52.36
N TYR C 36 40.07 21.55 53.10
CA TYR C 36 41.52 21.50 53.42
C TYR C 36 41.88 21.35 54.87
N LYS C 37 40.91 21.34 55.77
CA LYS C 37 41.25 21.06 57.11
C LYS C 37 41.85 19.63 57.17
N PRO C 38 42.88 19.45 57.98
CA PRO C 38 43.46 18.10 58.08
C PRO C 38 42.45 17.11 58.65
N SER C 39 42.55 15.87 58.26
CA SER C 39 41.68 14.80 58.80
C SER C 39 42.52 13.86 59.64
N ARG C 40 43.43 13.14 58.96
CA ARG C 40 44.42 12.28 59.60
C ARG C 40 43.76 11.03 60.15
N ILE C 41 42.56 10.72 59.66
CA ILE C 41 41.87 9.55 60.18
C ILE C 41 42.25 8.33 59.33
N GLU C 42 42.83 7.34 59.98
CA GLU C 42 43.02 6.03 59.42
C GLU C 42 41.87 5.21 59.99
N ALA C 43 41.09 4.60 59.10
CA ALA C 43 39.83 4.00 59.58
C ALA C 43 39.40 2.80 58.78
N GLU C 44 38.50 2.02 59.40
CA GLU C 44 37.77 0.98 58.73
C GLU C 44 36.29 1.18 59.10
N VAL C 45 35.43 1.30 58.09
CA VAL C 45 33.99 1.33 58.28
C VAL C 45 33.41 0.10 57.51
N PHE C 46 32.85 -0.85 58.23
CA PHE C 46 32.53 -2.17 57.65
C PHE C 46 31.37 -2.14 56.66
N ASP C 47 30.44 -1.21 56.88
CA ASP C 47 29.25 -1.04 56.03
C ASP C 47 28.81 0.41 56.08
N LEU C 48 28.54 0.98 54.90
CA LEU C 48 28.19 2.34 54.79
C LEU C 48 26.70 2.46 54.39
N GLU C 49 26.03 3.46 54.99
CA GLU C 49 24.63 3.73 54.68
C GLU C 49 24.45 4.26 53.30
N ILE C 50 23.43 3.76 52.60
CA ILE C 50 23.15 4.18 51.23
C ILE C 50 21.74 4.76 51.13
N GLU C 51 21.60 5.94 50.58
CA GLU C 51 20.32 6.50 50.22
C GLU C 51 20.16 6.21 48.75
N GLY C 52 19.01 5.68 48.34
CA GLY C 52 18.82 5.28 46.96
C GLY C 52 19.17 3.83 46.80
N VAL C 53 19.54 3.43 45.60
CA VAL C 53 19.77 2.01 45.27
C VAL C 53 21.06 1.87 44.48
N LEU C 54 22.04 1.18 45.08
CA LEU C 54 23.27 0.92 44.42
C LEU C 54 23.11 -0.33 43.58
N PRO C 55 23.38 -0.26 42.28
CA PRO C 55 23.27 -1.47 41.48
C PRO C 55 24.10 -2.59 41.99
N ALA C 56 23.47 -3.76 42.13
CA ALA C 56 24.15 -4.92 42.72
C ALA C 56 25.25 -5.48 41.84
N SER C 57 25.24 -5.18 40.57
CA SER C 57 26.25 -5.74 39.69
C SER C 57 27.62 -4.97 39.80
N ILE C 58 27.67 -3.79 40.40
CA ILE C 58 28.96 -3.08 40.55
C ILE C 58 29.81 -3.86 41.57
N HIS C 59 30.99 -4.26 41.14
CA HIS C 59 31.83 -5.09 41.94
C HIS C 59 33.28 -4.67 41.70
N GLY C 60 33.93 -4.18 42.77
CA GLY C 60 35.37 -3.82 42.69
C GLY C 60 35.63 -2.72 43.75
N THR C 61 36.76 -2.05 43.59
CA THR C 61 37.24 -1.15 44.58
C THR C 61 37.60 0.20 43.91
N PHE C 62 37.10 1.26 44.50
CA PHE C 62 37.46 2.64 44.09
C PHE C 62 38.59 3.06 45.05
N TYR C 63 39.80 3.17 44.54
CA TYR C 63 40.95 3.65 45.34
C TYR C 63 41.16 5.12 45.05
N GLN C 64 41.52 5.86 46.06
CA GLN C 64 41.82 7.28 45.88
C GLN C 64 42.90 7.68 46.88
N VAL C 65 43.78 8.61 46.52
CA VAL C 65 44.74 9.11 47.47
C VAL C 65 44.52 10.61 47.69
N ALA C 66 44.66 11.01 48.94
CA ALA C 66 44.64 12.40 49.33
C ALA C 66 45.89 12.78 50.12
N PRO C 67 46.45 13.95 49.83
CA PRO C 67 47.37 14.53 50.79
C PRO C 67 46.65 14.79 52.10
N ASP C 68 47.25 14.42 53.20
CA ASP C 68 46.62 14.60 54.51
C ASP C 68 47.73 14.69 55.58
N PRO C 69 48.23 15.87 55.87
CA PRO C 69 49.55 15.95 56.62
C PRO C 69 49.44 15.40 58.01
N GLN C 70 50.34 14.53 58.37
CA GLN C 70 50.29 13.91 59.70
C GLN C 70 50.55 14.93 60.80
N TYR C 71 51.47 15.84 60.53
CA TYR C 71 51.83 16.88 61.49
C TYR C 71 51.77 18.26 60.85
N PRO C 72 51.60 19.27 61.72
CA PRO C 72 51.73 20.61 61.21
C PRO C 72 53.14 20.85 60.58
N PRO C 73 53.22 21.58 59.48
CA PRO C 73 54.50 21.66 58.81
C PRO C 73 55.55 22.43 59.66
N MET C 74 56.77 21.91 59.66
CA MET C 74 57.90 22.47 60.43
C MET C 74 58.05 23.99 60.22
N LEU C 75 57.92 24.47 59.00
CA LEU C 75 58.07 25.92 58.71
C LEU C 75 56.85 26.79 58.96
N GLY C 76 55.74 26.22 59.45
CA GLY C 76 54.59 27.02 59.76
C GLY C 76 53.75 27.38 58.56
N THR C 77 54.13 26.88 57.40
CA THR C 77 53.39 27.11 56.19
C THR C 77 53.65 25.96 55.22
N ASP C 78 52.69 25.67 54.31
CA ASP C 78 52.97 24.63 53.32
C ASP C 78 51.81 24.59 52.32
N ILE C 79 51.93 23.74 51.33
CA ILE C 79 50.97 23.70 50.25
C ILE C 79 50.26 22.33 50.27
N PHE C 80 49.07 22.30 49.68
CA PHE C 80 48.22 21.12 49.65
C PHE C 80 48.94 19.91 49.05
N PHE C 81 49.69 20.09 48.01
CA PHE C 81 50.41 19.01 47.33
C PHE C 81 51.51 18.35 48.16
N ASN C 82 51.79 18.90 49.35
CA ASN C 82 52.90 18.37 50.15
C ASN C 82 52.50 17.43 51.29
N GLY C 83 51.20 17.12 51.41
CA GLY C 83 50.75 16.31 52.54
C GLY C 83 50.99 14.82 52.38
N ASP C 84 51.28 14.15 53.47
CA ASP C 84 51.46 12.69 53.50
C ASP C 84 50.27 11.99 52.77
N GLY C 85 50.58 11.04 51.93
CA GLY C 85 49.52 10.31 51.19
C GLY C 85 48.68 9.40 52.06
N MET C 86 47.35 9.61 52.01
CA MET C 86 46.37 8.83 52.67
C MET C 86 45.45 8.18 51.63
N VAL C 87 45.51 6.82 51.56
CA VAL C 87 44.78 6.10 50.57
C VAL C 87 43.48 5.58 51.12
N SER C 88 42.41 5.76 50.35
CA SER C 88 41.09 5.20 50.71
C SER C 88 40.75 4.14 49.66
N GLY C 89 40.14 3.06 50.10
CA GLY C 89 39.55 2.05 49.23
C GLY C 89 38.09 1.83 49.62
N PHE C 90 37.17 2.19 48.73
CA PHE C 90 35.75 1.92 48.90
C PHE C 90 35.51 0.60 48.11
N HIS C 91 35.16 -0.43 48.80
CA HIS C 91 34.91 -1.71 48.19
C HIS C 91 33.40 -1.95 47.99
N PHE C 92 33.01 -2.15 46.76
CA PHE C 92 31.61 -2.32 46.32
C PHE C 92 31.36 -3.80 46.07
N ALA C 93 30.40 -4.37 46.77
CA ALA C 93 30.03 -5.76 46.49
C ALA C 93 28.56 -5.97 46.80
N ASN C 94 27.87 -6.49 45.83
CA ASN C 94 26.45 -6.62 45.76
C ASN C 94 25.52 -5.76 46.64
N GLY C 95 25.63 -4.51 46.34
CA GLY C 95 24.78 -3.49 46.89
C GLY C 95 25.28 -2.85 48.17
N LYS C 96 26.43 -3.29 48.69
CA LYS C 96 27.00 -2.80 49.91
C LYS C 96 28.38 -2.18 49.65
N VAL C 97 28.73 -1.18 50.46
CA VAL C 97 30.03 -0.50 50.27
C VAL C 97 30.70 -0.48 51.66
N SER C 98 32.00 -0.80 51.69
CA SER C 98 32.82 -0.66 52.88
C SER C 98 34.04 0.27 52.59
N LEU C 99 34.71 0.74 53.65
CA LEU C 99 35.75 1.77 53.47
C LEU C 99 36.93 1.38 54.36
N ARG C 100 38.09 1.44 53.78
CA ARG C 100 39.34 1.45 54.53
C ARG C 100 40.18 2.65 54.07
N ARG C 101 40.80 3.31 55.02
CA ARG C 101 41.57 4.52 54.77
C ARG C 101 42.84 4.41 55.62
N ARG C 102 43.98 4.47 54.96
CA ARG C 102 45.30 4.25 55.62
C ARG C 102 46.38 5.13 55.00
N TYR C 103 47.31 5.56 55.81
CA TYR C 103 48.49 6.29 55.36
C TYR C 103 49.39 5.34 54.64
N VAL C 104 50.01 5.84 53.59
CA VAL C 104 51.18 5.20 53.03
C VAL C 104 52.35 5.29 54.02
N GLN C 105 52.91 4.17 54.46
CA GLN C 105 53.99 4.23 55.43
C GLN C 105 55.35 4.53 54.78
N THR C 106 55.45 5.70 54.20
CA THR C 106 56.67 6.18 53.59
C THR C 106 57.77 6.35 54.67
N ASP C 107 59.02 6.33 54.22
CA ASP C 107 60.13 6.64 55.16
C ASP C 107 59.92 8.02 55.74
N ARG C 108 59.43 8.98 54.94
CA ARG C 108 59.20 10.34 55.43
C ARG C 108 58.22 10.37 56.57
N LEU C 109 57.08 9.70 56.39
CA LEU C 109 56.12 9.62 57.48
C LEU C 109 56.66 8.93 58.69
N LEU C 110 57.34 7.81 58.51
CA LEU C 110 57.82 7.06 59.67
C LEU C 110 58.87 7.83 60.46
N ALA C 111 59.67 8.64 59.76
CA ALA C 111 60.66 9.45 60.48
C ALA C 111 59.94 10.56 61.30
N GLN C 112 58.93 11.18 60.72
CA GLN C 112 58.17 12.19 61.42
C GLN C 112 57.48 11.58 62.64
N ARG C 113 56.91 10.40 62.49
CA ARG C 113 56.29 9.72 63.63
C ARG C 113 57.34 9.36 64.70
N ARG C 114 58.53 9.01 64.30
CA ARG C 114 59.61 8.69 65.26
C ARG C 114 59.94 9.94 66.09
N GLU C 115 60.06 11.10 65.46
CA GLU C 115 60.35 12.29 66.19
C GLU C 115 59.14 13.03 66.72
N GLY C 116 57.92 12.68 66.32
CA GLY C 116 56.77 13.34 66.92
C GLY C 116 56.50 14.69 66.31
N ARG C 117 57.00 14.97 65.11
CA ARG C 117 56.78 16.30 64.48
C ARG C 117 57.19 16.27 63.03
N SER C 118 56.82 17.33 62.30
CA SER C 118 57.25 17.54 60.95
C SER C 118 58.76 17.77 60.89
N LEU C 119 59.41 17.13 59.94
CA LEU C 119 60.85 17.24 59.68
C LEU C 119 61.15 17.74 58.30
N ASN C 120 60.14 18.15 57.56
CA ASN C 120 60.25 18.43 56.17
C ASN C 120 59.85 19.88 55.87
N GLY C 121 60.60 20.51 54.99
CA GLY C 121 60.46 21.92 54.69
C GLY C 121 59.67 22.17 53.43
N VAL C 122 60.26 22.97 52.57
CA VAL C 122 59.64 23.48 51.40
C VAL C 122 59.41 22.33 50.41
N TYR C 123 58.25 22.34 49.76
CA TYR C 123 57.84 21.33 48.79
C TYR C 123 58.95 21.03 47.78
N ARG C 124 59.34 19.76 47.74
CA ARG C 124 60.32 19.22 46.77
C ARG C 124 61.66 19.98 46.89
N ASN C 125 61.94 20.40 48.11
CA ASN C 125 63.25 21.07 48.34
C ASN C 125 63.82 20.51 49.64
N ALA C 126 64.49 19.40 49.48
CA ALA C 126 65.05 18.69 50.64
C ALA C 126 66.19 19.49 51.32
N PHE C 127 66.78 20.48 50.65
CA PHE C 127 67.75 21.34 51.34
C PHE C 127 67.14 22.07 52.51
N THR C 128 65.81 22.19 52.63
CA THR C 128 65.17 22.84 53.74
C THR C 128 64.64 21.88 54.75
N ASN C 129 64.92 20.59 54.62
CA ASN C 129 64.47 19.61 55.63
C ASN C 129 65.28 19.69 56.92
N ASP C 130 64.75 19.23 58.01
CA ASP C 130 65.50 18.95 59.24
C ASP C 130 66.44 17.81 58.94
N SER C 131 67.60 17.82 59.60
CA SER C 131 68.61 16.79 59.38
C SER C 131 68.10 15.41 59.86
N LEU C 132 67.09 15.34 60.67
CA LEU C 132 66.47 14.07 61.05
C LEU C 132 65.41 13.49 60.07
N ALA C 133 65.05 14.25 59.04
CA ALA C 133 64.09 13.78 58.05
C ALA C 133 64.67 12.59 57.34
N ALA C 134 63.79 11.71 56.84
CA ALA C 134 64.21 10.61 55.99
C ALA C 134 64.87 11.16 54.76
N LYS C 135 65.78 10.39 54.22
CA LYS C 135 66.47 10.80 52.97
C LYS C 135 65.50 10.86 51.77
N ASN C 136 64.59 9.86 51.74
CA ASN C 136 63.57 9.86 50.69
C ASN C 136 62.49 10.90 51.05
N ASN C 137 62.37 11.93 50.24
CA ASN C 137 61.47 13.06 50.54
C ASN C 137 59.97 12.81 50.13
N THR C 138 59.67 11.65 49.50
CA THR C 138 58.35 11.46 48.92
C THR C 138 57.24 11.25 49.94
N THR C 139 56.06 11.76 49.58
CA THR C 139 54.83 11.50 50.33
C THR C 139 53.83 10.51 49.61
N ALA C 140 54.11 10.07 48.40
CA ALA C 140 53.34 9.06 47.69
C ALA C 140 51.85 9.45 47.69
N ASN C 141 51.56 10.72 47.35
CA ASN C 141 50.27 11.37 47.65
C ASN C 141 49.40 11.72 46.48
N THR C 142 49.79 11.36 45.27
CA THR C 142 49.19 11.97 44.08
C THR C 142 48.28 11.06 43.29
N SER C 143 48.69 9.81 43.07
CA SER C 143 47.81 8.87 42.36
C SER C 143 47.95 7.49 42.92
N VAL C 144 46.95 6.66 42.56
CA VAL C 144 47.01 5.25 42.89
C VAL C 144 46.62 4.46 41.64
N ILE C 145 47.24 3.32 41.41
CA ILE C 145 46.91 2.47 40.30
C ILE C 145 47.28 1.03 40.62
N PRO C 146 46.42 0.06 40.24
CA PRO C 146 46.80 -1.33 40.47
C PRO C 146 47.81 -1.79 39.41
N HIS C 147 48.77 -2.57 39.86
CA HIS C 147 49.79 -3.11 38.91
C HIS C 147 50.46 -4.31 39.54
N ASN C 148 50.49 -5.42 38.81
CA ASN C 148 51.27 -6.63 39.16
C ASN C 148 51.01 -7.06 40.57
N GLY C 149 49.75 -7.14 40.93
CA GLY C 149 49.30 -7.74 42.17
C GLY C 149 49.30 -6.80 43.36
N VAL C 150 49.72 -5.56 43.18
CA VAL C 150 49.74 -4.58 44.28
C VAL C 150 49.03 -3.27 43.84
N LEU C 151 48.80 -2.38 44.81
CA LEU C 151 48.41 -1.01 44.51
C LEU C 151 49.65 -0.13 44.60
N LEU C 152 49.92 0.67 43.58
CA LEU C 152 51.02 1.64 43.60
C LEU C 152 50.43 2.98 44.00
N ALA C 153 51.00 3.55 45.01
CA ALA C 153 50.79 4.98 45.41
C ALA C 153 51.98 5.76 44.87
N LEU C 154 51.69 6.76 44.09
CA LEU C 154 52.66 7.44 43.29
C LEU C 154 52.79 8.93 43.61
N LYS C 155 54.00 9.41 43.40
CA LYS C 155 54.25 10.83 43.39
C LYS C 155 55.53 11.07 42.57
N GLU C 156 55.47 12.10 41.75
CA GLU C 156 56.42 12.23 40.64
C GLU C 156 57.84 12.60 41.02
N ASP C 157 58.12 12.75 42.30
CA ASP C 157 59.50 13.05 42.80
C ASP C 157 60.25 11.80 43.20
N ALA C 158 59.67 10.60 43.03
CA ALA C 158 60.32 9.38 43.54
C ALA C 158 59.66 8.12 42.93
N LEU C 159 60.23 6.98 43.24
CA LEU C 159 59.61 5.72 42.88
C LEU C 159 58.31 5.57 43.71
N PRO C 160 57.36 4.76 43.22
CA PRO C 160 56.10 4.55 43.92
C PRO C 160 56.23 3.68 45.09
N TRP C 161 55.21 3.66 45.98
CA TRP C 161 55.16 2.83 47.15
C TRP C 161 54.01 1.79 46.92
N ALA C 162 54.28 0.53 47.18
CA ALA C 162 53.29 -0.52 47.00
C ALA C 162 52.50 -0.73 48.30
N MET C 163 51.23 -1.00 48.10
CA MET C 163 50.30 -1.34 49.12
C MET C 163 49.51 -2.61 48.78
N ASP C 164 49.09 -3.32 49.84
CA ASP C 164 48.25 -4.50 49.65
C ASP C 164 46.87 -4.03 49.14
N LEU C 165 46.40 -4.63 48.07
CA LEU C 165 45.12 -4.26 47.44
C LEU C 165 43.89 -4.36 48.39
N GLU C 166 43.93 -5.30 49.36
CA GLU C 166 42.80 -5.47 50.25
C GLU C 166 42.94 -4.70 51.51
N THR C 167 44.09 -4.80 52.20
CA THR C 167 44.20 -4.25 53.53
C THR C 167 44.80 -2.84 53.52
N LEU C 168 45.42 -2.43 52.41
CA LEU C 168 46.10 -1.15 52.32
C LEU C 168 47.36 -1.09 53.22
N GLU C 169 47.82 -2.27 53.72
CA GLU C 169 49.11 -2.36 54.38
C GLU C 169 50.23 -1.93 53.35
N THR C 170 51.18 -1.15 53.83
CA THR C 170 52.28 -0.69 53.03
C THR C 170 53.32 -1.81 52.86
N LEU C 171 53.66 -2.11 51.62
CA LEU C 171 54.64 -3.15 51.29
C LEU C 171 56.05 -2.57 51.14
N GLY C 172 56.22 -1.33 50.76
CA GLY C 172 57.54 -0.74 50.65
C GLY C 172 57.65 -0.03 49.31
N GLU C 173 58.79 0.63 49.11
CA GLU C 173 59.10 1.25 47.89
C GLU C 173 59.09 0.19 46.78
N TRP C 174 58.46 0.50 45.67
CA TRP C 174 58.42 -0.44 44.56
C TRP C 174 59.48 -0.06 43.51
N THR C 175 60.45 -0.90 43.31
CA THR C 175 61.57 -0.67 42.36
C THR C 175 61.39 -1.39 41.07
N PHE C 176 60.28 -2.13 40.90
CA PHE C 176 60.01 -2.93 39.69
C PHE C 176 61.20 -3.93 39.47
N ASP C 177 61.51 -4.64 40.52
CA ASP C 177 62.63 -5.63 40.59
C ASP C 177 63.95 -5.05 40.12
N GLY C 178 64.22 -3.79 40.48
CA GLY C 178 65.43 -3.10 40.10
C GLY C 178 65.51 -2.67 38.64
N GLN C 179 64.45 -2.76 37.84
CA GLN C 179 64.56 -2.41 36.44
C GLN C 179 64.48 -0.92 36.09
N ILE C 180 63.94 -0.11 36.99
CA ILE C 180 63.72 1.32 36.75
C ILE C 180 64.89 2.06 37.35
N LYS C 181 65.66 2.75 36.53
CA LYS C 181 66.86 3.41 37.00
C LYS C 181 66.73 4.92 37.04
N SER C 182 65.58 5.50 36.75
CA SER C 182 65.42 6.94 36.90
C SER C 182 65.31 7.28 38.34
N ALA C 183 65.58 8.54 38.63
CA ALA C 183 65.45 9.03 40.01
C ALA C 183 64.00 9.19 40.42
N THR C 184 63.08 9.30 39.47
CA THR C 184 61.65 9.60 39.76
C THR C 184 60.78 8.65 38.90
N PHE C 185 59.49 8.65 39.18
CA PHE C 185 58.52 7.92 38.38
C PHE C 185 57.22 8.70 38.41
N THR C 186 56.56 8.82 37.28
CA THR C 186 55.37 9.70 37.18
C THR C 186 54.28 9.26 38.14
N ALA C 187 53.44 10.23 38.54
CA ALA C 187 52.19 9.89 39.17
C ALA C 187 51.05 9.79 38.16
N HIS C 188 51.33 9.90 36.87
CA HIS C 188 50.29 9.76 35.83
C HIS C 188 50.56 8.66 34.82
N PRO C 189 50.83 7.43 35.30
CA PRO C 189 50.99 6.32 34.36
C PRO C 189 49.60 6.02 33.77
N LYS C 190 49.58 5.38 32.64
CA LYS C 190 48.32 4.91 32.02
C LYS C 190 48.36 3.39 31.89
N LEU C 191 47.22 2.74 32.00
CA LEU C 191 47.05 1.29 31.64
C LEU C 191 46.52 1.14 30.24
N ASP C 192 47.28 0.48 29.43
CA ASP C 192 46.92 0.25 28.04
C ASP C 192 45.80 -0.81 28.04
N PRO C 193 44.66 -0.51 27.53
CA PRO C 193 43.59 -1.47 27.66
C PRO C 193 43.79 -2.69 26.71
N ALA C 194 44.63 -2.61 25.69
CA ALA C 194 44.78 -3.70 24.75
C ALA C 194 45.67 -4.83 25.29
N THR C 195 46.70 -4.48 26.12
CA THR C 195 47.67 -5.35 26.70
C THR C 195 47.69 -5.41 28.18
N GLY C 196 47.11 -4.42 28.87
CA GLY C 196 47.31 -4.29 30.32
C GLY C 196 48.68 -3.73 30.72
N ASN C 197 49.50 -3.33 29.77
CA ASN C 197 50.78 -2.73 30.06
C ASN C 197 50.59 -1.41 30.87
N LEU C 198 51.59 -1.11 31.65
CA LEU C 198 51.70 0.12 32.42
C LEU C 198 52.62 1.02 31.63
N LEU C 199 52.09 2.12 31.17
CA LEU C 199 52.83 3.09 30.37
C LEU C 199 53.17 4.26 31.29
N ALA C 200 54.44 4.56 31.41
CA ALA C 200 54.88 5.53 32.42
C ALA C 200 56.08 6.32 31.91
N PHE C 201 56.57 7.23 32.74
CA PHE C 201 57.68 8.08 32.31
C PHE C 201 58.29 8.68 33.57
N SER C 202 59.42 9.32 33.40
CA SER C 202 60.11 10.08 34.47
C SER C 202 60.65 11.43 33.90
N TYR C 203 60.53 12.52 34.65
CA TYR C 203 61.26 13.76 34.32
C TYR C 203 62.17 14.08 35.51
N GLU C 204 63.13 14.99 35.33
CA GLU C 204 64.25 15.15 36.25
C GLU C 204 64.84 13.76 36.59
N ALA C 205 65.00 12.99 35.54
CA ALA C 205 65.19 11.55 35.65
C ALA C 205 66.57 11.18 36.18
N LYS C 206 67.53 12.12 36.14
CA LYS C 206 68.84 11.87 36.75
C LYS C 206 69.13 12.77 37.91
N GLY C 207 68.12 13.30 38.57
CA GLY C 207 68.34 14.17 39.75
C GLY C 207 67.83 15.56 39.55
N ASP C 208 67.98 16.35 40.59
CA ASP C 208 67.40 17.70 40.67
C ASP C 208 67.84 18.53 39.51
N GLY C 209 66.88 19.13 38.78
CA GLY C 209 67.21 20.04 37.71
C GLY C 209 67.72 19.42 36.48
N THR C 210 67.80 18.09 36.37
CA THR C 210 68.23 17.48 35.12
C THR C 210 67.19 17.54 34.01
N PRO C 211 67.63 17.70 32.76
CA PRO C 211 66.73 17.76 31.63
C PRO C 211 66.38 16.36 31.05
N ASP C 212 66.80 15.29 31.72
CA ASP C 212 66.54 13.94 31.24
C ASP C 212 65.07 13.60 31.38
N LEU C 213 64.54 12.98 30.34
CA LEU C 213 63.17 12.46 30.28
C LEU C 213 63.29 11.00 29.87
N VAL C 214 62.41 10.16 30.39
CA VAL C 214 62.42 8.73 30.00
C VAL C 214 61.00 8.25 29.83
N TYR C 215 60.72 7.49 28.77
CA TYR C 215 59.47 6.71 28.61
C TYR C 215 59.73 5.27 29.05
N PHE C 216 58.82 4.68 29.82
CA PHE C 216 58.87 3.29 30.23
C PHE C 216 57.58 2.56 29.84
N GLU C 217 57.72 1.32 29.33
CA GLU C 217 56.58 0.48 29.07
C GLU C 217 56.75 -0.86 29.77
N LEU C 218 55.85 -1.14 30.70
CA LEU C 218 55.94 -2.37 31.54
C LEU C 218 54.75 -3.32 31.26
N SER C 219 55.09 -4.61 31.28
CA SER C 219 54.10 -5.64 31.06
C SER C 219 53.25 -5.71 32.30
N PRO C 220 52.07 -6.34 32.17
CA PRO C 220 51.23 -6.49 33.40
C PRO C 220 51.86 -7.29 34.52
N ASP C 221 52.80 -8.14 34.19
CA ASP C 221 53.58 -8.88 35.21
C ASP C 221 54.89 -8.21 35.59
N GLY C 222 55.08 -6.94 35.22
CA GLY C 222 56.18 -6.14 35.78
C GLY C 222 57.49 -6.15 35.00
N LYS C 223 57.44 -6.63 33.80
CA LYS C 223 58.65 -6.73 33.00
C LYS C 223 58.85 -5.44 32.25
N LEU C 224 60.06 -4.84 32.30
CA LEU C 224 60.32 -3.64 31.47
C LEU C 224 60.47 -4.02 30.04
N LEU C 225 59.53 -3.61 29.17
CA LEU C 225 59.55 -4.02 27.80
C LEU C 225 60.30 -3.06 26.90
N HIS C 226 60.29 -1.77 27.22
CA HIS C 226 60.92 -0.79 26.36
C HIS C 226 61.19 0.46 27.23
N GLU C 227 62.28 1.14 26.95
CA GLU C 227 62.57 2.42 27.61
C GLU C 227 63.20 3.33 26.61
N ILE C 228 62.92 4.63 26.71
CA ILE C 228 63.49 5.59 25.77
C ILE C 228 63.98 6.75 26.65
N TRP C 229 65.28 6.90 26.78
CA TRP C 229 65.90 8.02 27.52
C TRP C 229 66.25 9.11 26.51
N PHE C 230 65.91 10.35 26.79
CA PHE C 230 66.28 11.46 25.90
C PHE C 230 66.41 12.72 26.75
N GLN C 231 66.64 13.85 26.11
CA GLN C 231 66.79 15.10 26.91
C GLN C 231 65.92 16.21 26.41
N ALA C 232 65.33 16.94 27.32
CA ALA C 232 64.62 18.17 27.01
C ALA C 232 65.62 19.31 26.88
N PRO C 233 65.16 20.44 26.32
CA PRO C 233 66.11 21.62 26.19
C PRO C 233 66.27 22.33 27.51
N TYR C 234 65.47 22.02 28.53
CA TYR C 234 65.64 22.55 29.86
C TYR C 234 64.78 21.67 30.78
N ALA C 235 65.01 21.74 32.07
CA ALA C 235 64.26 20.97 33.08
C ALA C 235 62.94 21.71 33.37
N ALA C 236 61.83 21.01 33.12
CA ALA C 236 60.52 21.59 33.37
C ALA C 236 59.55 20.54 33.88
N MET C 237 58.48 20.99 34.49
CA MET C 237 57.46 20.04 35.02
C MET C 237 56.80 19.28 33.87
N VAL C 238 56.79 17.95 33.99
CA VAL C 238 55.96 17.10 33.12
C VAL C 238 55.06 16.31 34.05
N HIS C 239 53.90 16.87 34.28
CA HIS C 239 53.00 16.30 35.31
C HIS C 239 52.27 15.05 34.75
N ASP C 240 51.65 15.20 33.63
CA ASP C 240 50.84 14.20 32.95
C ASP C 240 51.44 13.96 31.58
N PHE C 241 51.01 12.90 30.88
CA PHE C 241 51.47 12.66 29.53
C PHE C 241 50.33 11.99 28.74
N ALA C 242 50.57 11.70 27.48
CA ALA C 242 49.61 11.02 26.68
C ALA C 242 50.30 9.82 26.01
N ALA C 243 49.59 8.72 25.94
CA ALA C 243 50.08 7.56 25.21
C ALA C 243 49.01 7.13 24.23
N THR C 244 49.40 6.90 23.00
CA THR C 244 48.48 6.46 22.00
C THR C 244 48.94 5.07 21.58
N GLU C 245 48.29 4.53 20.58
CA GLU C 245 48.68 3.22 20.06
C GLU C 245 50.10 3.23 19.58
N ARG C 246 50.50 4.28 18.89
CA ARG C 246 51.82 4.33 18.28
C ARG C 246 52.77 5.43 18.81
N TYR C 247 52.29 6.37 19.64
CA TYR C 247 53.11 7.50 20.08
C TYR C 247 52.96 7.79 21.55
N VAL C 248 53.92 8.54 22.09
CA VAL C 248 53.85 9.09 23.41
C VAL C 248 54.11 10.57 23.30
N VAL C 249 53.39 11.38 24.12
CA VAL C 249 53.55 12.83 24.12
C VAL C 249 53.84 13.33 25.51
N PHE C 250 54.93 14.09 25.67
CA PHE C 250 55.33 14.67 26.98
C PHE C 250 55.05 16.20 26.91
N PRO C 251 54.07 16.70 27.64
CA PRO C 251 53.85 18.14 27.72
C PRO C 251 54.73 18.79 28.78
N LEU C 252 55.66 19.62 28.35
CA LEU C 252 56.51 20.37 29.30
C LEU C 252 55.81 21.70 29.64
N ILE C 253 55.37 21.78 30.86
CA ILE C 253 54.72 22.96 31.42
C ILE C 253 55.83 24.03 31.65
N PRO C 254 55.57 25.33 31.37
CA PRO C 254 56.58 26.35 31.60
C PRO C 254 56.88 26.66 33.05
N LEU C 255 57.10 25.64 33.87
CA LEU C 255 57.50 25.72 35.24
C LEU C 255 58.89 25.12 35.24
N THR C 256 59.93 25.95 35.47
CA THR C 256 61.33 25.51 35.32
C THR C 256 62.00 25.35 36.67
N VAL C 257 63.05 24.57 36.71
CA VAL C 257 63.74 24.25 37.89
C VAL C 257 65.09 24.93 37.93
N ASP C 258 65.48 25.44 39.08
CA ASP C 258 66.84 26.01 39.32
C ASP C 258 67.36 25.52 40.67
N VAL C 259 68.36 24.66 40.62
CA VAL C 259 68.90 24.07 41.85
C VAL C 259 69.52 25.11 42.83
N GLU C 260 70.09 26.16 42.26
CA GLU C 260 70.68 27.22 43.11
C GLU C 260 69.62 27.92 43.89
N ARG C 261 68.50 28.24 43.25
CA ARG C 261 67.35 28.83 43.97
C ARG C 261 66.93 27.93 45.13
N MET C 262 66.88 26.62 44.85
CA MET C 262 66.52 25.66 45.89
C MET C 262 67.53 25.61 47.06
N LYS C 263 68.81 25.61 46.74
CA LYS C 263 69.85 25.66 47.79
C LYS C 263 69.72 26.86 48.67
N ASN C 264 69.19 27.96 48.13
CA ASN C 264 68.87 29.16 48.91
C ASN C 264 67.52 29.17 49.58
N GLY C 265 66.81 28.03 49.57
CA GLY C 265 65.55 27.95 50.30
C GLY C 265 64.35 28.26 49.47
N GLY C 266 64.54 28.51 48.20
CA GLY C 266 63.44 28.90 47.32
C GLY C 266 62.66 27.69 46.71
N PRO C 267 61.63 28.00 45.93
CA PRO C 267 60.77 26.96 45.39
C PRO C 267 61.42 26.09 44.33
N HIS C 268 60.96 24.86 44.22
CA HIS C 268 61.50 23.93 43.20
C HIS C 268 61.28 24.43 41.78
N PHE C 269 60.13 24.96 41.51
CA PHE C 269 59.71 25.45 40.20
C PHE C 269 59.41 26.96 40.21
N GLN C 270 59.56 27.57 39.05
CA GLN C 270 59.21 28.95 38.80
C GLN C 270 58.53 29.15 37.45
N TRP C 271 57.39 29.80 37.44
CA TRP C 271 56.65 30.09 36.20
C TRP C 271 57.38 31.04 35.32
N GLN C 272 57.44 30.74 34.02
CA GLN C 272 58.07 31.53 33.01
C GLN C 272 57.00 31.95 32.04
N PRO C 273 56.57 33.22 32.08
CA PRO C 273 55.42 33.63 31.25
C PRO C 273 55.76 33.86 29.74
N ASP C 274 57.00 33.73 29.37
CA ASP C 274 57.47 34.04 28.01
C ASP C 274 58.12 32.80 27.38
N LEU C 275 57.73 31.61 27.83
CA LEU C 275 58.31 30.34 27.37
C LEU C 275 57.16 29.56 26.73
N PRO C 276 57.30 29.19 25.49
CA PRO C 276 56.27 28.37 24.87
C PRO C 276 56.00 27.04 25.64
N GLN C 277 54.74 26.67 25.68
CA GLN C 277 54.36 25.30 26.06
C GLN C 277 55.13 24.44 25.03
N LEU C 278 55.78 23.39 25.52
CA LEU C 278 56.52 22.53 24.63
C LEU C 278 55.98 21.08 24.71
N PHE C 279 56.06 20.32 23.63
CA PHE C 279 55.63 18.94 23.59
C PHE C 279 56.67 18.08 22.89
N ALA C 280 57.10 16.99 23.52
CA ALA C 280 57.95 15.99 22.86
C ALA C 280 57.03 14.85 22.38
N VAL C 281 57.14 14.44 21.16
CA VAL C 281 56.34 13.38 20.59
C VAL C 281 57.32 12.35 20.05
N VAL C 282 57.19 11.13 20.52
CA VAL C 282 58.07 10.10 20.15
C VAL C 282 57.33 8.81 19.83
N PRO C 283 57.84 8.02 18.90
CA PRO C 283 57.15 6.71 18.73
C PRO C 283 57.29 5.87 19.95
N ARG C 284 56.22 5.15 20.26
CA ARG C 284 56.16 4.38 21.45
C ARG C 284 57.18 3.24 21.49
N ASN C 285 57.58 2.77 20.35
CA ASN C 285 58.62 1.74 20.21
C ASN C 285 59.93 2.34 19.63
N GLY C 286 60.12 3.63 19.80
CA GLY C 286 61.19 4.38 19.17
C GLY C 286 62.45 4.49 20.04
N ARG C 287 63.28 5.44 19.60
CA ARG C 287 64.57 5.76 20.23
C ARG C 287 64.68 7.28 20.37
N ALA C 288 65.67 7.71 21.12
CA ALA C 288 65.92 9.13 21.36
C ALA C 288 65.97 9.97 20.12
N GLN C 289 66.62 9.47 19.09
CA GLN C 289 66.74 10.31 17.90
C GLN C 289 65.41 10.53 17.16
N ASP C 290 64.36 9.76 17.48
CA ASP C 290 63.07 9.91 16.82
C ASP C 290 62.20 11.02 17.47
N VAL C 291 62.64 11.59 18.57
CA VAL C 291 61.83 12.57 19.28
C VAL C 291 61.59 13.79 18.40
N ARG C 292 60.38 14.29 18.30
CA ARG C 292 60.10 15.60 17.65
C ARG C 292 59.50 16.58 18.65
N TRP C 293 59.88 17.84 18.54
CA TRP C 293 59.42 18.90 19.46
C TRP C 293 58.43 19.84 18.79
N PHE C 294 57.35 20.15 19.50
CA PHE C 294 56.38 21.07 19.02
C PHE C 294 56.21 22.16 20.07
N LYS C 295 55.87 23.34 19.61
CA LYS C 295 55.69 24.52 20.46
C LYS C 295 54.34 25.11 20.38
N GLY C 296 53.76 25.38 21.53
CA GLY C 296 52.47 26.00 21.66
C GLY C 296 52.62 27.42 22.23
N PRO C 297 51.50 28.04 22.54
CA PRO C 297 51.49 29.41 23.06
C PRO C 297 52.24 29.59 24.37
N MET C 298 52.67 30.81 24.59
CA MET C 298 53.24 31.19 25.86
C MET C 298 52.16 31.45 26.88
N ASP C 299 52.57 31.45 28.12
CA ASP C 299 51.75 31.81 29.29
C ASP C 299 50.44 30.99 29.38
N GLY C 300 50.60 29.72 29.08
CA GLY C 300 49.53 28.76 29.18
C GLY C 300 50.09 27.50 29.84
N PHE C 301 49.18 26.70 30.38
CA PHE C 301 49.59 25.59 31.18
C PHE C 301 48.75 24.32 30.83
N GLN C 302 49.46 23.26 30.46
CA GLN C 302 48.77 22.05 30.01
C GLN C 302 48.20 21.33 31.24
N GLY C 303 46.89 21.07 31.25
CA GLY C 303 46.26 20.33 32.36
C GLY C 303 46.33 18.81 32.11
N HIS C 304 45.49 18.08 32.86
CA HIS C 304 45.48 16.62 32.82
C HIS C 304 44.97 16.11 31.50
N THR C 305 45.57 15.00 31.04
CA THR C 305 45.13 14.34 29.83
C THR C 305 43.73 13.70 29.99
N LEU C 306 42.78 14.10 29.18
CA LEU C 306 41.51 13.38 29.13
C LEU C 306 41.73 12.05 28.36
N ASN C 307 42.19 12.16 27.15
CA ASN C 307 42.61 10.98 26.36
C ASN C 307 43.40 11.46 25.16
N ALA C 308 43.98 10.55 24.39
CA ALA C 308 44.76 10.85 23.22
C ALA C 308 44.69 9.64 22.27
N PHE C 309 44.84 9.91 20.98
CA PHE C 309 44.92 8.84 20.02
C PHE C 309 45.67 9.32 18.80
N ASP C 310 46.04 8.42 17.89
CA ASP C 310 46.73 8.82 16.70
C ASP C 310 46.14 8.15 15.48
N GLU C 311 46.24 8.80 14.36
CA GLU C 311 45.58 8.31 13.13
C GLU C 311 46.25 9.02 11.95
N ASP C 312 46.75 8.22 11.01
CA ASP C 312 47.41 8.74 9.79
C ASP C 312 48.53 9.73 10.05
N GLY C 313 49.42 9.44 11.00
CA GLY C 313 50.47 10.41 11.24
C GLY C 313 50.13 11.69 12.01
N LYS C 314 48.92 11.76 12.56
CA LYS C 314 48.54 12.85 13.44
C LYS C 314 48.22 12.30 14.80
N VAL C 315 48.77 12.95 15.79
CA VAL C 315 48.53 12.62 17.19
C VAL C 315 47.62 13.68 17.82
N TYR C 316 46.54 13.25 18.45
CA TYR C 316 45.59 14.12 19.04
C TYR C 316 45.61 13.96 20.54
N VAL C 317 45.68 15.09 21.29
CA VAL C 317 45.70 15.02 22.73
C VAL C 317 44.65 16.01 23.25
N ASP C 318 43.74 15.51 24.06
CA ASP C 318 42.72 16.30 24.71
C ASP C 318 43.03 16.55 26.16
N MET C 319 42.92 17.82 26.57
CA MET C 319 43.22 18.21 27.92
C MET C 319 42.73 19.64 28.19
N PRO C 320 42.45 19.97 29.45
CA PRO C 320 42.28 21.39 29.85
C PRO C 320 43.60 22.11 29.60
N VAL C 321 43.46 23.34 29.12
CA VAL C 321 44.57 24.29 29.03
C VAL C 321 44.13 25.58 29.73
N THR C 322 44.97 26.12 30.56
CA THR C 322 44.65 27.32 31.34
C THR C 322 45.56 28.43 30.87
N GLY C 323 44.98 29.59 30.69
CA GLY C 323 45.73 30.77 30.18
C GLY C 323 46.50 31.52 31.30
N GLY C 324 47.37 30.81 32.05
CA GLY C 324 48.26 31.40 32.98
C GLY C 324 48.64 30.42 34.10
N ASN C 325 49.44 30.91 35.04
CA ASN C 325 49.94 30.14 36.12
C ASN C 325 48.84 29.92 37.22
N ILE C 326 48.43 28.68 37.37
CA ILE C 326 47.50 28.28 38.46
C ILE C 326 48.20 27.99 39.84
N PHE C 327 49.52 27.82 39.77
CA PHE C 327 50.33 27.39 40.88
C PHE C 327 50.89 28.64 41.58
N TYR C 328 50.09 29.15 42.54
CA TYR C 328 50.53 30.31 43.33
C TYR C 328 51.87 30.11 44.08
N PHE C 329 52.23 28.88 44.42
CA PHE C 329 53.49 28.52 45.18
C PHE C 329 54.65 28.33 44.28
N PHE C 330 54.46 28.47 42.96
CA PHE C 330 55.56 28.56 42.02
C PHE C 330 55.49 29.87 41.24
N PRO C 331 55.53 31.02 41.93
CA PRO C 331 55.37 32.29 41.24
C PRO C 331 56.51 32.57 40.30
N GLN C 332 56.23 33.38 39.30
CA GLN C 332 57.27 33.97 38.49
C GLN C 332 58.28 34.80 39.28
N ALA C 333 59.41 35.08 38.64
CA ALA C 333 60.59 35.76 39.27
C ALA C 333 60.18 37.04 40.03
N ASP C 334 59.45 37.90 39.36
CA ASP C 334 58.59 38.98 39.83
C ASP C 334 57.87 38.85 41.21
N GLY C 335 57.49 37.62 41.55
CA GLY C 335 56.57 37.30 42.67
C GLY C 335 55.10 37.38 42.32
N HIS C 336 54.79 37.87 41.13
CA HIS C 336 53.38 38.03 40.74
C HIS C 336 52.73 36.66 40.43
N VAL C 337 51.45 36.57 40.81
CA VAL C 337 50.64 35.42 40.56
C VAL C 337 49.31 35.95 40.08
N PRO C 338 48.77 35.38 39.00
CA PRO C 338 47.47 35.89 38.60
C PRO C 338 46.35 35.43 39.57
N PRO C 339 45.28 36.21 39.70
CA PRO C 339 44.15 35.78 40.56
C PRO C 339 43.46 34.58 39.96
N PRO C 340 43.34 33.48 40.69
CA PRO C 340 42.84 32.24 40.03
C PRO C 340 41.52 32.46 39.25
N GLU C 341 40.65 33.30 39.84
CA GLU C 341 39.33 33.64 39.27
C GLU C 341 39.42 34.33 37.87
N THR C 342 40.50 35.05 37.58
CA THR C 342 40.69 35.62 36.26
C THR C 342 41.11 34.67 35.14
N LEU C 343 41.52 33.42 35.41
CA LEU C 343 42.16 32.59 34.38
C LEU C 343 41.19 31.93 33.41
N ALA C 344 41.38 32.14 32.11
CA ALA C 344 40.53 31.50 31.13
C ALA C 344 41.08 30.02 31.08
N ALA C 345 40.18 29.06 31.01
CA ALA C 345 40.50 27.66 30.82
C ALA C 345 39.35 27.03 30.04
N CYS C 346 39.66 26.02 29.26
CA CYS C 346 38.62 25.15 28.71
C CYS C 346 39.33 23.82 28.27
N LEU C 347 38.54 22.80 27.95
CA LEU C 347 39.05 21.60 27.33
C LEU C 347 39.49 21.88 25.93
N MET C 348 40.69 21.44 25.56
CA MET C 348 41.24 21.60 24.26
C MET C 348 41.74 20.35 23.60
N ARG C 349 41.84 20.39 22.29
CA ARG C 349 42.48 19.39 21.48
C ARG C 349 43.71 19.95 20.88
N TRP C 350 44.85 19.31 21.12
CA TRP C 350 46.06 19.59 20.39
C TRP C 350 46.20 18.55 19.25
N THR C 351 46.69 19.00 18.10
CA THR C 351 46.98 18.13 16.96
C THR C 351 48.43 18.26 16.58
N PHE C 352 49.19 17.17 16.67
CA PHE C 352 50.65 17.16 16.34
C PHE C 352 50.73 16.35 15.02
N ASP C 353 50.95 17.06 13.94
CA ASP C 353 50.93 16.51 12.59
C ASP C 353 52.36 16.14 12.24
N LEU C 354 52.64 14.86 12.33
CA LEU C 354 54.00 14.36 12.06
C LEU C 354 54.34 14.38 10.56
N ASN C 355 53.35 14.59 9.71
CA ASN C 355 53.49 14.69 8.24
C ASN C 355 53.88 16.09 7.78
N SER C 356 53.93 17.07 8.68
CA SER C 356 54.25 18.42 8.30
C SER C 356 55.57 18.83 8.96
N GLY C 357 56.31 19.71 8.30
CA GLY C 357 57.53 20.28 8.87
C GLY C 357 57.29 21.29 10.00
N ARG C 358 56.09 21.87 10.03
CA ARG C 358 55.74 22.87 11.03
C ARG C 358 55.83 22.35 12.45
N ASP C 359 56.38 23.19 13.32
CA ASP C 359 56.59 22.86 14.70
C ASP C 359 55.65 23.68 15.66
N GLU C 360 54.88 24.68 15.16
CA GLU C 360 53.97 25.45 15.98
C GLU C 360 52.59 24.82 16.07
N VAL C 361 52.01 24.74 17.25
CA VAL C 361 50.67 24.15 17.43
C VAL C 361 49.84 25.13 18.24
N GLU C 362 48.57 25.17 17.90
CA GLU C 362 47.59 25.89 18.65
C GLU C 362 46.47 24.99 19.07
N PRO C 363 46.03 25.14 20.32
CA PRO C 363 45.01 24.24 20.84
C PRO C 363 43.63 24.71 20.37
N GLN C 364 42.71 23.78 20.14
CA GLN C 364 41.36 24.04 19.67
C GLN C 364 40.39 23.69 20.73
N PRO C 365 39.45 24.61 21.03
CA PRO C 365 38.57 24.35 22.09
C PRO C 365 37.53 23.26 21.82
N LEU C 366 37.27 22.46 22.83
CA LEU C 366 36.28 21.43 22.79
C LEU C 366 35.15 21.76 23.74
N THR C 367 35.37 22.63 24.72
CA THR C 367 34.30 23.09 25.60
C THR C 367 34.43 24.62 25.60
N ASP C 368 33.38 25.26 26.03
CA ASP C 368 33.47 26.69 26.26
C ASP C 368 33.40 26.99 27.75
N TYR C 369 33.69 26.01 28.61
CA TYR C 369 33.69 26.21 30.06
C TYR C 369 34.99 25.62 30.63
N PRO C 370 35.47 26.19 31.74
CA PRO C 370 36.63 25.62 32.42
C PRO C 370 36.30 24.30 33.07
N CYS C 371 37.31 23.44 33.06
CA CYS C 371 37.12 22.09 33.63
C CYS C 371 38.45 21.47 34.04
N GLU C 372 38.39 20.40 34.82
CA GLU C 372 39.58 19.66 35.24
C GLU C 372 39.17 18.27 35.76
N PHE C 373 40.14 17.55 36.30
CA PHE C 373 39.96 16.19 36.72
C PHE C 373 39.24 15.30 35.70
N PRO C 374 39.72 15.28 34.48
CA PRO C 374 39.09 14.50 33.41
C PRO C 374 39.20 13.02 33.58
N ARG C 375 38.21 12.30 33.07
CA ARG C 375 38.24 10.81 33.16
C ARG C 375 37.67 10.28 31.88
N CYS C 376 38.42 9.45 31.15
CA CYS C 376 37.82 8.72 30.06
C CYS C 376 37.51 7.29 30.48
N ASP C 377 36.79 6.59 29.61
CA ASP C 377 36.51 5.17 29.84
C ASP C 377 37.84 4.43 29.80
N ASP C 378 38.21 3.72 30.85
CA ASP C 378 39.52 2.97 30.85
C ASP C 378 39.73 2.10 29.63
N ARG C 379 38.63 1.57 29.07
CA ARG C 379 38.74 0.66 27.95
C ARG C 379 39.12 1.34 26.65
N TYR C 380 39.11 2.68 26.61
CA TYR C 380 39.41 3.47 25.42
C TYR C 380 40.69 4.34 25.52
N ILE C 381 41.43 4.14 26.61
CA ILE C 381 42.68 4.88 26.76
C ILE C 381 43.59 4.68 25.54
N GLY C 382 44.03 5.78 24.91
CA GLY C 382 44.96 5.61 23.80
C GLY C 382 44.31 5.39 22.44
N ARG C 383 42.98 5.31 22.38
CA ARG C 383 42.30 4.97 21.14
C ARG C 383 41.29 6.04 20.82
N GLN C 384 40.80 5.98 19.59
CA GLN C 384 39.73 6.87 19.17
C GLN C 384 38.56 6.74 20.13
N TYR C 385 37.97 7.85 20.48
CA TYR C 385 36.99 7.87 21.56
C TYR C 385 36.09 9.05 21.37
N ALA C 386 34.98 9.07 22.10
CA ALA C 386 33.96 10.11 21.94
C ALA C 386 33.31 10.62 23.21
N HIS C 387 33.81 10.25 24.39
CA HIS C 387 33.21 10.65 25.65
C HIS C 387 34.25 11.00 26.72
N GLY C 388 33.92 11.93 27.62
CA GLY C 388 34.69 12.17 28.82
C GLY C 388 33.85 12.64 29.96
N PHE C 389 34.31 12.39 31.18
CA PHE C 389 33.73 12.88 32.39
C PHE C 389 34.65 13.94 32.90
N LEU C 390 34.08 15.01 33.46
CA LEU C 390 34.85 16.16 33.82
C LEU C 390 34.24 16.72 35.08
N LEU C 391 35.03 17.44 35.82
CA LEU C 391 34.56 18.36 36.80
C LEU C 391 34.61 19.75 36.21
N ALA C 392 33.62 20.55 36.55
CA ALA C 392 33.57 21.93 36.04
C ALA C 392 33.09 22.87 37.12
N PHE C 393 33.40 24.16 36.89
CA PHE C 393 32.98 25.24 37.77
C PHE C 393 32.17 26.22 36.94
N ASP C 394 30.93 26.42 37.32
CA ASP C 394 30.03 27.35 36.67
C ASP C 394 29.77 28.46 37.71
N PRO C 395 30.39 29.65 37.49
CA PRO C 395 30.23 30.74 38.46
C PRO C 395 28.81 31.34 38.51
N GLU C 396 27.97 31.05 37.51
CA GLU C 396 26.54 31.48 37.50
C GLU C 396 25.63 30.65 38.36
N ARG C 397 26.04 29.46 38.82
CA ARG C 397 25.15 28.66 39.67
C ARG C 397 25.06 29.30 41.02
N PRO C 398 23.96 29.06 41.71
CA PRO C 398 23.87 29.47 43.10
C PRO C 398 25.01 28.92 43.98
N TYR C 399 25.46 29.74 44.92
CA TYR C 399 26.55 29.44 45.83
C TYR C 399 26.15 29.98 47.20
N ASN C 400 25.88 29.10 48.14
CA ASN C 400 25.46 29.49 49.47
C ASN C 400 26.57 30.33 50.11
N PRO C 401 26.25 31.60 50.53
CA PRO C 401 27.36 32.39 51.11
C PRO C 401 27.90 31.84 52.47
N ALA C 402 27.12 31.00 53.17
CA ALA C 402 27.67 30.26 54.33
C ALA C 402 28.75 29.21 53.98
N ASN C 403 29.01 29.01 52.69
CA ASN C 403 30.15 28.21 52.28
C ASN C 403 31.47 28.92 52.59
N GLY C 404 31.46 30.23 52.78
CA GLY C 404 32.73 30.98 52.88
C GLY C 404 33.26 31.31 51.51
N PRO C 405 34.49 31.84 51.43
CA PRO C 405 35.04 32.11 50.10
C PRO C 405 35.27 30.83 49.32
N ILE C 406 35.34 30.98 48.01
CA ILE C 406 35.38 29.88 47.10
C ILE C 406 36.75 29.24 47.24
N PRO C 407 36.78 27.94 47.59
CA PRO C 407 38.11 27.37 47.86
C PRO C 407 38.82 26.98 46.59
N PHE C 408 40.11 26.77 46.69
CA PHE C 408 40.90 26.19 45.65
C PHE C 408 40.35 24.78 45.20
N GLN C 409 40.42 24.51 43.89
CA GLN C 409 39.91 23.29 43.26
C GLN C 409 38.38 23.05 43.58
N PHE C 410 37.59 24.12 43.57
CA PHE C 410 36.16 24.05 43.73
C PHE C 410 35.47 23.74 42.39
N PHE C 411 34.73 22.61 42.32
CA PHE C 411 34.04 22.24 41.12
C PHE C 411 32.61 21.91 41.50
N ASN C 412 31.65 22.69 40.97
CA ASN C 412 30.27 22.51 41.35
C ASN C 412 29.44 21.77 40.33
N LEU C 413 30.05 21.18 39.31
CA LEU C 413 29.37 20.37 38.34
C LEU C 413 30.15 19.08 38.04
N LEU C 414 29.41 17.99 37.92
CA LEU C 414 29.96 16.72 37.48
C LEU C 414 29.39 16.48 36.14
N VAL C 415 30.23 16.32 35.12
CA VAL C 415 29.83 16.42 33.73
C VAL C 415 30.14 15.20 32.90
N HIS C 416 29.20 14.78 32.05
CA HIS C 416 29.47 13.82 30.97
C HIS C 416 29.46 14.60 29.68
N LEU C 417 30.60 14.71 29.01
CA LEU C 417 30.77 15.37 27.71
C LEU C 417 30.77 14.32 26.58
N ASN C 418 29.92 14.53 25.60
CA ASN C 418 29.87 13.76 24.39
C ASN C 418 30.61 14.53 23.33
N LEU C 419 31.76 14.04 22.94
CA LEU C 419 32.57 14.70 21.87
C LEU C 419 31.96 14.58 20.46
N LYS C 420 31.13 13.58 20.23
CA LYS C 420 30.48 13.45 18.90
C LYS C 420 29.43 14.53 18.69
N THR C 421 28.61 14.76 19.69
CA THR C 421 27.52 15.67 19.61
C THR C 421 27.86 17.03 20.16
N GLY C 422 28.95 17.12 20.94
CA GLY C 422 29.34 18.40 21.52
C GLY C 422 28.55 18.77 22.76
N LEU C 423 27.58 17.94 23.18
CA LEU C 423 26.77 18.26 24.33
C LEU C 423 27.28 17.75 25.65
N SER C 424 27.02 18.54 26.70
CA SER C 424 27.36 18.23 28.04
C SER C 424 26.08 17.94 28.85
N ASP C 425 26.15 16.92 29.70
CA ASP C 425 25.08 16.61 30.62
C ASP C 425 25.70 16.73 31.99
N ALA C 426 25.28 17.70 32.82
CA ALA C 426 25.87 17.95 34.09
C ALA C 426 24.95 17.82 35.26
N TRP C 427 25.47 17.35 36.39
CA TRP C 427 24.75 17.36 37.65
C TRP C 427 25.30 18.47 38.55
N PHE C 428 24.41 19.33 39.02
CA PHE C 428 24.68 20.34 40.03
C PHE C 428 24.15 19.87 41.35
N PRO C 429 24.98 19.81 42.40
CA PRO C 429 24.52 19.17 43.64
C PRO C 429 23.84 20.10 44.62
N GLY C 430 23.51 21.32 44.18
CA GLY C 430 22.94 22.30 45.10
C GLY C 430 24.05 23.31 45.40
N ASP C 431 23.65 24.31 46.14
CA ASP C 431 24.51 25.47 46.37
C ASP C 431 25.59 25.27 47.45
N SER C 432 25.68 24.09 48.06
CA SER C 432 26.69 23.87 49.12
C SER C 432 27.47 22.58 48.87
N GLY C 433 27.70 22.29 47.60
CA GLY C 433 28.29 21.03 47.20
C GLY C 433 29.39 21.17 46.18
N CYS C 434 30.45 20.35 46.27
CA CYS C 434 31.41 20.28 45.21
C CYS C 434 32.08 18.90 45.18
N PHE C 435 32.81 18.66 44.12
CA PHE C 435 33.24 17.33 43.78
C PHE C 435 34.76 17.08 43.87
N GLN C 436 35.09 15.80 44.05
CA GLN C 436 36.43 15.28 43.88
C GLN C 436 36.44 14.39 42.61
N GLU C 437 37.62 14.03 42.20
CA GLU C 437 37.83 13.40 40.90
C GLU C 437 36.93 12.14 40.71
N PRO C 438 36.29 12.05 39.57
CA PRO C 438 35.41 10.89 39.35
C PRO C 438 36.09 9.69 38.72
N ILE C 439 35.49 8.53 38.93
CA ILE C 439 35.77 7.35 38.17
C ILE C 439 34.57 6.91 37.34
N PHE C 440 34.83 6.10 36.35
CA PHE C 440 33.82 5.51 35.49
C PHE C 440 33.85 3.99 35.62
N ILE C 441 32.66 3.38 35.76
CA ILE C 441 32.50 1.98 35.87
C ILE C 441 31.55 1.49 34.78
N PRO C 442 31.99 0.58 33.87
CA PRO C 442 31.05 0.18 32.80
C PRO C 442 29.79 -0.51 33.33
N ARG C 443 28.66 -0.32 32.67
CA ARG C 443 27.36 -0.96 33.06
C ARG C 443 27.51 -2.45 33.03
N SER C 444 28.25 -2.97 32.07
CA SER C 444 28.43 -4.40 31.92
C SER C 444 29.64 -4.53 31.08
N ALA C 445 30.12 -5.75 30.91
CA ALA C 445 31.26 -6.04 30.04
C ALA C 445 30.94 -5.72 28.55
N ASP C 446 29.65 -5.79 28.19
CA ASP C 446 29.18 -5.36 26.86
C ASP C 446 29.19 -3.87 26.55
N ALA C 447 29.24 -3.04 27.56
CA ALA C 447 28.65 -1.72 27.44
C ALA C 447 29.43 -0.87 26.47
N GLU C 448 28.70 -0.03 25.76
CA GLU C 448 29.26 0.99 24.91
C GLU C 448 30.23 1.87 25.66
N GLU C 449 31.04 2.60 24.92
CA GLU C 449 31.90 3.61 25.53
C GLU C 449 31.13 4.54 26.48
N ALA C 450 31.61 4.66 27.72
CA ALA C 450 31.09 5.59 28.71
C ALA C 450 29.63 5.33 29.12
N ASP C 451 29.18 4.09 28.92
CA ASP C 451 27.84 3.71 29.33
C ASP C 451 27.95 2.93 30.64
N GLY C 452 27.57 3.58 31.72
CA GLY C 452 27.75 3.04 33.03
C GLY C 452 27.55 3.99 34.13
N TYR C 453 28.40 3.89 35.15
CA TYR C 453 28.21 4.63 36.39
C TYR C 453 29.39 5.56 36.61
N VAL C 454 29.10 6.73 37.15
CA VAL C 454 30.11 7.70 37.46
C VAL C 454 30.10 7.83 38.95
N VAL C 455 31.28 7.69 39.57
CA VAL C 455 31.36 7.66 41.02
C VAL C 455 32.34 8.75 41.47
N ALA C 456 31.94 9.57 42.43
CA ALA C 456 32.81 10.64 42.91
C ALA C 456 32.46 11.02 44.31
N LEU C 457 33.42 11.52 45.06
CA LEU C 457 33.15 12.12 46.31
C LEU C 457 32.47 13.48 46.10
N LEU C 458 31.44 13.71 46.91
CA LEU C 458 30.73 14.95 47.05
C LEU C 458 31.01 15.51 48.43
N ASN C 459 31.57 16.73 48.43
CA ASN C 459 31.86 17.44 49.64
C ASN C 459 30.65 18.41 49.89
N LEU C 460 30.01 18.23 51.01
CA LEU C 460 28.88 19.08 51.40
C LEU C 460 29.50 20.06 52.36
N ILE C 461 29.88 21.19 51.80
CA ILE C 461 30.85 22.01 52.51
C ILE C 461 30.29 22.87 53.63
N ALA C 462 28.98 23.11 53.62
CA ALA C 462 28.36 23.84 54.69
C ALA C 462 28.23 22.94 55.88
N GLU C 463 27.95 21.65 55.67
CA GLU C 463 27.80 20.73 56.79
C GLU C 463 29.09 20.08 57.19
N GLU C 464 30.16 20.27 56.41
CA GLU C 464 31.40 19.46 56.53
C GLU C 464 31.14 17.95 56.57
N ARG C 465 30.31 17.46 55.65
CA ARG C 465 29.97 16.06 55.50
C ARG C 465 30.44 15.63 54.11
N SER C 466 30.54 14.32 53.90
CA SER C 466 30.99 13.74 52.64
C SER C 466 30.10 12.58 52.29
N GLU C 467 29.82 12.44 51.00
CA GLU C 467 29.14 11.29 50.43
C GLU C 467 29.89 10.83 49.23
N LEU C 468 29.83 9.55 48.94
CA LEU C 468 30.26 9.04 47.67
C LEU C 468 29.04 8.87 46.81
N VAL C 469 28.92 9.66 45.76
CA VAL C 469 27.74 9.60 44.87
C VAL C 469 27.96 8.69 43.67
N VAL C 470 26.89 8.03 43.26
CA VAL C 470 26.89 7.20 42.09
C VAL C 470 25.82 7.71 41.11
N LEU C 471 26.24 8.13 39.91
CA LEU C 471 25.34 8.61 38.86
C LEU C 471 25.35 7.68 37.68
N ASP C 472 24.25 7.73 36.91
CA ASP C 472 24.09 6.97 35.69
C ASP C 472 24.55 7.85 34.57
N SER C 473 25.49 7.38 33.73
CA SER C 473 26.07 8.20 32.66
C SER C 473 25.06 8.66 31.62
N ARG C 474 23.98 7.89 31.49
CA ARG C 474 22.87 8.24 30.55
C ARG C 474 22.08 9.41 30.96
N ASP C 475 22.12 9.75 32.25
CA ASP C 475 21.34 10.85 32.76
C ASP C 475 21.93 11.45 34.01
N MET C 476 22.93 12.29 33.81
CA MET C 476 23.64 12.92 34.89
C MET C 476 22.76 13.95 35.54
N ALA C 477 21.98 14.72 34.79
CA ALA C 477 21.23 15.85 35.38
C ALA C 477 20.20 15.39 36.40
N SER C 478 19.74 14.17 36.26
CA SER C 478 18.87 13.58 37.26
C SER C 478 19.51 13.29 38.63
N GLY C 479 20.85 13.38 38.73
CA GLY C 479 21.49 13.20 40.03
C GLY C 479 21.72 11.75 40.40
N PRO C 480 22.22 11.56 41.61
CA PRO C 480 22.68 10.27 42.07
C PRO C 480 21.59 9.19 42.05
N ILE C 481 21.91 8.00 41.58
CA ILE C 481 21.08 6.87 41.80
C ILE C 481 21.31 6.33 43.22
N ALA C 482 22.47 6.64 43.79
CA ALA C 482 22.83 6.24 45.16
C ALA C 482 23.75 7.25 45.76
N ARG C 483 23.52 7.55 47.04
CA ARG C 483 24.42 8.40 47.84
C ARG C 483 24.91 7.59 48.99
N ILE C 484 26.22 7.38 49.02
CA ILE C 484 26.85 6.57 50.07
C ILE C 484 27.36 7.50 51.17
N ARG C 485 26.75 7.44 52.36
CA ARG C 485 27.12 8.37 53.42
C ARG C 485 28.40 7.86 54.09
N ILE C 486 29.30 8.78 54.36
CA ILE C 486 30.58 8.49 55.06
C ILE C 486 30.44 9.17 56.39
N PRO C 487 30.79 8.51 57.49
CA PRO C 487 30.52 9.07 58.80
C PRO C 487 31.56 10.08 59.29
N PHE C 488 32.52 10.39 58.46
CA PHE C 488 33.52 11.43 58.73
C PHE C 488 33.82 12.14 57.44
N ARG C 489 34.34 13.34 57.57
CA ARG C 489 34.68 14.21 56.46
C ARG C 489 35.95 13.72 55.71
N MET C 490 35.80 13.58 54.41
CA MET C 490 36.91 13.22 53.52
C MET C 490 37.54 14.53 53.09
N ARG C 491 38.83 14.66 53.37
CA ARG C 491 39.59 15.82 52.85
C ARG C 491 39.65 15.80 51.32
N MET C 492 39.84 16.95 50.71
CA MET C 492 40.04 17.01 49.28
C MET C 492 41.21 16.06 48.91
N SER C 493 41.05 15.40 47.77
CA SER C 493 41.98 14.38 47.33
C SER C 493 42.63 14.79 46.02
N LEU C 494 43.53 13.95 45.57
CA LEU C 494 44.04 14.01 44.27
C LEU C 494 43.43 12.84 43.47
N HIS C 495 44.25 11.95 42.90
CA HIS C 495 43.73 11.04 41.88
C HIS C 495 43.32 9.70 42.40
N GLY C 496 42.45 9.04 41.67
CA GLY C 496 41.96 7.74 42.07
C GLY C 496 41.84 6.80 40.89
N CYS C 497 41.31 5.60 41.13
CA CYS C 497 41.16 4.64 40.02
C CYS C 497 40.10 3.60 40.44
N TRP C 498 39.55 2.94 39.45
CA TRP C 498 38.60 1.84 39.64
C TRP C 498 39.32 0.52 39.35
N ALA C 499 39.26 -0.43 40.28
CA ALA C 499 39.84 -1.74 40.13
C ALA C 499 38.69 -2.77 40.06
N PRO C 500 38.38 -3.25 38.87
CA PRO C 500 37.21 -4.17 38.73
C PRO C 500 37.39 -5.41 39.51
N GLY C 501 36.32 -5.84 40.16
CA GLY C 501 36.40 -7.14 40.83
C GLY C 501 35.97 -8.14 39.69
N SER D 22 -46.75 -43.61 -67.55
CA SER D 22 -45.88 -42.45 -67.10
C SER D 22 -46.67 -41.28 -66.38
N ILE D 23 -47.20 -41.59 -65.17
CA ILE D 23 -48.13 -40.71 -64.51
C ILE D 23 -47.45 -39.49 -63.92
N PRO D 24 -48.18 -38.37 -63.90
CA PRO D 24 -47.62 -37.15 -63.37
C PRO D 24 -47.67 -37.24 -61.81
N PHE D 25 -46.84 -36.49 -61.12
CA PHE D 25 -47.03 -36.26 -59.68
C PHE D 25 -48.38 -35.59 -59.39
N PRO D 26 -49.03 -35.92 -58.29
CA PRO D 26 -50.28 -35.24 -57.97
C PRO D 26 -50.06 -33.74 -57.79
N GLN D 27 -51.08 -32.94 -58.05
CA GLN D 27 -51.03 -31.51 -57.72
C GLN D 27 -51.79 -31.27 -56.40
N THR D 28 -51.24 -31.89 -55.37
CA THR D 28 -51.63 -31.74 -54.00
C THR D 28 -50.55 -31.01 -53.15
N PRO D 29 -50.91 -30.63 -51.94
CA PRO D 29 -49.98 -29.89 -51.08
C PRO D 29 -48.66 -30.68 -50.80
N GLU D 30 -48.76 -31.99 -50.68
CA GLU D 30 -47.67 -32.87 -50.32
C GLU D 30 -46.70 -33.02 -51.49
N PHE D 31 -47.09 -32.51 -52.66
CA PHE D 31 -46.21 -32.50 -53.82
C PHE D 31 -45.97 -31.17 -54.46
N SER D 32 -46.30 -30.09 -53.75
CA SER D 32 -46.26 -28.74 -54.33
C SER D 32 -45.50 -27.76 -53.48
N GLY D 33 -45.15 -26.63 -54.09
CA GLY D 33 -44.54 -25.52 -53.38
C GLY D 33 -43.05 -25.83 -53.20
N ALA D 34 -42.35 -24.87 -52.64
CA ALA D 34 -40.94 -24.99 -52.42
C ALA D 34 -40.60 -26.10 -51.47
N LEU D 35 -41.44 -26.32 -50.46
CA LEU D 35 -41.14 -27.33 -49.50
C LEU D 35 -41.35 -28.76 -50.04
N TYR D 36 -42.43 -29.00 -50.77
CA TYR D 36 -42.84 -30.36 -51.06
C TYR D 36 -42.78 -30.82 -52.51
N LYS D 37 -42.40 -29.95 -53.43
CA LYS D 37 -42.21 -30.39 -54.73
C LYS D 37 -41.05 -31.46 -54.70
N PRO D 38 -41.21 -32.52 -55.49
CA PRO D 38 -40.16 -33.55 -55.48
C PRO D 38 -38.85 -32.99 -56.01
N SER D 39 -37.74 -33.52 -55.53
CA SER D 39 -36.42 -33.11 -56.00
C SER D 39 -35.78 -34.27 -56.76
N ARG D 40 -35.46 -35.31 -56.01
CA ARG D 40 -34.96 -36.60 -56.53
C ARG D 40 -33.53 -36.44 -57.05
N ILE D 41 -32.84 -35.43 -56.59
CA ILE D 41 -31.49 -35.18 -57.08
C ILE D 41 -30.51 -35.92 -56.15
N GLU D 42 -29.76 -36.86 -56.72
CA GLU D 42 -28.59 -37.44 -56.10
C GLU D 42 -27.41 -36.67 -56.62
N ALA D 43 -26.63 -36.07 -55.73
CA ALA D 43 -25.63 -35.10 -56.16
C ALA D 43 -24.38 -35.12 -55.35
N GLU D 44 -23.32 -34.56 -55.97
CA GLU D 44 -22.12 -34.20 -55.30
C GLU D 44 -21.78 -32.77 -55.71
N VAL D 45 -21.64 -31.88 -54.71
CA VAL D 45 -21.14 -30.54 -54.95
C VAL D 45 -19.86 -30.35 -54.13
N PHE D 46 -18.74 -30.22 -54.83
CA PHE D 46 -17.39 -30.36 -54.20
C PHE D 46 -17.05 -29.17 -53.30
N ASP D 47 -17.59 -28.02 -53.59
CA ASP D 47 -17.35 -26.80 -52.80
C ASP D 47 -18.56 -25.88 -52.94
N LEU D 48 -19.03 -25.37 -51.79
CA LEU D 48 -20.22 -24.56 -51.79
C LEU D 48 -19.80 -23.09 -51.52
N GLU D 49 -20.49 -22.17 -52.21
CA GLU D 49 -20.28 -20.75 -52.02
C GLU D 49 -20.80 -20.33 -50.65
N ILE D 50 -20.06 -19.49 -49.96
CA ILE D 50 -20.42 -19.02 -48.63
C ILE D 50 -20.45 -17.51 -48.62
N GLU D 51 -21.54 -16.90 -48.14
CA GLU D 51 -21.59 -15.47 -47.89
C GLU D 51 -21.33 -15.34 -46.42
N GLY D 52 -20.45 -14.45 -46.03
CA GLY D 52 -20.08 -14.27 -44.64
C GLY D 52 -18.85 -15.07 -44.36
N VAL D 53 -18.63 -15.42 -43.11
CA VAL D 53 -17.44 -16.11 -42.65
C VAL D 53 -17.80 -17.32 -41.84
N LEU D 54 -17.46 -18.50 -42.40
CA LEU D 54 -17.63 -19.71 -41.69
C LEU D 54 -16.48 -19.93 -40.75
N PRO D 55 -16.75 -20.09 -39.45
CA PRO D 55 -15.61 -20.32 -38.53
C PRO D 55 -14.82 -21.53 -38.94
N ALA D 56 -13.52 -21.36 -39.00
CA ALA D 56 -12.60 -22.38 -39.46
C ALA D 56 -12.48 -23.55 -38.53
N SER D 57 -12.88 -23.40 -37.29
CA SER D 57 -12.72 -24.49 -36.36
C SER D 57 -13.87 -25.49 -36.46
N ILE D 58 -14.95 -25.20 -37.13
CA ILE D 58 -16.06 -26.17 -37.24
C ILE D 58 -15.59 -27.32 -38.15
N HIS D 59 -15.66 -28.51 -37.60
CA HIS D 59 -15.14 -29.67 -38.32
C HIS D 59 -16.04 -30.86 -38.04
N GLY D 60 -16.67 -31.36 -39.08
CA GLY D 60 -17.49 -32.58 -39.01
C GLY D 60 -18.57 -32.55 -40.12
N THR D 61 -19.59 -33.36 -39.97
CA THR D 61 -20.58 -33.54 -40.99
C THR D 61 -21.98 -33.38 -40.40
N PHE D 62 -22.79 -32.61 -41.09
CA PHE D 62 -24.21 -32.43 -40.76
C PHE D 62 -24.95 -33.40 -41.70
N TYR D 63 -25.48 -34.49 -41.15
CA TYR D 63 -26.29 -35.44 -41.95
C TYR D 63 -27.76 -35.10 -41.75
N GLN D 64 -28.52 -35.25 -42.80
CA GLN D 64 -29.96 -35.03 -42.71
C GLN D 64 -30.65 -36.03 -43.64
N VAL D 65 -31.84 -36.50 -43.29
CA VAL D 65 -32.61 -37.27 -44.27
C VAL D 65 -33.91 -36.57 -44.61
N ALA D 66 -34.27 -36.64 -45.86
CA ALA D 66 -35.52 -36.15 -46.37
C ALA D 66 -36.29 -37.22 -47.11
N PRO D 67 -37.57 -37.36 -46.83
CA PRO D 67 -38.44 -38.08 -47.77
C PRO D 67 -38.42 -37.38 -49.13
N ASP D 68 -38.23 -38.16 -50.18
CA ASP D 68 -38.11 -37.56 -51.52
C ASP D 68 -38.52 -38.65 -52.53
N PRO D 69 -39.80 -38.74 -52.87
CA PRO D 69 -40.30 -39.96 -53.58
C PRO D 69 -39.71 -40.09 -54.94
N GLN D 70 -39.17 -41.25 -55.23
CA GLN D 70 -38.55 -41.50 -56.50
C GLN D 70 -39.58 -41.41 -57.65
N TYR D 71 -40.75 -41.92 -57.42
CA TYR D 71 -41.82 -41.90 -58.46
C TYR D 71 -43.13 -41.35 -57.93
N PRO D 72 -43.97 -40.88 -58.83
CA PRO D 72 -45.29 -40.50 -58.37
C PRO D 72 -46.05 -41.70 -57.73
N PRO D 73 -46.77 -41.46 -56.63
CA PRO D 73 -47.31 -42.56 -55.89
C PRO D 73 -48.40 -43.32 -56.72
N MET D 74 -48.34 -44.64 -56.64
CA MET D 74 -49.23 -45.54 -57.41
C MET D 74 -50.71 -45.14 -57.21
N LEU D 75 -51.13 -44.81 -55.97
CA LEU D 75 -52.54 -44.41 -55.73
C LEU D 75 -52.94 -42.98 -56.07
N GLY D 76 -52.07 -42.17 -56.62
CA GLY D 76 -52.45 -40.85 -57.08
C GLY D 76 -52.47 -39.82 -55.97
N THR D 77 -52.06 -40.21 -54.77
CA THR D 77 -51.98 -39.34 -53.64
C THR D 77 -51.08 -39.95 -52.61
N ASP D 78 -50.43 -39.17 -51.71
CA ASP D 78 -49.62 -39.77 -50.63
C ASP D 78 -49.29 -38.72 -49.61
N ILE D 79 -48.61 -39.11 -48.57
CA ILE D 79 -48.25 -38.19 -47.50
C ILE D 79 -46.72 -38.01 -47.50
N PHE D 80 -46.31 -36.86 -46.99
CA PHE D 80 -44.90 -36.52 -46.91
C PHE D 80 -44.05 -37.58 -46.21
N PHE D 81 -44.57 -38.15 -45.13
CA PHE D 81 -43.81 -39.17 -44.36
C PHE D 81 -43.58 -40.48 -45.12
N ASN D 82 -44.14 -40.62 -46.32
CA ASN D 82 -44.02 -41.87 -47.06
C ASN D 82 -42.96 -41.87 -48.18
N GLY D 83 -42.19 -40.78 -48.32
CA GLY D 83 -41.24 -40.72 -49.47
C GLY D 83 -39.96 -41.45 -49.18
N ASP D 84 -39.38 -42.01 -50.23
CA ASP D 84 -38.05 -42.69 -50.16
C ASP D 84 -37.05 -41.79 -49.44
N GLY D 85 -36.27 -42.36 -48.54
CA GLY D 85 -35.24 -41.56 -47.81
C GLY D 85 -34.07 -41.15 -48.68
N MET D 86 -33.80 -39.85 -48.68
CA MET D 86 -32.70 -39.21 -49.35
C MET D 86 -31.80 -38.52 -48.34
N VAL D 87 -30.57 -39.04 -48.15
CA VAL D 87 -29.69 -38.57 -47.14
C VAL D 87 -28.71 -37.56 -47.72
N SER D 88 -28.54 -36.46 -47.01
CA SER D 88 -27.56 -35.43 -47.38
C SER D 88 -26.49 -35.41 -46.29
N GLY D 89 -25.22 -35.24 -46.69
CA GLY D 89 -24.13 -34.97 -45.76
C GLY D 89 -23.44 -33.67 -46.20
N PHE D 90 -23.49 -32.64 -45.35
CA PHE D 90 -22.70 -31.42 -45.54
C PHE D 90 -21.45 -31.57 -44.71
N HIS D 91 -20.30 -31.69 -45.37
CA HIS D 91 -19.05 -31.82 -44.67
C HIS D 91 -18.31 -30.50 -44.50
N PHE D 92 -18.06 -30.13 -43.24
CA PHE D 92 -17.41 -28.84 -42.89
C PHE D 92 -15.94 -29.12 -42.56
N ALA D 93 -15.05 -28.42 -43.23
CA ALA D 93 -13.63 -28.54 -42.87
C ALA D 93 -12.90 -27.29 -43.25
N ASN D 94 -12.22 -26.72 -42.26
CA ASN D 94 -11.34 -25.55 -42.53
C ASN D 94 -12.00 -24.39 -43.30
N GLY D 95 -13.23 -24.02 -43.00
CA GLY D 95 -13.89 -22.92 -43.66
C GLY D 95 -14.59 -23.23 -44.97
N LYS D 96 -14.61 -24.50 -45.38
CA LYS D 96 -15.24 -24.91 -46.61
C LYS D 96 -16.29 -25.99 -46.34
N VAL D 97 -17.29 -26.05 -47.20
CA VAL D 97 -18.37 -27.01 -47.04
C VAL D 97 -18.58 -27.69 -48.39
N SER D 98 -18.75 -29.02 -48.32
CA SER D 98 -19.10 -29.80 -49.51
C SER D 98 -20.40 -30.62 -49.23
N LEU D 99 -21.05 -31.13 -50.29
CA LEU D 99 -22.36 -31.77 -50.12
C LEU D 99 -22.37 -33.04 -50.95
N ARG D 100 -22.87 -34.09 -50.33
CA ARG D 100 -23.26 -35.30 -51.02
C ARG D 100 -24.68 -35.64 -50.62
N ARG D 101 -25.48 -36.08 -51.58
CA ARG D 101 -26.88 -36.37 -51.37
C ARG D 101 -27.20 -37.62 -52.17
N ARG D 102 -27.68 -38.65 -51.46
CA ARG D 102 -27.92 -39.98 -52.08
CA ARG D 102 -27.93 -39.97 -52.10
C ARG D 102 -29.15 -40.64 -51.47
N TYR D 103 -29.86 -41.41 -52.27
CA TYR D 103 -30.97 -42.22 -51.82
C TYR D 103 -30.44 -43.37 -51.00
N VAL D 104 -31.13 -43.69 -49.94
CA VAL D 104 -30.97 -44.98 -49.30
C VAL D 104 -31.47 -46.09 -50.25
N GLN D 105 -30.61 -47.04 -50.61
CA GLN D 105 -31.02 -48.07 -51.54
C GLN D 105 -31.75 -49.20 -50.84
N THR D 106 -32.95 -48.85 -50.37
CA THR D 106 -33.84 -49.79 -49.74
C THR D 106 -34.31 -50.85 -50.78
N ASP D 107 -34.76 -52.00 -50.31
CA ASP D 107 -35.36 -52.95 -51.20
C ASP D 107 -36.58 -52.30 -51.87
N ARG D 108 -37.34 -51.46 -51.13
CA ARG D 108 -38.51 -50.80 -51.71
C ARG D 108 -38.16 -49.92 -52.91
N LEU D 109 -37.15 -49.06 -52.72
CA LEU D 109 -36.68 -48.26 -53.83
C LEU D 109 -36.19 -49.09 -55.00
N LEU D 110 -35.39 -50.11 -54.72
CA LEU D 110 -34.81 -50.88 -55.82
C LEU D 110 -35.87 -51.64 -56.60
N ALA D 111 -36.92 -52.06 -55.92
CA ALA D 111 -38.01 -52.75 -56.63
C ALA D 111 -38.75 -51.75 -57.54
N GLN D 112 -39.00 -50.54 -57.04
CA GLN D 112 -39.67 -49.54 -57.84
C GLN D 112 -38.81 -49.19 -59.04
N ARG D 113 -37.51 -49.04 -58.85
CA ARG D 113 -36.62 -48.75 -59.96
C ARG D 113 -36.61 -49.92 -60.98
N ARG D 114 -36.73 -51.14 -60.51
CA ARG D 114 -36.74 -52.31 -61.41
C ARG D 114 -37.98 -52.23 -62.29
N GLU D 115 -39.14 -51.93 -61.73
CA GLU D 115 -40.32 -51.82 -62.51
C GLU D 115 -40.58 -50.47 -63.13
N GLY D 116 -39.86 -49.42 -62.76
CA GLY D 116 -40.05 -48.14 -63.40
C GLY D 116 -41.25 -47.39 -62.88
N ARG D 117 -41.73 -47.68 -61.68
CA ARG D 117 -42.91 -47.00 -61.11
C ARG D 117 -43.07 -47.26 -59.65
N SER D 118 -43.95 -46.49 -59.02
CA SER D 118 -44.34 -46.73 -57.64
C SER D 118 -45.10 -48.08 -57.56
N LEU D 119 -44.78 -48.86 -56.54
CA LEU D 119 -45.37 -50.16 -56.25
C LEU D 119 -46.01 -50.18 -54.86
N ASN D 120 -46.04 -49.03 -54.18
CA ASN D 120 -46.38 -48.99 -52.81
C ASN D 120 -47.60 -48.06 -52.62
N GLY D 121 -48.52 -48.52 -51.75
CA GLY D 121 -49.78 -47.89 -51.56
C GLY D 121 -49.82 -46.98 -50.34
N VAL D 122 -50.81 -47.24 -49.50
CA VAL D 122 -51.13 -46.47 -48.37
C VAL D 122 -49.98 -46.57 -47.35
N TYR D 123 -49.65 -45.44 -46.70
CA TYR D 123 -48.60 -45.35 -45.71
C TYR D 123 -48.72 -46.48 -44.66
N ARG D 124 -47.66 -47.26 -44.53
CA ARG D 124 -47.55 -48.35 -43.52
C ARG D 124 -48.71 -49.34 -43.63
N ASN D 125 -49.17 -49.51 -44.89
CA ASN D 125 -50.24 -50.48 -45.14
C ASN D 125 -49.86 -51.28 -46.35
N ALA D 126 -49.04 -52.29 -46.10
CA ALA D 126 -48.54 -53.13 -47.18
C ALA D 126 -49.66 -53.96 -47.87
N PHE D 127 -50.82 -54.13 -47.23
CA PHE D 127 -51.93 -54.77 -47.95
C PHE D 127 -52.35 -54.01 -49.19
N THR D 128 -52.00 -52.73 -49.35
CA THR D 128 -52.37 -51.94 -50.52
C THR D 128 -51.23 -51.84 -51.50
N ASN D 129 -50.11 -52.54 -51.27
CA ASN D 129 -49.02 -52.51 -52.23
C ASN D 129 -49.32 -53.34 -53.46
N ASP D 130 -48.67 -53.02 -54.58
CA ASP D 130 -48.63 -53.88 -55.75
C ASP D 130 -47.92 -55.18 -55.35
N SER D 131 -48.28 -56.28 -56.00
CA SER D 131 -47.69 -57.56 -55.69
C SER D 131 -46.21 -57.61 -56.07
N LEU D 132 -45.74 -56.74 -56.92
CA LEU D 132 -44.31 -56.63 -57.25
C LEU D 132 -43.45 -55.79 -56.25
N ALA D 133 -44.10 -55.11 -55.29
CA ALA D 133 -43.37 -54.32 -54.29
C ALA D 133 -42.46 -55.21 -53.51
N ALA D 134 -41.36 -54.67 -53.02
CA ALA D 134 -40.47 -55.42 -52.12
C ALA D 134 -41.27 -55.77 -50.87
N LYS D 135 -40.88 -56.85 -50.25
CA LYS D 135 -41.54 -57.30 -49.00
C LYS D 135 -41.26 -56.37 -47.85
N ASN D 136 -40.04 -55.83 -47.80
CA ASN D 136 -39.69 -54.83 -46.76
C ASN D 136 -40.29 -53.48 -47.24
N ASN D 137 -41.27 -52.99 -46.47
CA ASN D 137 -42.01 -51.77 -46.85
C ASN D 137 -41.26 -50.45 -46.48
N THR D 138 -40.12 -50.53 -45.83
CA THR D 138 -39.50 -49.33 -45.24
C THR D 138 -38.89 -48.41 -46.29
N THR D 139 -38.95 -47.11 -46.00
CA THR D 139 -38.23 -46.11 -46.79
C THR D 139 -37.02 -45.46 -46.09
N ALA D 140 -36.77 -45.80 -44.82
CA ALA D 140 -35.58 -45.40 -44.08
C ALA D 140 -35.42 -43.85 -44.16
N ASN D 141 -36.52 -43.12 -43.94
CA ASN D 141 -36.65 -41.72 -44.32
C ASN D 141 -36.75 -40.69 -43.20
N THR D 142 -36.61 -41.13 -41.95
CA THR D 142 -37.00 -40.24 -40.82
C THR D 142 -35.86 -39.64 -40.06
N SER D 143 -34.85 -40.44 -39.73
CA SER D 143 -33.69 -39.92 -39.03
C SER D 143 -32.41 -40.52 -39.50
N VAL D 144 -31.31 -39.90 -39.11
CA VAL D 144 -30.02 -40.45 -39.33
C VAL D 144 -29.20 -40.27 -38.06
N ILE D 145 -28.37 -41.27 -37.74
CA ILE D 145 -27.48 -41.16 -36.61
C ILE D 145 -26.24 -42.02 -36.85
N PRO D 146 -25.05 -41.52 -36.46
CA PRO D 146 -23.85 -42.40 -36.53
C PRO D 146 -23.85 -43.43 -35.43
N HIS D 147 -23.49 -44.65 -35.77
CA HIS D 147 -23.37 -45.73 -34.73
C HIS D 147 -22.46 -46.83 -35.29
N ASN D 148 -21.45 -47.20 -34.50
CA ASN D 148 -20.63 -48.41 -34.80
C ASN D 148 -20.07 -48.40 -36.16
N GLY D 149 -19.51 -47.27 -36.53
CA GLY D 149 -18.75 -47.15 -37.76
C GLY D 149 -19.56 -46.83 -38.99
N VAL D 150 -20.87 -46.76 -38.87
CA VAL D 150 -21.75 -46.50 -40.02
C VAL D 150 -22.73 -45.36 -39.69
N LEU D 151 -23.42 -44.89 -40.73
CA LEU D 151 -24.59 -44.01 -40.55
C LEU D 151 -25.85 -44.87 -40.64
N LEU D 152 -26.72 -44.79 -39.65
CA LEU D 152 -28.02 -45.48 -39.69
C LEU D 152 -29.07 -44.48 -40.21
N ALA D 153 -29.77 -44.88 -41.22
CA ALA D 153 -31.00 -44.22 -41.72
C ALA D 153 -32.17 -45.01 -41.16
N LEU D 154 -33.00 -44.34 -40.40
CA LEU D 154 -33.99 -45.02 -39.57
C LEU D 154 -35.44 -44.66 -39.95
N LYS D 155 -36.29 -45.64 -39.78
CA LYS D 155 -37.71 -45.43 -39.85
C LYS D 155 -38.40 -46.45 -39.02
N GLU D 156 -39.39 -46.00 -38.27
CA GLU D 156 -39.89 -46.73 -37.10
C GLU D 156 -40.70 -47.98 -37.45
N ASP D 157 -40.88 -48.29 -38.73
CA ASP D 157 -41.63 -49.47 -39.18
C ASP D 157 -40.71 -50.65 -39.47
N ALA D 158 -39.40 -50.52 -39.25
CA ALA D 158 -38.46 -51.58 -39.62
C ALA D 158 -37.09 -51.34 -38.95
N LEU D 159 -36.16 -52.27 -39.15
CA LEU D 159 -34.80 -52.06 -38.76
C LEU D 159 -34.19 -50.97 -39.66
N PRO D 160 -33.15 -50.29 -39.18
CA PRO D 160 -32.52 -49.22 -39.94
C PRO D 160 -31.68 -49.75 -41.08
N TRP D 161 -31.27 -48.85 -41.97
CA TRP D 161 -30.41 -49.14 -43.11
C TRP D 161 -29.05 -48.42 -42.90
N ALA D 162 -27.96 -49.13 -43.07
CA ALA D 162 -26.65 -48.57 -42.86
C ALA D 162 -26.11 -48.01 -44.16
N MET D 163 -25.41 -46.88 -44.00
CA MET D 163 -24.72 -46.19 -45.04
C MET D 163 -23.29 -45.86 -44.65
N ASP D 164 -22.41 -45.76 -45.66
CA ASP D 164 -21.03 -45.34 -45.42
C ASP D 164 -21.01 -43.89 -45.01
N LEU D 165 -20.32 -43.59 -43.92
CA LEU D 165 -20.26 -42.20 -43.38
C LEU D 165 -19.67 -41.19 -44.34
N GLU D 166 -18.77 -41.59 -45.24
CA GLU D 166 -18.17 -40.63 -46.16
C GLU D 166 -18.89 -40.60 -47.48
N THR D 167 -19.16 -41.75 -48.11
CA THR D 167 -19.70 -41.74 -49.45
C THR D 167 -21.21 -41.80 -49.52
N LEU D 168 -21.85 -42.19 -48.43
CA LEU D 168 -23.30 -42.41 -48.40
C LEU D 168 -23.75 -43.57 -49.29
N GLU D 169 -22.79 -44.46 -49.66
CA GLU D 169 -23.14 -45.73 -50.27
C GLU D 169 -23.98 -46.55 -49.22
N THR D 170 -25.04 -47.19 -49.71
CA THR D 170 -25.87 -48.04 -48.91
C THR D 170 -25.18 -49.38 -48.63
N LEU D 171 -25.10 -49.74 -47.35
CA LEU D 171 -24.50 -51.02 -46.93
C LEU D 171 -25.53 -52.11 -46.77
N GLY D 172 -26.78 -51.80 -46.46
CA GLY D 172 -27.81 -52.85 -46.32
C GLY D 172 -28.56 -52.61 -45.03
N GLU D 173 -29.57 -53.41 -44.80
CA GLU D 173 -30.27 -53.40 -43.58
C GLU D 173 -29.31 -53.71 -42.44
N TRP D 174 -29.42 -52.96 -41.36
CA TRP D 174 -28.56 -53.15 -40.21
C TRP D 174 -29.30 -53.93 -39.14
N THR D 175 -28.83 -55.13 -38.84
CA THR D 175 -29.55 -56.01 -37.85
C THR D 175 -28.93 -55.94 -36.44
N PHE D 176 -27.87 -55.14 -36.27
CA PHE D 176 -27.08 -55.05 -35.05
C PHE D 176 -26.56 -56.46 -34.68
N ASP D 177 -25.91 -57.06 -35.65
CA ASP D 177 -25.32 -58.42 -35.55
C ASP D 177 -26.33 -59.46 -35.06
N GLY D 178 -27.58 -59.36 -35.53
CA GLY D 178 -28.65 -60.25 -35.18
C GLY D 178 -29.19 -60.11 -33.76
N GLN D 179 -28.80 -59.10 -32.99
CA GLN D 179 -29.19 -59.08 -31.58
C GLN D 179 -30.55 -58.46 -31.30
N ILE D 180 -31.11 -57.74 -32.28
CA ILE D 180 -32.37 -57.00 -32.06
C ILE D 180 -33.45 -57.88 -32.62
N LYS D 181 -34.40 -58.26 -31.79
CA LYS D 181 -35.39 -59.25 -32.21
C LYS D 181 -36.75 -58.63 -32.50
N SER D 182 -36.91 -57.32 -32.33
CA SER D 182 -38.19 -56.69 -32.56
C SER D 182 -38.41 -56.60 -34.02
N ALA D 183 -39.68 -56.45 -34.39
CA ALA D 183 -40.04 -56.28 -35.81
C ALA D 183 -39.67 -54.88 -36.32
N THR D 184 -39.48 -53.91 -35.41
CA THR D 184 -39.23 -52.50 -35.79
C THR D 184 -38.14 -51.92 -34.93
N PHE D 185 -37.68 -50.70 -35.27
CA PHE D 185 -36.68 -50.02 -34.45
C PHE D 185 -36.97 -48.54 -34.59
N THR D 186 -36.91 -47.79 -33.48
CA THR D 186 -37.31 -46.40 -33.51
C THR D 186 -36.50 -45.58 -34.48
N ALA D 187 -37.10 -44.48 -34.96
CA ALA D 187 -36.30 -43.48 -35.66
C ALA D 187 -35.85 -42.38 -34.71
N HIS D 188 -36.12 -42.51 -33.41
CA HIS D 188 -35.63 -41.51 -32.45
C HIS D 188 -34.72 -42.11 -31.35
N PRO D 189 -33.67 -42.85 -31.74
CA PRO D 189 -32.71 -43.27 -30.76
C PRO D 189 -31.95 -42.04 -30.24
N LYS D 190 -31.35 -42.17 -29.05
CA LYS D 190 -30.53 -41.09 -28.48
C LYS D 190 -29.11 -41.62 -28.25
N LEU D 191 -28.14 -40.75 -28.29
CA LEU D 191 -26.74 -41.07 -27.87
C LEU D 191 -26.49 -40.58 -26.46
N ASP D 192 -26.07 -41.50 -25.63
CA ASP D 192 -25.69 -41.15 -24.27
C ASP D 192 -24.40 -40.35 -24.30
N PRO D 193 -24.41 -39.16 -23.79
CA PRO D 193 -23.19 -38.35 -23.97
C PRO D 193 -22.03 -38.85 -23.07
N ALA D 194 -22.26 -39.65 -22.07
CA ALA D 194 -21.13 -40.05 -21.21
C ALA D 194 -20.43 -41.29 -21.80
N THR D 195 -21.19 -42.26 -22.30
CA THR D 195 -20.69 -43.53 -22.81
C THR D 195 -20.70 -43.65 -24.29
N GLY D 196 -21.49 -42.85 -25.01
CA GLY D 196 -21.72 -43.07 -26.43
C GLY D 196 -22.67 -44.24 -26.70
N ASN D 197 -23.29 -44.82 -25.68
CA ASN D 197 -24.28 -45.89 -25.91
C ASN D 197 -25.48 -45.34 -26.78
N LEU D 198 -26.05 -46.24 -27.56
CA LEU D 198 -27.21 -45.98 -28.38
C LEU D 198 -28.42 -46.44 -27.60
N LEU D 199 -29.29 -45.50 -27.26
CA LEU D 199 -30.46 -45.76 -26.49
C LEU D 199 -31.66 -45.76 -27.42
N ALA D 200 -32.41 -46.84 -27.46
CA ALA D 200 -33.40 -47.02 -28.50
C ALA D 200 -34.60 -47.83 -27.97
N PHE D 201 -35.57 -48.04 -28.82
CA PHE D 201 -36.75 -48.77 -28.44
C PHE D 201 -37.46 -49.23 -29.68
N SER D 202 -38.49 -50.06 -29.48
CA SER D 202 -39.41 -50.50 -30.59
C SER D 202 -40.85 -50.52 -30.10
N TYR D 203 -41.81 -50.05 -30.92
CA TYR D 203 -43.25 -50.31 -30.66
C TYR D 203 -43.79 -51.14 -31.80
N GLU D 204 -44.97 -51.70 -31.62
CA GLU D 204 -45.49 -52.79 -32.53
C GLU D 204 -44.36 -53.83 -32.73
N ALA D 205 -43.74 -54.15 -31.63
CA ALA D 205 -42.44 -54.83 -31.65
C ALA D 205 -42.55 -56.31 -32.03
N LYS D 206 -43.75 -56.88 -32.03
CA LYS D 206 -43.94 -58.23 -32.55
C LYS D 206 -44.84 -58.29 -33.77
N GLY D 207 -44.96 -57.19 -34.51
CA GLY D 207 -45.80 -57.18 -35.70
C GLY D 207 -46.94 -56.21 -35.61
N ASP D 208 -47.69 -56.16 -36.71
CA ASP D 208 -48.76 -55.16 -36.87
C ASP D 208 -49.74 -55.22 -35.77
N GLY D 209 -50.03 -54.09 -35.15
CA GLY D 209 -51.08 -54.05 -34.14
C GLY D 209 -50.71 -54.67 -32.81
N THR D 210 -49.51 -55.21 -32.62
CA THR D 210 -49.11 -55.71 -31.32
C THR D 210 -48.85 -54.63 -30.27
N PRO D 211 -49.20 -54.90 -29.01
CA PRO D 211 -48.96 -53.95 -27.95
C PRO D 211 -47.56 -54.02 -27.33
N ASP D 212 -46.65 -54.82 -27.90
CA ASP D 212 -45.34 -54.99 -27.33
C ASP D 212 -44.48 -53.73 -27.50
N LEU D 213 -43.77 -53.39 -26.44
CA LEU D 213 -42.83 -52.28 -26.38
C LEU D 213 -41.52 -52.84 -25.90
N VAL D 214 -40.40 -52.36 -26.40
CA VAL D 214 -39.10 -52.79 -25.86
C VAL D 214 -38.13 -51.63 -25.75
N TYR D 215 -37.40 -51.51 -24.64
CA TYR D 215 -36.24 -50.62 -24.50
C TYR D 215 -34.95 -51.38 -24.84
N PHE D 216 -34.05 -50.77 -25.63
CA PHE D 216 -32.77 -51.32 -25.96
C PHE D 216 -31.63 -50.36 -25.61
N GLU D 217 -30.54 -50.90 -25.06
CA GLU D 217 -29.34 -50.10 -24.84
C GLU D 217 -28.15 -50.79 -25.42
N LEU D 218 -27.49 -50.14 -26.39
CA LEU D 218 -26.34 -50.70 -27.11
C LEU D 218 -25.06 -49.90 -26.86
N SER D 219 -23.95 -50.64 -26.81
CA SER D 219 -22.66 -50.05 -26.61
C SER D 219 -22.29 -49.38 -27.91
N PRO D 220 -21.31 -48.44 -27.85
CA PRO D 220 -20.90 -47.79 -29.09
C PRO D 220 -20.31 -48.73 -30.16
N ASP D 221 -19.80 -49.88 -29.71
CA ASP D 221 -19.33 -50.91 -30.66
C ASP D 221 -20.39 -51.98 -30.97
N GLY D 222 -21.64 -51.72 -30.63
CA GLY D 222 -22.75 -52.52 -31.17
C GLY D 222 -23.26 -53.64 -30.31
N LYS D 223 -22.77 -53.75 -29.10
CA LYS D 223 -23.14 -54.85 -28.27
C LYS D 223 -24.45 -54.51 -27.50
N LEU D 224 -25.42 -55.42 -27.50
CA LEU D 224 -26.66 -55.20 -26.76
C LEU D 224 -26.42 -55.37 -25.26
N LEU D 225 -26.54 -54.28 -24.50
CA LEU D 225 -26.25 -54.29 -23.07
C LEU D 225 -27.42 -54.60 -22.19
N HIS D 226 -28.61 -54.25 -22.61
CA HIS D 226 -29.80 -54.38 -21.72
C HIS D 226 -31.02 -54.27 -22.60
N GLU D 227 -32.04 -55.03 -22.30
CA GLU D 227 -33.30 -54.89 -23.05
C GLU D 227 -34.43 -55.08 -22.06
N ILE D 228 -35.55 -54.40 -22.26
CA ILE D 228 -36.70 -54.54 -21.37
C ILE D 228 -37.90 -54.65 -22.27
N TRP D 229 -38.47 -55.86 -22.33
CA TRP D 229 -39.71 -56.10 -23.14
C TRP D 229 -40.90 -56.00 -22.23
N PHE D 230 -41.94 -55.28 -22.63
CA PHE D 230 -43.17 -55.26 -21.83
C PHE D 230 -44.33 -54.99 -22.77
N GLN D 231 -45.52 -54.79 -22.25
CA GLN D 231 -46.69 -54.57 -23.08
C GLN D 231 -47.48 -53.35 -22.67
N ALA D 232 -47.93 -52.62 -23.66
CA ALA D 232 -48.86 -51.52 -23.48
C ALA D 232 -50.27 -52.09 -23.40
N PRO D 233 -51.21 -51.29 -22.89
CA PRO D 233 -52.61 -51.71 -22.84
C PRO D 233 -53.29 -51.72 -24.19
N TYR D 234 -52.69 -51.14 -25.22
CA TYR D 234 -53.22 -51.19 -26.58
C TYR D 234 -52.06 -50.73 -27.48
N ALA D 235 -52.17 -51.01 -28.77
CA ALA D 235 -51.11 -50.63 -29.75
C ALA D 235 -51.29 -49.18 -30.16
N ALA D 236 -50.25 -48.39 -29.93
CA ALA D 236 -50.34 -46.96 -30.27
C ALA D 236 -49.01 -46.44 -30.73
N MET D 237 -49.05 -45.31 -31.41
CA MET D 237 -47.79 -44.71 -31.93
C MET D 237 -46.92 -44.26 -30.76
N VAL D 238 -45.67 -44.71 -30.78
CA VAL D 238 -44.64 -44.17 -29.90
C VAL D 238 -43.55 -43.65 -30.82
N HIS D 239 -43.67 -42.33 -31.11
CA HIS D 239 -42.76 -41.78 -32.17
C HIS D 239 -41.39 -41.51 -31.59
N ASP D 240 -41.35 -40.80 -30.48
CA ASP D 240 -40.13 -40.36 -29.83
C ASP D 240 -40.18 -40.91 -28.38
N PHE D 241 -39.11 -40.78 -27.61
CA PHE D 241 -39.09 -41.22 -26.24
C PHE D 241 -38.11 -40.37 -25.46
N ALA D 242 -37.95 -40.67 -24.16
CA ALA D 242 -37.00 -39.95 -23.37
C ALA D 242 -36.17 -40.94 -22.59
N ALA D 243 -34.87 -40.76 -22.59
CA ALA D 243 -33.99 -41.56 -21.73
C ALA D 243 -33.24 -40.58 -20.83
N THR D 244 -33.25 -40.88 -19.55
CA THR D 244 -32.54 -40.08 -18.62
C THR D 244 -31.41 -40.94 -18.07
N GLU D 245 -30.69 -40.42 -17.09
CA GLU D 245 -29.61 -41.19 -16.49
C GLU D 245 -30.16 -42.49 -15.91
N ARG D 246 -31.29 -42.43 -15.24
CA ARG D 246 -31.84 -43.57 -14.56
C ARG D 246 -33.16 -44.10 -15.05
N TYR D 247 -33.87 -43.38 -15.95
CA TYR D 247 -35.21 -43.82 -16.40
C TYR D 247 -35.39 -43.71 -17.89
N VAL D 248 -36.39 -44.40 -18.40
CA VAL D 248 -36.85 -44.33 -19.79
C VAL D 248 -38.33 -44.06 -19.76
N VAL D 249 -38.83 -43.17 -20.65
CA VAL D 249 -40.25 -42.81 -20.71
C VAL D 249 -40.73 -42.99 -22.14
N PHE D 250 -41.81 -43.74 -22.31
CA PHE D 250 -42.45 -43.99 -23.60
C PHE D 250 -43.77 -43.17 -23.65
N PRO D 251 -43.85 -42.16 -24.47
CA PRO D 251 -45.12 -41.46 -24.68
C PRO D 251 -45.98 -42.13 -25.73
N LEU D 252 -47.11 -42.69 -25.32
CA LEU D 252 -48.06 -43.30 -26.27
C LEU D 252 -49.06 -42.22 -26.73
N ILE D 253 -48.93 -41.86 -27.98
CA ILE D 253 -49.79 -40.89 -28.65
C ILE D 253 -51.13 -41.58 -28.94
N PRO D 254 -52.28 -40.86 -28.77
CA PRO D 254 -53.58 -41.47 -29.02
C PRO D 254 -53.93 -41.77 -30.48
N LEU D 255 -53.01 -42.37 -31.21
CA LEU D 255 -53.15 -42.80 -32.56
C LEU D 255 -53.06 -44.33 -32.46
N THR D 256 -54.17 -45.04 -32.67
CA THR D 256 -54.22 -46.52 -32.44
C THR D 256 -54.25 -47.28 -33.74
N VAL D 257 -53.88 -48.55 -33.65
CA VAL D 257 -53.75 -49.37 -34.83
C VAL D 257 -54.86 -50.40 -34.86
N ASP D 258 -55.43 -50.65 -36.04
CA ASP D 258 -56.40 -51.74 -36.26
C ASP D 258 -56.07 -52.49 -37.56
N VAL D 259 -55.63 -53.72 -37.44
CA VAL D 259 -55.22 -54.50 -38.63
C VAL D 259 -56.37 -54.76 -39.60
N GLU D 260 -57.59 -54.91 -39.06
CA GLU D 260 -58.74 -55.16 -39.92
C GLU D 260 -59.02 -53.93 -40.79
N ARG D 261 -58.95 -52.73 -40.20
CA ARG D 261 -59.10 -51.52 -40.99
C ARG D 261 -58.05 -51.47 -42.13
N MET D 262 -56.81 -51.85 -41.80
CA MET D 262 -55.75 -51.92 -42.79
C MET D 262 -56.02 -52.94 -43.91
N LYS D 263 -56.50 -54.12 -43.56
CA LYS D 263 -56.88 -55.11 -44.59
C LYS D 263 -57.93 -54.61 -45.51
N ASN D 264 -58.78 -53.70 -45.04
CA ASN D 264 -59.76 -53.01 -45.88
C ASN D 264 -59.28 -51.80 -46.61
N GLY D 265 -57.95 -51.54 -46.57
CA GLY D 265 -57.41 -50.43 -47.36
C GLY D 265 -57.28 -49.15 -46.58
N GLY D 266 -57.64 -49.17 -45.27
CA GLY D 266 -57.64 -47.96 -44.50
C GLY D 266 -56.26 -47.59 -43.88
N PRO D 267 -56.18 -46.45 -43.20
CA PRO D 267 -54.93 -46.01 -42.63
C PRO D 267 -54.41 -46.90 -41.48
N HIS D 268 -53.10 -46.90 -41.30
CA HIS D 268 -52.47 -47.68 -40.22
C HIS D 268 -52.92 -47.20 -38.85
N PHE D 269 -53.01 -45.88 -38.66
CA PHE D 269 -53.40 -45.28 -37.39
C PHE D 269 -54.70 -44.51 -37.50
N GLN D 270 -55.37 -44.35 -36.36
CA GLN D 270 -56.58 -43.55 -36.25
C GLN D 270 -56.58 -42.77 -34.96
N TRP D 271 -56.84 -41.46 -35.02
CA TRP D 271 -56.90 -40.63 -33.82
C TRP D 271 -58.11 -41.00 -32.97
N GLN D 272 -57.88 -41.09 -31.65
CA GLN D 272 -58.88 -41.37 -30.67
C GLN D 272 -58.97 -40.14 -29.79
N PRO D 273 -60.02 -39.34 -29.93
CA PRO D 273 -60.10 -38.07 -29.17
C PRO D 273 -60.46 -38.22 -27.68
N ASP D 274 -60.79 -39.41 -27.24
CA ASP D 274 -61.29 -39.63 -25.88
C ASP D 274 -60.33 -40.61 -25.15
N LEU D 275 -59.07 -40.66 -25.53
CA LEU D 275 -58.07 -41.56 -24.96
C LEU D 275 -56.98 -40.72 -24.32
N PRO D 276 -56.76 -40.89 -23.05
CA PRO D 276 -55.68 -40.14 -22.40
C PRO D 276 -54.30 -40.38 -23.07
N GLN D 277 -53.53 -39.33 -23.12
CA GLN D 277 -52.11 -39.44 -23.40
C GLN D 277 -51.61 -40.39 -22.29
N LEU D 278 -50.81 -41.37 -22.68
CA LEU D 278 -50.31 -42.33 -21.73
C LEU D 278 -48.77 -42.30 -21.75
N PHE D 279 -48.12 -42.55 -20.61
CA PHE D 279 -46.69 -42.63 -20.52
C PHE D 279 -46.29 -43.87 -19.70
N ALA D 280 -45.39 -44.68 -20.25
CA ALA D 280 -44.73 -45.75 -19.46
C ALA D 280 -43.39 -45.26 -18.96
N VAL D 281 -43.11 -45.43 -17.68
CA VAL D 281 -41.85 -44.95 -17.08
C VAL D 281 -41.23 -46.17 -16.41
N VAL D 282 -40.01 -46.48 -16.81
CA VAL D 282 -39.35 -47.63 -16.30
C VAL D 282 -37.90 -47.33 -15.97
N PRO D 283 -37.34 -47.99 -14.94
CA PRO D 283 -35.87 -47.76 -14.76
C PRO D 283 -35.08 -48.24 -15.94
N ARG D 284 -34.07 -47.48 -16.30
CA ARG D 284 -33.30 -47.71 -17.50
C ARG D 284 -32.50 -49.03 -17.33
N ASN D 285 -32.15 -49.38 -16.07
CA ASN D 285 -31.48 -50.65 -15.80
C ASN D 285 -32.44 -51.66 -15.14
N GLY D 286 -33.71 -51.49 -15.36
CA GLY D 286 -34.75 -52.27 -14.74
C GLY D 286 -35.31 -53.38 -15.55
N ARG D 287 -36.53 -53.82 -15.20
CA ARG D 287 -37.18 -54.94 -15.85
C ARG D 287 -38.68 -54.66 -15.99
N ALA D 288 -39.35 -55.53 -16.74
CA ALA D 288 -40.73 -55.30 -17.11
C ALA D 288 -41.66 -55.02 -15.96
N GLN D 289 -41.48 -55.76 -14.87
CA GLN D 289 -42.41 -55.58 -13.76
C GLN D 289 -42.29 -54.19 -13.06
N ASP D 290 -41.23 -53.43 -13.34
CA ASP D 290 -41.03 -52.15 -12.70
C ASP D 290 -41.78 -51.01 -13.47
N VAL D 291 -42.40 -51.32 -14.60
CA VAL D 291 -43.02 -50.28 -15.39
C VAL D 291 -44.12 -49.62 -14.64
N ARG D 292 -44.19 -48.30 -14.63
CA ARG D 292 -45.36 -47.58 -14.10
C ARG D 292 -46.02 -46.76 -15.21
N TRP D 293 -47.33 -46.67 -15.17
CA TRP D 293 -48.11 -45.94 -16.18
C TRP D 293 -48.69 -44.64 -15.64
N PHE D 294 -48.59 -43.58 -16.41
CA PHE D 294 -49.11 -42.30 -16.00
C PHE D 294 -50.03 -41.80 -17.12
N LYS D 295 -51.07 -41.08 -16.70
CA LYS D 295 -52.10 -40.64 -17.65
C LYS D 295 -52.23 -39.15 -17.69
N GLY D 296 -52.24 -38.62 -18.91
CA GLY D 296 -52.39 -37.21 -19.11
C GLY D 296 -53.71 -36.88 -19.78
N PRO D 297 -53.89 -35.63 -20.20
CA PRO D 297 -55.17 -35.26 -20.81
C PRO D 297 -55.52 -35.96 -22.09
N MET D 298 -56.82 -36.00 -22.36
CA MET D 298 -57.31 -36.49 -23.62
C MET D 298 -57.17 -35.44 -24.70
N ASP D 299 -57.26 -35.92 -25.92
CA ASP D 299 -57.30 -35.13 -27.15
C ASP D 299 -56.09 -34.15 -27.26
N GLY D 300 -54.94 -34.68 -26.89
CA GLY D 300 -53.69 -33.98 -26.97
C GLY D 300 -52.66 -34.95 -27.49
N PHE D 301 -51.55 -34.42 -28.03
CA PHE D 301 -50.52 -35.30 -28.46
CA PHE D 301 -50.55 -35.15 -28.82
C PHE D 301 -49.12 -34.79 -28.25
N GLN D 302 -48.33 -35.77 -27.86
CA GLN D 302 -46.96 -35.57 -27.45
C GLN D 302 -46.10 -35.33 -28.68
N GLY D 303 -45.40 -34.19 -28.73
CA GLY D 303 -44.39 -33.93 -29.80
C GLY D 303 -43.04 -34.51 -29.53
N HIS D 304 -42.04 -34.06 -30.26
CA HIS D 304 -40.66 -34.53 -30.09
C HIS D 304 -40.05 -34.14 -28.78
N THR D 305 -39.27 -35.03 -28.21
CA THR D 305 -38.49 -34.70 -27.01
C THR D 305 -37.43 -33.67 -27.22
N LEU D 306 -37.50 -32.56 -26.47
CA LEU D 306 -36.37 -31.64 -26.46
C LEU D 306 -35.23 -32.27 -25.62
N ASN D 307 -35.54 -32.60 -24.38
CA ASN D 307 -34.60 -33.31 -23.51
C ASN D 307 -35.40 -33.78 -22.30
N ALA D 308 -34.76 -34.58 -21.44
CA ALA D 308 -35.40 -35.12 -20.24
C ALA D 308 -34.26 -35.42 -19.26
N PHE D 309 -34.59 -35.37 -17.97
CA PHE D 309 -33.62 -35.75 -16.97
C PHE D 309 -34.38 -36.18 -15.73
N ASP D 310 -33.71 -36.76 -14.76
CA ASP D 310 -34.37 -37.18 -13.53
C ASP D 310 -33.56 -36.74 -12.33
N GLU D 311 -34.26 -36.51 -11.23
CA GLU D 311 -33.59 -36.08 -10.03
C GLU D 311 -34.48 -36.38 -8.84
N ASP D 312 -33.93 -37.11 -7.88
CA ASP D 312 -34.67 -37.46 -6.62
C ASP D 312 -35.99 -38.12 -6.86
N GLY D 313 -36.05 -39.08 -7.76
CA GLY D 313 -37.31 -39.76 -7.94
C GLY D 313 -38.34 -39.05 -8.83
N LYS D 314 -37.99 -37.91 -9.42
CA LYS D 314 -38.85 -37.27 -10.39
C LYS D 314 -38.18 -37.26 -11.75
N VAL D 315 -38.98 -37.61 -12.73
CA VAL D 315 -38.53 -37.61 -14.12
C VAL D 315 -39.19 -36.43 -14.84
N TYR D 316 -38.37 -35.61 -15.52
CA TYR D 316 -38.85 -34.45 -16.23
C TYR D 316 -38.66 -34.65 -17.72
N VAL D 317 -39.71 -34.43 -18.53
CA VAL D 317 -39.61 -34.61 -19.99
C VAL D 317 -40.19 -33.38 -20.67
N ASP D 318 -39.37 -32.73 -21.47
CA ASP D 318 -39.78 -31.51 -22.17
C ASP D 318 -40.04 -31.80 -23.64
N MET D 319 -41.18 -31.31 -24.11
CA MET D 319 -41.62 -31.57 -25.46
C MET D 319 -42.77 -30.62 -25.84
N PRO D 320 -42.95 -30.34 -27.13
CA PRO D 320 -44.23 -29.73 -27.62
C PRO D 320 -45.35 -30.68 -27.30
N VAL D 321 -46.48 -30.10 -26.89
CA VAL D 321 -47.71 -30.80 -26.78
C VAL D 321 -48.78 -29.96 -27.50
N THR D 322 -49.56 -30.63 -28.31
CA THR D 322 -50.56 -29.98 -29.14
C THR D 322 -51.94 -30.47 -28.70
N GLY D 323 -52.88 -29.56 -28.60
CA GLY D 323 -54.24 -29.87 -28.10
C GLY D 323 -55.19 -30.39 -29.21
N GLY D 324 -54.80 -31.39 -29.97
CA GLY D 324 -55.66 -32.08 -30.92
C GLY D 324 -54.85 -32.76 -32.00
N ASN D 325 -55.55 -33.39 -32.94
CA ASN D 325 -54.95 -34.18 -33.96
C ASN D 325 -54.33 -33.31 -35.07
N ILE D 326 -53.01 -33.31 -35.15
CA ILE D 326 -52.30 -32.61 -36.26
C ILE D 326 -52.08 -33.51 -37.49
N PHE D 327 -52.33 -34.82 -37.31
CA PHE D 327 -52.13 -35.81 -38.35
C PHE D 327 -53.43 -35.97 -39.14
N TYR D 328 -53.68 -35.06 -40.08
CA TYR D 328 -54.81 -35.04 -40.94
C TYR D 328 -54.98 -36.38 -41.75
N PHE D 329 -53.90 -37.13 -41.99
CA PHE D 329 -53.94 -38.43 -42.72
C PHE D 329 -54.23 -39.62 -41.84
N PHE D 330 -54.39 -39.36 -40.53
CA PHE D 330 -54.90 -40.38 -39.60
C PHE D 330 -56.13 -39.84 -38.89
N PRO D 331 -57.20 -39.53 -39.66
CA PRO D 331 -58.36 -38.87 -39.02
C PRO D 331 -59.05 -39.86 -38.06
N GLN D 332 -59.73 -39.26 -37.10
CA GLN D 332 -60.63 -40.01 -36.26
C GLN D 332 -61.75 -40.72 -37.09
N ALA D 333 -62.45 -41.62 -36.41
CA ALA D 333 -63.45 -42.51 -37.07
C ALA D 333 -64.50 -41.74 -37.92
N ASP D 334 -65.05 -40.66 -37.40
CA ASP D 334 -65.97 -39.87 -38.30
C ASP D 334 -65.36 -39.09 -39.45
N GLY D 335 -64.01 -39.16 -39.70
CA GLY D 335 -63.36 -38.44 -40.79
C GLY D 335 -63.00 -37.00 -40.52
N HIS D 336 -63.47 -36.46 -39.43
CA HIS D 336 -63.21 -35.04 -39.09
C HIS D 336 -61.77 -34.82 -38.65
N VAL D 337 -61.23 -33.68 -39.06
CA VAL D 337 -59.86 -33.28 -38.73
C VAL D 337 -59.95 -31.81 -38.31
N PRO D 338 -59.30 -31.45 -37.20
CA PRO D 338 -59.42 -30.08 -36.79
C PRO D 338 -58.65 -29.12 -37.70
N PRO D 339 -59.11 -27.85 -37.78
CA PRO D 339 -58.32 -26.84 -38.57
C PRO D 339 -57.01 -26.56 -37.85
N PRO D 340 -55.87 -26.75 -38.53
CA PRO D 340 -54.59 -26.77 -37.78
C PRO D 340 -54.40 -25.48 -36.92
N GLU D 341 -54.87 -24.36 -37.48
CA GLU D 341 -54.88 -23.04 -36.87
C GLU D 341 -55.56 -22.95 -35.49
N THR D 342 -56.59 -23.75 -35.25
CA THR D 342 -57.33 -23.94 -34.01
C THR D 342 -56.51 -24.48 -32.82
N LEU D 343 -55.49 -25.27 -33.10
CA LEU D 343 -54.89 -26.15 -32.07
C LEU D 343 -53.90 -25.43 -31.16
N ALA D 344 -54.11 -25.52 -29.87
CA ALA D 344 -53.18 -24.90 -28.92
C ALA D 344 -51.91 -25.76 -28.90
N ALA D 345 -50.75 -25.15 -28.97
CA ALA D 345 -49.47 -25.92 -28.94
C ALA D 345 -48.43 -25.01 -28.28
N CYS D 346 -47.60 -25.59 -27.45
CA CYS D 346 -46.47 -24.91 -26.86
C CYS D 346 -45.51 -25.99 -26.34
N LEU D 347 -44.30 -25.59 -25.98
CA LEU D 347 -43.33 -26.47 -25.32
C LEU D 347 -43.81 -26.67 -23.88
N MET D 348 -43.83 -27.93 -23.44
CA MET D 348 -44.28 -28.29 -22.09
C MET D 348 -43.30 -29.16 -21.35
N ARG D 349 -43.42 -29.15 -20.03
CA ARG D 349 -42.69 -30.06 -19.17
C ARG D 349 -43.65 -30.97 -18.52
N TRP D 350 -43.40 -32.26 -18.68
CA TRP D 350 -44.12 -33.26 -17.87
C TRP D 350 -43.23 -33.66 -16.67
N THR D 351 -43.86 -33.87 -15.51
CA THR D 351 -43.14 -34.34 -14.32
C THR D 351 -43.82 -35.65 -13.84
N PHE D 352 -43.04 -36.75 -13.83
CA PHE D 352 -43.52 -38.08 -13.41
C PHE D 352 -42.86 -38.33 -12.02
N ASP D 353 -43.67 -38.21 -10.98
CA ASP D 353 -43.18 -38.20 -9.60
C ASP D 353 -43.28 -39.65 -9.10
N LEU D 354 -42.17 -40.33 -9.11
CA LEU D 354 -42.17 -41.74 -8.70
C LEU D 354 -42.28 -41.88 -7.18
N ASN D 355 -42.15 -40.79 -6.44
CA ASN D 355 -42.33 -40.71 -4.97
C ASN D 355 -43.76 -40.66 -4.52
N SER D 356 -44.70 -40.49 -5.45
CA SER D 356 -46.09 -40.50 -5.12
C SER D 356 -46.73 -41.65 -5.90
N GLY D 357 -47.77 -42.26 -5.35
CA GLY D 357 -48.56 -43.28 -6.03
C GLY D 357 -49.57 -42.70 -7.01
N ARG D 358 -49.83 -41.40 -7.01
CA ARG D 358 -50.68 -40.82 -8.04
C ARG D 358 -50.21 -41.08 -9.51
N ASP D 359 -51.20 -41.25 -10.33
CA ASP D 359 -51.22 -41.67 -11.68
C ASP D 359 -51.38 -40.52 -12.77
N GLU D 360 -51.92 -39.40 -12.36
CA GLU D 360 -52.47 -38.37 -13.28
C GLU D 360 -51.34 -37.31 -13.48
N VAL D 361 -51.05 -36.89 -14.71
CA VAL D 361 -50.07 -35.87 -14.97
C VAL D 361 -50.69 -34.78 -15.84
N GLU D 362 -50.28 -33.57 -15.53
CA GLU D 362 -50.62 -32.44 -16.32
C GLU D 362 -49.38 -31.70 -16.78
N PRO D 363 -49.34 -31.33 -18.06
CA PRO D 363 -48.16 -30.69 -18.59
C PRO D 363 -48.13 -29.22 -18.21
N GLN D 364 -46.94 -28.66 -17.99
CA GLN D 364 -46.76 -27.24 -17.60
C GLN D 364 -46.02 -26.54 -18.70
N PRO D 365 -46.53 -25.35 -19.09
CA PRO D 365 -45.92 -24.68 -20.22
C PRO D 365 -44.55 -24.13 -19.94
N LEU D 366 -43.68 -24.22 -20.92
CA LEU D 366 -42.38 -23.63 -20.89
C LEU D 366 -42.28 -22.52 -21.91
N THR D 367 -43.17 -22.48 -22.90
CA THR D 367 -43.22 -21.38 -23.86
C THR D 367 -44.68 -20.99 -23.94
N ASP D 368 -44.96 -19.83 -24.48
CA ASP D 368 -46.31 -19.49 -24.80
C ASP D 368 -46.51 -19.45 -26.31
N TYR D 369 -45.64 -20.07 -27.09
CA TYR D 369 -45.74 -20.10 -28.53
C TYR D 369 -45.57 -21.55 -29.03
N PRO D 370 -46.19 -21.87 -30.16
CA PRO D 370 -46.02 -23.20 -30.75
C PRO D 370 -44.63 -23.32 -31.34
N CYS D 371 -44.13 -24.53 -31.24
CA CYS D 371 -42.82 -24.89 -31.68
C CYS D 371 -42.70 -26.37 -31.98
N GLU D 372 -41.66 -26.73 -32.71
CA GLU D 372 -41.33 -28.11 -33.02
C GLU D 372 -39.87 -28.23 -33.44
N PHE D 373 -39.51 -29.41 -33.88
CA PHE D 373 -38.15 -29.74 -34.20
C PHE D 373 -37.13 -29.26 -33.18
N PRO D 374 -37.31 -29.61 -31.91
CA PRO D 374 -36.43 -29.17 -30.87
C PRO D 374 -35.06 -29.83 -30.92
N ARG D 375 -34.05 -29.11 -30.44
CA ARG D 375 -32.69 -29.69 -30.39
C ARG D 375 -32.05 -29.22 -29.11
N CYS D 376 -31.52 -30.15 -28.29
CA CYS D 376 -30.70 -29.69 -27.17
C CYS D 376 -29.23 -29.91 -27.51
N ASP D 377 -28.36 -29.39 -26.69
CA ASP D 377 -26.93 -29.62 -26.79
C ASP D 377 -26.70 -31.12 -26.61
N ASP D 378 -26.10 -31.79 -27.59
CA ASP D 378 -25.85 -33.23 -27.55
C ASP D 378 -25.14 -33.68 -26.27
N ARG D 379 -24.32 -32.80 -25.70
CA ARG D 379 -23.54 -33.16 -24.52
C ARG D 379 -24.38 -33.24 -23.26
N TYR D 380 -25.66 -32.81 -23.31
CA TYR D 380 -26.57 -32.73 -22.20
C TYR D 380 -27.76 -33.69 -22.33
N ILE D 381 -27.78 -34.53 -23.36
CA ILE D 381 -28.89 -35.45 -23.54
C ILE D 381 -29.08 -36.32 -22.29
N GLY D 382 -30.27 -36.35 -21.72
CA GLY D 382 -30.47 -37.20 -20.55
C GLY D 382 -30.07 -36.59 -19.21
N ARG D 383 -29.55 -35.38 -19.21
CA ARG D 383 -29.02 -34.78 -17.99
C ARG D 383 -29.70 -33.44 -17.75
N GLN D 384 -29.50 -32.93 -16.54
CA GLN D 384 -29.96 -31.60 -16.23
C GLN D 384 -29.42 -30.57 -17.27
N TYR D 385 -30.27 -29.69 -17.70
CA TYR D 385 -29.97 -28.84 -18.83
C TYR D 385 -30.80 -27.60 -18.72
N ALA D 386 -30.46 -26.56 -19.50
CA ALA D 386 -31.16 -25.29 -19.41
C ALA D 386 -31.44 -24.58 -20.73
N HIS D 387 -31.12 -25.22 -21.86
CA HIS D 387 -31.23 -24.59 -23.15
C HIS D 387 -31.82 -25.47 -24.22
N GLY D 388 -32.58 -24.90 -25.15
CA GLY D 388 -33.10 -25.63 -26.28
C GLY D 388 -33.15 -24.72 -27.51
N PHE D 389 -32.97 -25.30 -28.68
CA PHE D 389 -33.12 -24.64 -29.92
C PHE D 389 -34.35 -25.21 -30.57
N LEU D 390 -35.13 -24.38 -31.24
CA LEU D 390 -36.47 -24.77 -31.62
C LEU D 390 -36.77 -24.05 -32.89
N LEU D 391 -37.68 -24.63 -33.65
CA LEU D 391 -38.35 -23.91 -34.69
C LEU D 391 -39.68 -23.46 -34.17
N ALA D 392 -40.11 -22.31 -34.60
CA ALA D 392 -41.40 -21.77 -34.22
C ALA D 392 -42.07 -21.05 -35.36
N PHE D 393 -43.39 -20.91 -35.27
CA PHE D 393 -44.20 -20.25 -36.25
C PHE D 393 -44.93 -19.10 -35.53
N ASP D 394 -44.71 -17.91 -36.00
CA ASP D 394 -45.36 -16.71 -35.48
C ASP D 394 -46.27 -16.21 -36.63
N PRO D 395 -47.60 -16.43 -36.49
CA PRO D 395 -48.52 -16.01 -37.57
C PRO D 395 -48.63 -14.51 -37.77
N GLU D 396 -48.20 -13.70 -36.81
CA GLU D 396 -48.21 -12.22 -36.93
C GLU D 396 -47.06 -11.66 -37.78
N ARG D 397 -46.00 -12.43 -38.06
CA ARG D 397 -44.91 -11.91 -38.86
C ARG D 397 -45.38 -11.73 -40.29
N PRO D 398 -44.74 -10.85 -41.02
CA PRO D 398 -45.07 -10.70 -42.41
C PRO D 398 -44.88 -12.02 -43.20
N TYR D 399 -45.75 -12.23 -44.20
CA TYR D 399 -45.79 -13.45 -44.99
C TYR D 399 -46.07 -13.05 -46.42
N ASN D 400 -45.09 -13.18 -47.28
CA ASN D 400 -45.22 -12.80 -48.67
C ASN D 400 -46.33 -13.64 -49.32
N PRO D 401 -47.38 -13.01 -49.88
CA PRO D 401 -48.45 -13.87 -50.48
C PRO D 401 -47.98 -14.67 -51.73
N ALA D 402 -46.89 -14.29 -52.38
CA ALA D 402 -46.24 -15.17 -53.41
C ALA D 402 -45.64 -16.47 -52.84
N ASN D 403 -45.65 -16.63 -51.53
CA ASN D 403 -45.32 -17.91 -50.94
C ASN D 403 -46.40 -18.95 -51.23
N GLY D 404 -47.61 -18.55 -51.59
CA GLY D 404 -48.72 -19.49 -51.67
C GLY D 404 -49.35 -19.73 -50.33
N PRO D 405 -50.27 -20.71 -50.24
CA PRO D 405 -50.82 -21.04 -48.92
C PRO D 405 -49.74 -21.58 -47.99
N ILE D 406 -50.01 -21.51 -46.70
CA ILE D 406 -49.04 -21.83 -45.68
C ILE D 406 -48.86 -23.31 -45.70
N PRO D 407 -47.62 -23.79 -45.91
CA PRO D 407 -47.50 -25.23 -46.05
C PRO D 407 -47.50 -25.91 -44.72
N PHE D 408 -47.68 -27.22 -44.74
CA PHE D 408 -47.43 -28.07 -43.64
C PHE D 408 -45.94 -27.92 -43.12
N GLN D 409 -45.76 -28.00 -41.81
CA GLN D 409 -44.48 -27.82 -41.12
C GLN D 409 -43.75 -26.48 -41.51
N PHE D 410 -44.50 -25.40 -41.62
CA PHE D 410 -43.96 -24.08 -41.89
C PHE D 410 -43.49 -23.40 -40.55
N PHE D 411 -42.19 -23.06 -40.46
CA PHE D 411 -41.66 -22.45 -39.25
C PHE D 411 -40.83 -21.29 -39.67
N ASN D 412 -41.24 -20.07 -39.27
CA ASN D 412 -40.58 -18.86 -39.72
C ASN D 412 -39.66 -18.25 -38.71
N LEU D 413 -39.38 -18.95 -37.61
CA LEU D 413 -38.42 -18.47 -36.63
C LEU D 413 -37.47 -19.61 -36.18
N LEU D 414 -36.21 -19.27 -36.04
CA LEU D 414 -35.23 -20.17 -35.48
C LEU D 414 -34.89 -19.62 -34.12
N VAL D 415 -35.07 -20.40 -33.07
CA VAL D 415 -35.12 -19.87 -31.71
C VAL D 415 -34.14 -20.56 -30.76
N HIS D 416 -33.51 -19.79 -29.88
CA HIS D 416 -32.77 -20.27 -28.74
C HIS D 416 -33.62 -19.92 -27.50
N LEU D 417 -34.13 -20.94 -26.80
CA LEU D 417 -34.85 -20.77 -25.53
C LEU D 417 -33.93 -21.07 -24.33
N ASN D 418 -33.88 -20.13 -23.41
CA ASN D 418 -33.19 -20.26 -22.11
C ASN D 418 -34.26 -20.68 -21.09
N LEU D 419 -34.20 -21.93 -20.65
CA LEU D 419 -35.15 -22.45 -19.68
C LEU D 419 -35.02 -21.85 -18.25
N LYS D 420 -33.89 -21.29 -17.91
CA LYS D 420 -33.72 -20.65 -16.60
C LYS D 420 -34.51 -19.36 -16.52
N THR D 421 -34.50 -18.53 -17.54
CA THR D 421 -35.23 -17.28 -17.49
C THR D 421 -36.48 -17.34 -18.27
N GLY D 422 -36.68 -18.35 -19.09
CA GLY D 422 -37.82 -18.42 -20.01
C GLY D 422 -37.78 -17.45 -21.19
N LEU D 423 -36.63 -16.80 -21.41
CA LEU D 423 -36.49 -15.88 -22.52
C LEU D 423 -36.01 -16.56 -23.82
N SER D 424 -36.51 -16.03 -24.94
CA SER D 424 -36.21 -16.54 -26.28
C SER D 424 -35.46 -15.53 -27.13
N ASP D 425 -34.55 -16.01 -27.94
CA ASP D 425 -33.72 -15.17 -28.83
C ASP D 425 -33.97 -15.83 -30.18
N ALA D 426 -34.67 -15.14 -31.09
CA ALA D 426 -35.13 -15.70 -32.34
C ALA D 426 -34.64 -14.94 -33.55
N TRP D 427 -34.36 -15.66 -34.63
CA TRP D 427 -34.02 -15.04 -35.91
C TRP D 427 -35.24 -15.28 -36.87
N PHE D 428 -35.71 -14.19 -37.43
CA PHE D 428 -36.74 -14.18 -38.49
C PHE D 428 -36.03 -13.89 -39.81
N PRO D 429 -36.20 -14.76 -40.81
CA PRO D 429 -35.37 -14.61 -42.01
C PRO D 429 -36.02 -13.73 -43.09
N GLY D 430 -37.08 -13.02 -42.77
CA GLY D 430 -37.80 -12.26 -43.79
C GLY D 430 -39.09 -12.96 -44.13
N ASP D 431 -39.90 -12.31 -44.97
CA ASP D 431 -41.24 -12.77 -45.23
C ASP D 431 -41.40 -13.97 -46.20
N SER D 432 -40.29 -14.47 -46.72
CA SER D 432 -40.33 -15.60 -47.67
C SER D 432 -39.37 -16.67 -47.29
N GLY D 433 -39.28 -16.94 -46.03
CA GLY D 433 -38.23 -17.82 -45.48
C GLY D 433 -38.79 -18.74 -44.41
N CYS D 434 -38.37 -19.99 -44.41
CA CYS D 434 -38.67 -20.88 -43.33
C CYS D 434 -37.56 -21.93 -43.18
N PHE D 435 -37.63 -22.66 -42.10
CA PHE D 435 -36.55 -23.47 -41.64
C PHE D 435 -36.82 -24.97 -41.66
N GLN D 436 -35.72 -25.73 -41.67
CA GLN D 436 -35.72 -27.15 -41.39
C GLN D 436 -34.97 -27.37 -40.07
N GLU D 437 -35.05 -28.60 -39.59
CA GLU D 437 -34.57 -28.91 -38.23
C GLU D 437 -33.11 -28.49 -37.99
N PRO D 438 -32.84 -27.81 -36.92
CA PRO D 438 -31.47 -27.37 -36.66
C PRO D 438 -30.59 -28.41 -35.91
N ILE D 439 -29.30 -28.23 -36.04
CA ILE D 439 -28.33 -28.83 -35.16
C ILE D 439 -27.57 -27.78 -34.41
N PHE D 440 -26.95 -28.24 -33.33
CA PHE D 440 -26.09 -27.39 -32.50
C PHE D 440 -24.69 -27.94 -32.50
N ILE D 441 -23.72 -27.04 -32.69
CA ILE D 441 -22.32 -27.41 -32.71
C ILE D 441 -21.61 -26.61 -31.61
N PRO D 442 -21.00 -27.29 -30.61
CA PRO D 442 -20.34 -26.53 -29.56
C PRO D 442 -19.19 -25.67 -30.12
N ARG D 443 -18.96 -24.50 -29.51
CA ARG D 443 -17.85 -23.62 -29.96
C ARG D 443 -16.48 -24.31 -29.79
N SER D 444 -16.35 -25.11 -28.75
CA SER D 444 -15.18 -25.92 -28.52
C SER D 444 -15.62 -27.02 -27.62
N ALA D 445 -14.78 -28.01 -27.38
CA ALA D 445 -15.18 -29.12 -26.45
C ALA D 445 -15.33 -28.59 -24.99
N ASP D 446 -14.62 -27.49 -24.69
CA ASP D 446 -14.78 -26.75 -23.42
C ASP D 446 -16.10 -26.02 -23.17
N ALA D 447 -16.81 -25.71 -24.22
CA ALA D 447 -17.75 -24.62 -24.17
C ALA D 447 -18.90 -24.96 -23.23
N GLU D 448 -19.39 -23.95 -22.58
CA GLU D 448 -20.60 -24.02 -21.76
C GLU D 448 -21.78 -24.56 -22.57
N GLU D 449 -22.80 -25.02 -21.88
CA GLU D 449 -24.00 -25.55 -22.51
C GLU D 449 -24.53 -24.54 -23.54
N ALA D 450 -24.76 -25.03 -24.76
CA ALA D 450 -25.43 -24.21 -25.80
C ALA D 450 -24.64 -23.00 -26.25
N ASP D 451 -23.35 -23.01 -26.02
CA ASP D 451 -22.49 -21.90 -26.53
C ASP D 451 -21.78 -22.40 -27.79
N GLY D 452 -22.26 -21.92 -28.93
CA GLY D 452 -21.71 -22.43 -30.18
C GLY D 452 -22.57 -21.98 -31.38
N TYR D 453 -22.74 -22.89 -32.33
CA TYR D 453 -23.30 -22.55 -33.61
C TYR D 453 -24.58 -23.33 -33.85
N VAL D 454 -25.56 -22.65 -34.40
CA VAL D 454 -26.81 -23.32 -34.76
C VAL D 454 -26.84 -23.35 -36.30
N VAL D 455 -27.11 -24.51 -36.87
CA VAL D 455 -27.00 -24.71 -38.26
C VAL D 455 -28.29 -25.34 -38.74
N ALA D 456 -28.87 -24.76 -39.78
CA ALA D 456 -30.15 -25.29 -40.29
C ALA D 456 -30.31 -24.91 -41.73
N LEU D 457 -31.05 -25.70 -42.45
CA LEU D 457 -31.48 -25.30 -43.77
C LEU D 457 -32.55 -24.18 -43.68
N LEU D 458 -32.36 -23.19 -44.53
CA LEU D 458 -33.28 -22.11 -44.77
C LEU D 458 -33.86 -22.28 -46.19
N ASN D 459 -35.16 -22.40 -46.25
CA ASN D 459 -35.91 -22.51 -47.50
C ASN D 459 -36.39 -21.10 -47.86
N LEU D 460 -35.97 -20.61 -49.00
CA LEU D 460 -36.38 -19.30 -49.50
C LEU D 460 -37.47 -19.62 -50.46
N ILE D 461 -38.68 -19.58 -49.96
CA ILE D 461 -39.77 -20.24 -50.65
C ILE D 461 -40.36 -19.50 -51.81
N ALA D 462 -40.17 -18.18 -51.86
CA ALA D 462 -40.62 -17.43 -53.05
C ALA D 462 -39.64 -17.64 -54.16
N GLU D 463 -38.35 -17.78 -53.87
CA GLU D 463 -37.37 -18.02 -54.95
C GLU D 463 -37.18 -19.47 -55.26
N GLU D 464 -37.75 -20.37 -54.45
CA GLU D 464 -37.40 -21.81 -54.49
C GLU D 464 -35.89 -22.08 -54.46
N ARG D 465 -35.18 -21.43 -53.53
CA ARG D 465 -33.72 -21.58 -53.34
C ARG D 465 -33.50 -22.07 -51.89
N SER D 466 -32.32 -22.57 -51.59
CA SER D 466 -31.96 -23.10 -50.29
C SER D 466 -30.61 -22.60 -49.86
N GLU D 467 -30.46 -22.30 -48.57
CA GLU D 467 -29.18 -22.05 -47.93
C GLU D 467 -29.01 -22.87 -46.71
N LEU D 468 -27.81 -23.26 -46.37
CA LEU D 468 -27.51 -23.76 -45.05
C LEU D 468 -26.97 -22.61 -44.20
N VAL D 469 -27.74 -22.14 -43.23
CA VAL D 469 -27.35 -20.99 -42.42
C VAL D 469 -26.65 -21.38 -41.16
N VAL D 470 -25.71 -20.56 -40.73
CA VAL D 470 -24.97 -20.78 -39.51
C VAL D 470 -25.10 -19.54 -38.61
N LEU D 471 -25.70 -19.70 -37.45
CA LEU D 471 -25.89 -18.61 -36.45
C LEU D 471 -25.05 -18.86 -35.23
N ASP D 472 -24.74 -17.77 -34.52
CA ASP D 472 -23.97 -17.82 -33.29
C ASP D 472 -24.96 -17.74 -32.16
N SER D 473 -24.91 -18.72 -31.24
CA SER D 473 -25.90 -18.83 -30.14
C SER D 473 -25.79 -17.65 -29.15
N ARG D 474 -24.68 -16.91 -29.17
CA ARG D 474 -24.54 -15.65 -28.41
C ARG D 474 -25.46 -14.54 -28.86
N ASP D 475 -25.95 -14.62 -30.07
CA ASP D 475 -26.83 -13.61 -30.64
C ASP D 475 -27.58 -14.13 -31.90
N MET D 476 -28.69 -14.81 -31.69
CA MET D 476 -29.45 -15.35 -32.78
C MET D 476 -30.14 -14.24 -33.58
N ALA D 477 -30.64 -13.20 -32.93
CA ALA D 477 -31.45 -12.17 -33.62
C ALA D 477 -30.67 -11.43 -34.67
N SER D 478 -29.36 -11.39 -34.49
CA SER D 478 -28.48 -10.81 -35.50
C SER D 478 -28.40 -11.60 -36.84
N GLY D 479 -28.91 -12.83 -36.87
CA GLY D 479 -28.89 -13.62 -38.07
C GLY D 479 -27.56 -14.28 -38.38
N PRO D 480 -27.51 -14.91 -39.54
CA PRO D 480 -26.40 -15.79 -39.89
C PRO D 480 -25.04 -15.14 -39.87
N ILE D 481 -24.05 -15.80 -39.31
CA ILE D 481 -22.66 -15.38 -39.52
C ILE D 481 -22.19 -15.92 -40.87
N ALA D 482 -22.85 -16.93 -41.39
CA ALA D 482 -22.53 -17.51 -42.71
C ALA D 482 -23.74 -18.08 -43.35
N ARG D 483 -23.91 -17.85 -44.65
CA ARG D 483 -24.96 -18.46 -45.44
C ARG D 483 -24.31 -19.29 -46.53
N ILE D 484 -24.51 -20.59 -46.49
CA ILE D 484 -23.90 -21.52 -47.45
C ILE D 484 -24.91 -21.80 -48.57
N ARG D 485 -24.63 -21.32 -49.78
CA ARG D 485 -25.60 -21.38 -50.86
C ARG D 485 -25.54 -22.79 -51.46
N ILE D 486 -26.71 -23.33 -51.75
CA ILE D 486 -26.85 -24.65 -52.35
C ILE D 486 -27.36 -24.40 -53.76
N PRO D 487 -26.76 -25.04 -54.76
CA PRO D 487 -27.14 -24.70 -56.13
C PRO D 487 -28.41 -25.36 -56.67
N PHE D 488 -29.09 -26.10 -55.80
CA PHE D 488 -30.42 -26.67 -56.13
C PHE D 488 -31.25 -26.64 -54.86
N ARG D 489 -32.56 -26.70 -55.03
CA ARG D 489 -33.51 -26.63 -53.94
C ARG D 489 -33.52 -27.94 -53.12
N MET D 490 -33.41 -27.78 -51.82
CA MET D 490 -33.50 -28.90 -50.89
C MET D 490 -34.95 -29.02 -50.51
N ARG D 491 -35.51 -30.17 -50.75
CA ARG D 491 -36.88 -30.48 -50.28
C ARG D 491 -36.91 -30.47 -48.75
N MET D 492 -38.08 -30.24 -48.19
CA MET D 492 -38.24 -30.34 -46.77
C MET D 492 -37.78 -31.69 -46.30
N SER D 493 -37.16 -31.72 -45.14
CA SER D 493 -36.56 -32.90 -44.55
C SER D 493 -37.27 -33.27 -43.28
N LEU D 494 -36.79 -34.38 -42.74
CA LEU D 494 -37.07 -34.75 -41.37
C LEU D 494 -35.83 -34.55 -40.54
N HIS D 495 -35.33 -35.54 -39.88
CA HIS D 495 -34.32 -35.31 -38.81
C HIS D 495 -32.90 -35.44 -39.27
N GLY D 496 -32.02 -34.77 -38.56
CA GLY D 496 -30.61 -34.73 -38.89
C GLY D 496 -29.74 -34.90 -37.67
N CYS D 497 -28.43 -34.85 -37.86
CA CYS D 497 -27.50 -34.95 -36.72
C CYS D 497 -26.17 -34.35 -37.09
N TRP D 498 -25.41 -33.97 -36.07
CA TRP D 498 -24.06 -33.47 -36.21
C TRP D 498 -23.09 -34.59 -35.80
N ALA D 499 -22.12 -34.90 -36.67
CA ALA D 499 -21.09 -35.89 -36.42
C ALA D 499 -19.76 -35.18 -36.32
N PRO D 500 -19.25 -34.95 -35.11
CA PRO D 500 -18.01 -34.17 -34.95
C PRO D 500 -16.85 -34.83 -35.65
N GLY D 501 -16.06 -34.03 -36.30
CA GLY D 501 -14.75 -34.47 -36.68
C GLY D 501 -13.81 -34.27 -35.46
#